data_3VK4
#
_entry.id   3VK4
#
_cell.length_a   153.488
_cell.length_b   153.487
_cell.length_c   80.671
_cell.angle_alpha   90.00
_cell.angle_beta   90.00
_cell.angle_gamma   90.00
#
_symmetry.space_group_name_H-M   'P 21 21 2'
#
loop_
_entity.id
_entity.type
_entity.pdbx_description
1 polymer 'Methionine gamma-lyase'
2 non-polymer '2-AMINO-4-MERCAPTO-BUTYRIC ACID'
3 water water
#
_entity_poly.entity_id   1
_entity_poly.type   'polypeptide(L)'
_entity_poly.pdbx_seq_one_letter_code
;MHGSNKLPGFATRAIHHGYDPQDHGGALVPPVYQTATFTFPTVEYGAACFAGEQAGHFYSRISNPTLNLLEARMASLEGG
EAGLALASGMGAITSTLWTLLRPGDEVLLGNTLYGHTFAFLHHGIGEFGVKLRHVDMADLQALEAAMTPATRVIYFESPA
NPNMHMADIAGVAKIARKHGATVVVDNTYCTPYLQRPLELGADLVVHSAT(LLP)YLSGHGDITAGIVVGSQALVDRIRL
QGLKDMTGAVLSPHDAALLMRGIKTLNLRMDRHCANAQVLAEFLARQPQVELIHYPGLASFPQYTLARQQMSQPGGMIAF
ELKGGIGAGRRFMNALQLFSRAVSLGDAESLAQHPASMTHSSYTPEERAHYGISEGLVRLSVGLEDIDDLLADVQQALKA
SA
;
_entity_poly.pdbx_strand_id   A,B,C,D
#
# COMPACT_ATOMS: atom_id res chain seq x y z
N LEU A 7 0.20 -31.34 -15.46
CA LEU A 7 0.66 -30.79 -14.13
C LEU A 7 1.94 -29.94 -14.25
N PRO A 8 1.76 -28.60 -14.30
CA PRO A 8 2.86 -27.65 -14.43
C PRO A 8 3.78 -27.78 -13.22
N GLY A 9 5.01 -27.30 -13.38
CA GLY A 9 6.03 -27.33 -12.33
C GLY A 9 5.76 -26.31 -11.23
N PHE A 10 6.46 -26.47 -10.12
CA PHE A 10 6.29 -25.68 -8.94
C PHE A 10 6.48 -24.17 -9.23
N ALA A 11 7.59 -23.80 -9.86
CA ALA A 11 7.82 -22.37 -10.22
C ALA A 11 6.67 -21.80 -11.05
N THR A 12 6.28 -22.52 -12.09
CA THR A 12 5.13 -22.15 -12.90
C THR A 12 3.88 -21.93 -12.07
N ARG A 13 3.58 -22.91 -11.22
CA ARG A 13 2.36 -22.85 -10.44
C ARG A 13 2.44 -21.69 -9.46
N ALA A 14 3.60 -21.54 -8.82
CA ALA A 14 3.83 -20.46 -7.86
C ALA A 14 3.72 -19.09 -8.54
N ILE A 15 3.94 -19.03 -9.85
CA ILE A 15 3.78 -17.75 -10.49
C ILE A 15 2.35 -17.57 -10.98
N HIS A 16 1.77 -18.61 -11.57
CA HIS A 16 0.59 -18.46 -12.44
C HIS A 16 -0.65 -19.09 -11.92
N HIS A 17 -0.50 -20.06 -11.03
CA HIS A 17 -1.68 -20.84 -10.73
C HIS A 17 -2.88 -20.06 -10.23
N GLY A 18 -4.02 -20.26 -10.90
CA GLY A 18 -5.34 -19.90 -10.42
C GLY A 18 -5.76 -18.59 -11.02
N TYR A 19 -4.88 -18.00 -11.84
CA TYR A 19 -5.08 -16.66 -12.43
C TYR A 19 -4.89 -16.60 -13.94
N ASP A 20 -5.92 -16.17 -14.67
CA ASP A 20 -5.77 -15.84 -16.08
C ASP A 20 -5.97 -14.34 -16.34
N PRO A 21 -4.91 -13.60 -16.78
CA PRO A 21 -5.11 -12.16 -16.99
C PRO A 21 -6.34 -11.84 -17.88
N GLN A 22 -6.60 -12.68 -18.88
CA GLN A 22 -7.69 -12.43 -19.82
C GLN A 22 -9.04 -12.32 -19.08
N ASP A 23 -9.14 -12.90 -17.88
CA ASP A 23 -10.38 -12.80 -17.09
C ASP A 23 -10.53 -11.47 -16.35
N HIS A 24 -9.45 -10.70 -16.22
CA HIS A 24 -9.50 -9.49 -15.43
C HIS A 24 -8.94 -8.25 -16.16
N GLY A 25 -9.34 -8.04 -17.41
CA GLY A 25 -9.02 -6.81 -18.16
C GLY A 25 -7.64 -6.86 -18.79
N GLY A 26 -7.02 -8.02 -18.73
CA GLY A 26 -5.69 -8.17 -19.24
C GLY A 26 -4.58 -7.87 -18.25
N ALA A 27 -4.93 -7.53 -16.99
CA ALA A 27 -3.92 -7.17 -15.99
C ALA A 27 -2.93 -8.29 -15.71
N LEU A 28 -1.63 -8.08 -15.98
CA LEU A 28 -0.59 -9.09 -15.69
C LEU A 28 -0.65 -9.55 -14.26
N VAL A 29 -0.57 -8.59 -13.34
CA VAL A 29 -0.67 -8.87 -11.92
C VAL A 29 -2.12 -8.68 -11.55
N PRO A 30 -2.68 -9.61 -10.75
CA PRO A 30 -4.09 -9.46 -10.37
C PRO A 30 -4.29 -8.24 -9.50
N PRO A 31 -5.40 -7.52 -9.69
CA PRO A 31 -5.76 -6.36 -8.86
C PRO A 31 -6.09 -6.71 -7.42
N VAL A 32 -5.80 -5.79 -6.51
CA VAL A 32 -6.01 -5.98 -5.10
C VAL A 32 -7.39 -5.47 -4.71
N TYR A 33 -8.18 -6.37 -4.13
CA TYR A 33 -9.48 -6.08 -3.62
C TYR A 33 -9.39 -5.63 -2.16
N GLN A 34 -8.77 -4.48 -1.97
CA GLN A 34 -8.82 -3.81 -0.72
C GLN A 34 -10.28 -3.31 -0.50
N THR A 35 -11.22 -4.22 -0.34
CA THR A 35 -12.55 -3.82 0.04
C THR A 35 -13.07 -4.65 1.22
N ALA A 36 -13.87 -3.99 2.07
CA ALA A 36 -14.49 -4.57 3.27
C ALA A 36 -15.74 -5.27 2.89
N THR A 37 -16.56 -4.66 2.03
CA THR A 37 -17.82 -5.29 1.68
C THR A 37 -18.14 -5.35 0.20
N PHE A 38 -19.07 -6.26 -0.10
CA PHE A 38 -19.50 -6.58 -1.47
C PHE A 38 -21.00 -6.34 -1.61
N THR A 39 -21.44 -5.91 -2.78
CA THR A 39 -22.85 -5.61 -3.04
C THR A 39 -23.52 -6.69 -3.87
N PHE A 40 -24.82 -6.50 -4.14
CA PHE A 40 -25.61 -7.47 -4.92
C PHE A 40 -26.45 -6.79 -5.97
N PRO A 41 -26.56 -7.41 -7.18
CA PRO A 41 -27.43 -6.89 -8.23
C PRO A 41 -28.91 -6.92 -7.81
N THR A 42 -29.32 -7.94 -7.07
CA THR A 42 -30.71 -8.09 -6.59
C THR A 42 -30.67 -8.70 -5.18
N VAL A 43 -31.80 -8.67 -4.47
CA VAL A 43 -31.93 -9.35 -3.17
C VAL A 43 -31.90 -10.87 -3.32
N GLU A 44 -32.27 -11.35 -4.50
CA GLU A 44 -32.19 -12.76 -4.84
C GLU A 44 -30.70 -13.19 -4.83
N TYR A 45 -29.87 -12.48 -5.61
CA TYR A 45 -28.43 -12.78 -5.67
C TYR A 45 -27.77 -12.54 -4.32
N GLY A 46 -28.42 -11.75 -3.47
CA GLY A 46 -28.06 -11.61 -2.06
C GLY A 46 -28.33 -12.91 -1.31
N ALA A 47 -29.57 -13.39 -1.39
CA ALA A 47 -30.03 -14.60 -0.67
C ALA A 47 -29.13 -15.83 -0.87
N ALA A 48 -28.68 -16.05 -2.11
CA ALA A 48 -27.82 -17.17 -2.46
C ALA A 48 -26.55 -17.25 -1.60
N CYS A 49 -25.97 -16.08 -1.28
CA CYS A 49 -24.69 -15.97 -0.59
C CYS A 49 -24.71 -16.08 0.94
N PHE A 50 -25.86 -16.46 1.50
CA PHE A 50 -25.99 -16.73 2.95
C PHE A 50 -26.39 -18.20 3.23
N ALA A 51 -26.27 -19.01 2.17
CA ALA A 51 -26.23 -20.48 2.26
C ALA A 51 -25.02 -21.01 1.44
N GLY A 52 -24.93 -20.63 0.16
CA GLY A 52 -23.70 -20.76 -0.68
C GLY A 52 -23.64 -21.72 -1.87
N GLU A 53 -24.36 -21.40 -2.96
CA GLU A 53 -24.48 -22.29 -4.16
C GLU A 53 -23.63 -21.97 -5.40
N GLN A 54 -23.31 -20.70 -5.63
CA GLN A 54 -22.45 -20.27 -6.77
C GLN A 54 -21.00 -19.99 -6.31
N ALA A 55 -20.23 -21.08 -6.15
CA ALA A 55 -18.90 -21.08 -5.50
C ALA A 55 -18.02 -19.84 -5.75
N GLY A 56 -18.20 -18.81 -4.91
CA GLY A 56 -17.57 -17.49 -5.13
C GLY A 56 -17.35 -16.57 -3.92
N HIS A 57 -17.87 -15.34 -4.03
CA HIS A 57 -17.48 -14.17 -3.16
C HIS A 57 -18.47 -13.76 -2.05
N PHE A 58 -17.97 -13.66 -0.81
CA PHE A 58 -18.84 -13.50 0.36
C PHE A 58 -18.20 -12.63 1.47
N TYR A 59 -18.63 -11.36 1.57
CA TYR A 59 -18.25 -10.33 2.61
C TYR A 59 -16.77 -9.84 2.79
N SER A 60 -15.76 -10.66 2.47
CA SER A 60 -14.31 -10.30 2.59
C SER A 60 -13.69 -10.69 3.95
N ARG A 61 -14.54 -10.86 4.96
CA ARG A 61 -14.15 -11.57 6.19
C ARG A 61 -14.42 -13.08 6.04
N ILE A 62 -15.18 -13.44 4.99
CA ILE A 62 -15.30 -14.84 4.52
C ILE A 62 -14.60 -15.11 3.13
N SER A 63 -14.91 -14.32 2.06
CA SER A 63 -14.41 -14.56 0.63
C SER A 63 -14.06 -13.37 -0.35
N ASN A 64 -12.89 -12.77 -0.14
CA ASN A 64 -12.26 -11.79 -1.02
C ASN A 64 -11.45 -12.47 -2.14
N PRO A 65 -11.68 -12.09 -3.43
CA PRO A 65 -10.97 -12.71 -4.58
C PRO A 65 -9.43 -12.78 -4.45
N THR A 66 -8.82 -11.67 -4.02
CA THR A 66 -7.42 -11.58 -3.78
C THR A 66 -6.96 -12.66 -2.83
N LEU A 67 -7.67 -12.81 -1.71
CA LEU A 67 -7.35 -13.82 -0.71
C LEU A 67 -7.64 -15.22 -1.25
N ASN A 68 -8.70 -15.35 -2.03
CA ASN A 68 -9.00 -16.64 -2.65
C ASN A 68 -7.91 -17.05 -3.58
N LEU A 69 -7.29 -16.10 -4.26
CA LEU A 69 -6.24 -16.46 -5.21
C LEU A 69 -5.06 -16.99 -4.44
N LEU A 70 -4.75 -16.30 -3.33
CA LEU A 70 -3.67 -16.72 -2.46
C LEU A 70 -3.86 -18.14 -1.94
N GLU A 71 -5.09 -18.44 -1.49
CA GLU A 71 -5.47 -19.73 -0.92
C GLU A 71 -5.36 -20.88 -1.93
N ALA A 72 -5.82 -20.59 -3.15
CA ALA A 72 -5.80 -21.58 -4.20
C ALA A 72 -4.34 -21.88 -4.61
N ARG A 73 -3.51 -20.86 -4.61
CA ARG A 73 -2.14 -21.01 -5.05
C ARG A 73 -1.42 -21.83 -4.01
N MET A 74 -1.64 -21.49 -2.74
CA MET A 74 -0.99 -22.23 -1.65
C MET A 74 -1.48 -23.66 -1.61
N ALA A 75 -2.77 -23.86 -1.89
CA ALA A 75 -3.35 -25.23 -1.97
C ALA A 75 -2.68 -26.02 -3.08
N SER A 76 -2.51 -25.38 -4.23
CA SER A 76 -1.78 -25.99 -5.33
C SER A 76 -0.36 -26.38 -4.88
N LEU A 77 0.36 -25.44 -4.29
CA LEU A 77 1.74 -25.70 -3.93
C LEU A 77 1.91 -26.83 -2.90
N GLU A 78 1.06 -26.88 -1.88
CA GLU A 78 1.14 -27.98 -0.87
C GLU A 78 0.47 -29.28 -1.35
N GLY A 79 -0.10 -29.26 -2.56
CA GLY A 79 -0.87 -30.37 -3.10
C GLY A 79 -2.11 -30.80 -2.29
N GLY A 80 -2.89 -29.82 -1.82
CA GLY A 80 -4.10 -30.07 -1.03
C GLY A 80 -5.41 -29.59 -1.63
N GLU A 81 -6.53 -29.96 -1.05
CA GLU A 81 -7.80 -29.55 -1.67
C GLU A 81 -8.05 -28.07 -1.57
N ALA A 82 -7.77 -27.47 -0.41
CA ALA A 82 -8.24 -26.10 -0.17
C ALA A 82 -7.36 -25.27 0.75
N GLY A 83 -7.44 -23.94 0.61
CA GLY A 83 -6.60 -23.04 1.41
C GLY A 83 -7.37 -21.96 2.15
N LEU A 84 -6.79 -21.50 3.25
CA LEU A 84 -7.30 -20.38 4.02
C LEU A 84 -6.19 -19.45 4.46
N ALA A 85 -6.32 -18.16 4.14
CA ALA A 85 -5.34 -17.11 4.56
C ALA A 85 -5.74 -16.39 5.87
N LEU A 86 -4.77 -16.10 6.72
CA LEU A 86 -5.13 -15.52 8.01
C LEU A 86 -4.15 -14.44 8.45
N ALA A 87 -4.55 -13.64 9.44
CA ALA A 87 -3.71 -12.47 9.84
C ALA A 87 -2.29 -12.80 10.30
N SER A 88 -2.04 -14.04 10.74
CA SER A 88 -0.74 -14.43 11.31
C SER A 88 -0.61 -15.95 11.42
N GLY A 89 0.59 -16.44 11.67
CA GLY A 89 0.74 -17.88 11.90
C GLY A 89 -0.08 -18.41 13.08
N MET A 90 -0.05 -17.70 14.20
CA MET A 90 -0.94 -17.97 15.36
C MET A 90 -2.41 -17.93 14.94
N GLY A 91 -2.75 -16.96 14.09
CA GLY A 91 -4.03 -16.93 13.42
C GLY A 91 -4.38 -18.32 12.91
N ALA A 92 -3.51 -18.88 12.06
CA ALA A 92 -3.72 -20.19 11.48
C ALA A 92 -3.79 -21.35 12.50
N ILE A 93 -2.91 -21.34 13.51
CA ILE A 93 -2.94 -22.46 14.43
C ILE A 93 -4.09 -22.34 15.43
N THR A 94 -4.37 -21.12 15.90
CA THR A 94 -5.49 -20.99 16.84
C THR A 94 -6.80 -21.31 16.17
N SER A 95 -7.06 -20.74 15.00
CA SER A 95 -8.30 -21.06 14.28
C SER A 95 -8.51 -22.55 14.02
N THR A 96 -7.42 -23.31 13.82
CA THR A 96 -7.49 -24.74 13.49
C THR A 96 -7.88 -25.50 14.76
N LEU A 97 -7.08 -25.32 15.81
CA LEU A 97 -7.33 -25.97 17.05
C LEU A 97 -8.64 -25.55 17.70
N TRP A 98 -9.02 -24.29 17.63
CA TRP A 98 -10.26 -23.91 18.31
C TRP A 98 -11.38 -24.61 17.63
N THR A 99 -11.26 -24.91 16.34
CA THR A 99 -12.41 -25.54 15.77
C THR A 99 -12.35 -27.05 15.90
N LEU A 100 -11.16 -27.61 15.96
CA LEU A 100 -11.02 -29.05 16.01
C LEU A 100 -11.21 -29.64 17.37
N LEU A 101 -11.02 -28.86 18.43
CA LEU A 101 -10.97 -29.38 19.78
C LEU A 101 -12.14 -28.91 20.68
N ARG A 102 -12.56 -29.74 21.64
CA ARG A 102 -13.51 -29.31 22.65
C ARG A 102 -13.12 -29.85 24.04
N PRO A 103 -13.75 -29.34 25.11
CA PRO A 103 -13.35 -29.79 26.46
C PRO A 103 -13.45 -31.29 26.55
N GLY A 104 -12.37 -31.92 27.03
CA GLY A 104 -12.30 -33.38 27.09
C GLY A 104 -11.61 -34.08 25.94
N ASP A 105 -11.60 -33.47 24.75
CA ASP A 105 -10.78 -33.95 23.65
C ASP A 105 -9.29 -33.89 24.11
N GLU A 106 -8.40 -34.61 23.42
CA GLU A 106 -6.99 -34.51 23.71
C GLU A 106 -6.20 -34.13 22.46
N VAL A 107 -5.16 -33.33 22.65
CA VAL A 107 -4.18 -33.13 21.61
C VAL A 107 -2.82 -33.66 22.03
N LEU A 108 -2.31 -34.56 21.21
CA LEU A 108 -0.89 -34.95 21.31
C LEU A 108 0.06 -33.96 20.64
N LEU A 109 1.06 -33.55 21.39
CA LEU A 109 2.01 -32.54 20.90
C LEU A 109 3.45 -33.05 20.76
N GLY A 110 4.13 -32.62 19.71
CA GLY A 110 5.57 -32.84 19.61
C GLY A 110 6.31 -32.38 20.86
N ASN A 111 7.41 -33.05 21.19
CA ASN A 111 8.13 -32.74 22.44
C ASN A 111 8.48 -31.25 22.61
N THR A 112 8.68 -30.55 21.50
CA THR A 112 8.99 -29.13 21.59
C THR A 112 8.20 -28.35 20.56
N LEU A 113 7.93 -27.10 20.88
CA LEU A 113 7.05 -26.29 20.07
C LEU A 113 7.46 -24.83 20.04
N TYR A 114 7.12 -24.15 18.94
CA TYR A 114 7.26 -22.70 18.85
C TYR A 114 6.70 -22.10 20.12
N GLY A 115 7.43 -21.16 20.74
CA GLY A 115 7.09 -20.64 22.07
C GLY A 115 5.63 -20.24 22.19
N HIS A 116 5.13 -19.48 21.21
CA HIS A 116 3.76 -18.97 21.35
C HIS A 116 2.74 -20.09 21.17
N THR A 117 3.11 -21.15 20.49
CA THR A 117 2.20 -22.27 20.33
C THR A 117 2.05 -22.99 21.67
N PHE A 118 3.18 -23.32 22.25
CA PHE A 118 3.21 -23.77 23.62
C PHE A 118 2.33 -22.87 24.48
N ALA A 119 2.54 -21.56 24.51
CA ALA A 119 1.69 -20.71 25.38
C ALA A 119 0.19 -20.82 25.08
N PHE A 120 -0.14 -20.93 23.80
CA PHE A 120 -1.54 -21.14 23.45
C PHE A 120 -2.05 -22.43 24.06
N LEU A 121 -1.30 -23.52 23.89
CA LEU A 121 -1.80 -24.80 24.36
C LEU A 121 -1.86 -24.86 25.89
N HIS A 122 -0.77 -24.56 26.59
CA HIS A 122 -0.78 -24.72 28.02
C HIS A 122 -1.53 -23.62 28.77
N HIS A 123 -1.64 -22.43 28.20
CA HIS A 123 -2.20 -21.30 28.92
C HIS A 123 -3.48 -20.75 28.28
N GLY A 124 -3.89 -21.34 27.15
CA GLY A 124 -5.07 -20.94 26.37
C GLY A 124 -6.12 -22.04 26.39
N ILE A 125 -6.27 -22.78 25.28
CA ILE A 125 -7.26 -23.89 25.16
C ILE A 125 -7.11 -24.88 26.29
N GLY A 126 -5.85 -25.16 26.65
CA GLY A 126 -5.56 -26.03 27.80
C GLY A 126 -6.30 -25.62 29.06
N GLU A 127 -6.40 -24.33 29.29
CA GLU A 127 -7.14 -23.86 30.44
C GLU A 127 -8.66 -23.93 30.25
N PHE A 128 -9.09 -24.40 29.09
CA PHE A 128 -10.51 -24.50 28.83
C PHE A 128 -10.99 -25.96 28.82
N GLY A 129 -10.33 -26.84 29.58
CA GLY A 129 -10.62 -28.29 29.57
C GLY A 129 -10.11 -29.17 28.41
N VAL A 130 -9.08 -28.75 27.68
CA VAL A 130 -8.52 -29.62 26.64
C VAL A 130 -7.29 -30.26 27.22
N LYS A 131 -7.13 -31.55 26.99
CA LYS A 131 -6.04 -32.30 27.60
C LYS A 131 -4.82 -32.29 26.70
N LEU A 132 -3.69 -31.96 27.30
CA LEU A 132 -2.44 -31.89 26.59
C LEU A 132 -1.55 -33.08 26.93
N ARG A 133 -0.97 -33.68 25.89
CA ARG A 133 0.17 -34.55 26.12
C ARG A 133 1.30 -34.33 25.13
N HIS A 134 2.53 -34.23 25.64
CA HIS A 134 3.71 -34.13 24.79
C HIS A 134 4.34 -35.49 24.60
N VAL A 135 4.67 -35.85 23.37
CA VAL A 135 5.36 -37.12 23.11
C VAL A 135 6.40 -37.00 21.97
N ASP A 136 7.44 -37.84 21.99
CA ASP A 136 8.42 -37.81 20.94
C ASP A 136 7.78 -38.39 19.67
N MET A 137 7.68 -37.58 18.62
CA MET A 137 6.92 -37.98 17.43
C MET A 137 7.80 -38.66 16.42
N ALA A 138 9.00 -39.06 16.82
CA ALA A 138 9.82 -39.86 15.94
C ALA A 138 9.81 -41.29 16.46
N ASP A 139 9.21 -41.45 17.64
CA ASP A 139 9.15 -42.73 18.35
C ASP A 139 7.74 -43.31 18.22
N LEU A 140 7.49 -43.97 17.10
CA LEU A 140 6.18 -44.53 16.81
C LEU A 140 5.60 -45.41 17.92
N GLN A 141 6.43 -46.10 18.70
CA GLN A 141 5.83 -46.93 19.76
C GLN A 141 5.34 -46.10 20.94
N ALA A 142 6.10 -45.06 21.28
CA ALA A 142 5.70 -44.14 22.34
C ALA A 142 4.39 -43.44 21.97
N LEU A 143 4.27 -43.13 20.69
CA LEU A 143 3.10 -42.45 20.15
C LEU A 143 1.86 -43.34 20.21
N GLU A 144 2.02 -44.58 19.75
CA GLU A 144 0.93 -45.57 19.77
C GLU A 144 0.40 -45.71 21.19
N ALA A 145 1.31 -45.91 22.13
CA ALA A 145 1.00 -46.08 23.52
C ALA A 145 0.42 -44.83 24.13
N ALA A 146 0.66 -43.68 23.53
CA ALA A 146 0.08 -42.45 24.09
C ALA A 146 -1.40 -42.24 23.68
N MET A 147 -1.86 -42.90 22.62
CA MET A 147 -3.23 -42.70 22.14
C MET A 147 -4.26 -43.11 23.19
N THR A 148 -5.36 -42.37 23.26
CA THR A 148 -6.46 -42.70 24.13
C THR A 148 -7.69 -42.44 23.28
N PRO A 149 -8.86 -43.01 23.63
CA PRO A 149 -10.12 -42.59 22.97
C PRO A 149 -10.27 -41.06 22.83
N ALA A 150 -9.93 -40.33 23.89
CA ALA A 150 -9.93 -38.87 23.85
C ALA A 150 -9.09 -38.18 22.74
N THR A 151 -8.08 -38.86 22.18
CA THR A 151 -7.15 -38.22 21.24
C THR A 151 -7.86 -37.87 19.94
N ARG A 152 -7.92 -36.59 19.61
CA ARG A 152 -8.63 -36.14 18.43
C ARG A 152 -7.72 -35.39 17.47
N VAL A 153 -6.63 -34.84 18.01
CA VAL A 153 -5.64 -34.13 17.22
C VAL A 153 -4.23 -34.51 17.66
N ILE A 154 -3.35 -34.67 16.69
CA ILE A 154 -1.93 -34.80 16.93
C ILE A 154 -1.26 -33.64 16.19
N TYR A 155 -0.42 -32.87 16.90
CA TYR A 155 0.11 -31.61 16.38
C TYR A 155 1.63 -31.50 16.58
N PHE A 156 2.35 -31.07 15.55
CA PHE A 156 3.79 -30.95 15.71
C PHE A 156 4.41 -30.20 14.55
N GLU A 157 5.62 -29.70 14.78
CA GLU A 157 6.45 -29.12 13.75
C GLU A 157 7.50 -30.14 13.33
N SER A 158 7.93 -30.05 12.08
CA SER A 158 9.02 -30.86 11.55
C SER A 158 9.66 -30.12 10.38
N PRO A 159 10.96 -29.79 10.50
CA PRO A 159 11.78 -30.04 11.71
C PRO A 159 11.37 -29.12 12.85
N ALA A 160 11.62 -29.54 14.08
CA ALA A 160 11.15 -28.81 15.27
C ALA A 160 12.24 -28.00 15.96
N ASN A 161 11.97 -26.71 16.06
CA ASN A 161 12.59 -25.86 17.05
C ASN A 161 12.54 -26.55 18.42
N PRO A 162 13.69 -26.67 19.12
CA PRO A 162 14.97 -25.97 19.02
C PRO A 162 16.12 -26.71 18.30
N ASN A 163 16.02 -28.04 18.19
CA ASN A 163 17.17 -28.83 17.72
C ASN A 163 16.99 -29.49 16.37
N MET A 164 16.08 -28.96 15.57
CA MET A 164 15.73 -29.50 14.25
C MET A 164 15.28 -30.98 14.25
N HIS A 165 14.94 -31.50 15.43
CA HIS A 165 14.37 -32.85 15.60
C HIS A 165 13.19 -33.06 14.64
N MET A 166 13.33 -34.01 13.71
CA MET A 166 12.25 -34.33 12.79
C MET A 166 11.23 -35.25 13.45
N ALA A 167 10.12 -35.48 12.73
CA ALA A 167 9.08 -36.45 13.10
C ALA A 167 8.85 -37.35 11.90
N ASP A 168 8.40 -38.60 12.09
CA ASP A 168 8.04 -39.46 10.94
C ASP A 168 6.60 -39.22 10.54
N ILE A 169 6.39 -38.31 9.61
CA ILE A 169 5.05 -37.90 9.29
C ILE A 169 4.18 -39.07 8.90
N ALA A 170 4.62 -39.86 7.92
CA ALA A 170 3.83 -41.00 7.46
C ALA A 170 3.67 -42.04 8.58
N GLY A 171 4.66 -42.15 9.45
CA GLY A 171 4.56 -43.08 10.56
C GLY A 171 3.37 -42.70 11.41
N VAL A 172 3.37 -41.46 11.89
CA VAL A 172 2.31 -41.00 12.80
C VAL A 172 0.95 -41.13 12.13
N ALA A 173 0.87 -40.79 10.84
CA ALA A 173 -0.35 -40.82 10.06
C ALA A 173 -0.98 -42.22 9.95
N LYS A 174 -0.14 -43.27 9.87
CA LYS A 174 -0.62 -44.65 9.93
C LYS A 174 -1.35 -44.81 11.25
N ILE A 175 -0.70 -44.41 12.33
CA ILE A 175 -1.23 -44.48 13.70
C ILE A 175 -2.50 -43.64 13.90
N ALA A 176 -2.54 -42.43 13.38
CA ALA A 176 -3.76 -41.64 13.47
C ALA A 176 -4.98 -42.25 12.73
N ARG A 177 -4.76 -42.89 11.57
CA ARG A 177 -5.83 -43.61 10.82
C ARG A 177 -6.53 -44.68 11.66
N LYS A 178 -5.77 -45.39 12.49
CA LYS A 178 -6.32 -46.41 13.35
C LYS A 178 -7.22 -45.82 14.44
N HIS A 179 -7.30 -44.50 14.54
CA HIS A 179 -8.09 -43.88 15.62
C HIS A 179 -8.88 -42.67 15.10
N GLY A 180 -8.92 -42.52 13.78
CA GLY A 180 -9.61 -41.41 13.15
C GLY A 180 -9.13 -40.06 13.68
N ALA A 181 -7.86 -39.96 14.07
CA ALA A 181 -7.38 -38.70 14.60
C ALA A 181 -6.82 -37.81 13.48
N THR A 182 -6.92 -36.51 13.68
CA THR A 182 -6.51 -35.56 12.69
C THR A 182 -5.08 -35.17 12.94
N VAL A 183 -4.26 -35.26 11.91
CA VAL A 183 -2.87 -34.86 12.05
C VAL A 183 -2.64 -33.51 11.37
N VAL A 184 -2.01 -32.62 12.12
CA VAL A 184 -1.82 -31.21 11.74
C VAL A 184 -0.33 -30.95 11.86
N VAL A 185 0.26 -30.45 10.78
CA VAL A 185 1.70 -30.22 10.75
C VAL A 185 2.07 -28.77 10.48
N ASP A 186 2.80 -28.15 11.40
CA ASP A 186 3.35 -26.84 11.12
C ASP A 186 4.59 -26.95 10.17
N ASN A 187 4.42 -26.52 8.91
CA ASN A 187 5.39 -26.71 7.84
C ASN A 187 6.14 -25.42 7.58
N THR A 188 6.07 -24.50 8.53
CA THR A 188 6.72 -23.19 8.39
C THR A 188 8.18 -23.29 7.93
N TYR A 189 8.99 -24.09 8.61
CA TYR A 189 10.44 -24.16 8.29
C TYR A 189 10.78 -24.61 6.87
N CYS A 190 10.02 -25.58 6.36
CA CYS A 190 10.33 -26.18 5.07
C CYS A 190 9.66 -25.52 3.89
N THR A 191 8.43 -25.05 4.07
CA THR A 191 7.60 -24.56 2.95
C THR A 191 7.19 -25.69 2.02
N PRO A 192 6.08 -25.53 1.29
CA PRO A 192 5.70 -26.62 0.40
C PRO A 192 6.81 -26.89 -0.63
N TYR A 193 7.78 -26.00 -0.73
CA TYR A 193 8.83 -26.20 -1.70
C TYR A 193 9.77 -27.36 -1.36
N LEU A 194 10.09 -27.50 -0.06
CA LEU A 194 11.00 -28.53 0.44
C LEU A 194 10.34 -29.80 1.00
N GLN A 195 9.10 -29.67 1.46
CA GLN A 195 8.40 -30.75 2.14
C GLN A 195 6.90 -30.57 1.94
N ARG A 196 6.21 -31.65 1.63
CA ARG A 196 4.77 -31.54 1.47
C ARG A 196 4.08 -32.56 2.36
N PRO A 197 3.84 -32.19 3.64
CA PRO A 197 3.30 -33.16 4.59
C PRO A 197 1.97 -33.77 4.19
N LEU A 198 1.16 -33.06 3.42
CA LEU A 198 -0.11 -33.65 2.99
C LEU A 198 0.15 -34.88 2.13
N GLU A 199 1.19 -34.77 1.29
CA GLU A 199 1.61 -35.86 0.44
C GLU A 199 2.03 -37.05 1.30
N LEU A 200 2.61 -36.79 2.46
CA LEU A 200 2.96 -37.87 3.37
C LEU A 200 1.82 -38.30 4.31
N GLY A 201 0.59 -37.86 4.06
CA GLY A 201 -0.56 -38.37 4.82
C GLY A 201 -1.13 -37.57 6.00
N ALA A 202 -0.53 -36.41 6.26
CA ALA A 202 -1.11 -35.48 7.21
C ALA A 202 -2.46 -34.98 6.63
N ASP A 203 -3.31 -34.46 7.50
CA ASP A 203 -4.64 -34.01 7.15
C ASP A 203 -4.65 -32.52 6.83
N LEU A 204 -3.87 -31.74 7.60
CA LEU A 204 -3.78 -30.29 7.47
C LEU A 204 -2.34 -29.83 7.66
N VAL A 205 -1.92 -28.82 6.92
CA VAL A 205 -0.70 -28.09 7.25
C VAL A 205 -1.00 -26.64 7.60
N VAL A 206 -0.25 -26.15 8.59
CA VAL A 206 -0.26 -24.72 8.93
C VAL A 206 1.08 -24.04 8.65
N HIS A 207 1.00 -22.75 8.31
CA HIS A 207 2.18 -21.90 7.99
C HIS A 207 2.15 -20.53 8.63
N SER A 208 3.22 -20.17 9.30
CA SER A 208 3.49 -18.76 9.52
C SER A 208 4.07 -18.19 8.25
N ALA A 209 3.22 -17.69 7.37
CA ALA A 209 3.69 -17.13 6.11
C ALA A 209 4.53 -15.89 6.31
N THR A 210 4.41 -15.27 7.50
CA THR A 210 5.34 -14.23 7.95
C THR A 210 6.80 -14.56 7.61
N1 LLP A 211 5.24 -21.56 13.95
C2 LLP A 211 6.51 -21.37 13.60
C2' LLP A 211 7.33 -22.50 13.34
C3 LLP A 211 6.99 -20.04 13.47
O3 LLP A 211 8.30 -19.82 13.08
C4 LLP A 211 6.19 -18.92 13.71
C4' LLP A 211 6.70 -17.57 13.57
C5 LLP A 211 4.86 -19.13 14.10
C6 LLP A 211 4.40 -20.44 14.22
C5' LLP A 211 3.99 -18.07 14.40
OP4 LLP A 211 3.75 -17.24 13.27
P LLP A 211 3.19 -15.75 13.34
OP1 LLP A 211 2.96 -15.45 11.90
OP2 LLP A 211 4.33 -15.00 13.90
OP3 LLP A 211 2.03 -15.86 14.26
N LLP A 211 7.15 -15.85 7.60
CA LLP A 211 8.58 -16.22 7.50
CB LLP A 211 8.99 -17.35 8.42
CG LLP A 211 8.16 -17.31 9.71
CD LLP A 211 8.89 -16.48 10.77
CE LLP A 211 7.98 -16.24 11.99
NZ LLP A 211 8.00 -17.42 12.87
C LLP A 211 8.97 -16.48 6.04
O LLP A 211 8.90 -15.53 5.22
N TYR A 212 9.35 -17.73 5.69
CA TYR A 212 9.87 -17.97 4.34
C TYR A 212 8.92 -17.60 3.23
N LEU A 213 7.63 -17.91 3.37
CA LEU A 213 6.69 -17.70 2.27
C LEU A 213 6.70 -16.21 1.83
N SER A 214 6.63 -15.30 2.79
CA SER A 214 6.79 -13.89 2.43
C SER A 214 8.24 -13.65 2.01
N GLY A 215 9.20 -14.04 2.83
CA GLY A 215 10.61 -13.93 2.44
C GLY A 215 11.34 -12.62 2.76
N HIS A 216 10.56 -11.55 2.93
CA HIS A 216 11.15 -10.22 3.00
C HIS A 216 10.77 -9.51 4.27
N GLY A 217 10.23 -10.25 5.24
CA GLY A 217 9.98 -9.70 6.57
C GLY A 217 9.16 -8.43 6.71
N ASP A 218 8.28 -8.14 5.73
CA ASP A 218 7.40 -6.95 5.76
C ASP A 218 5.92 -7.20 6.02
N ILE A 219 5.58 -8.45 6.34
CA ILE A 219 4.20 -8.91 6.42
C ILE A 219 4.08 -9.91 7.54
N THR A 220 2.93 -9.90 8.19
CA THR A 220 2.57 -10.99 9.06
C THR A 220 1.41 -11.73 8.42
N ALA A 221 1.51 -13.03 8.22
CA ALA A 221 0.45 -13.78 7.58
C ALA A 221 0.44 -15.28 7.93
N GLY A 222 -0.71 -15.92 7.77
CA GLY A 222 -0.86 -17.32 8.16
C GLY A 222 -1.51 -18.13 7.06
N ILE A 223 -1.15 -19.41 6.92
CA ILE A 223 -1.86 -20.24 5.97
C ILE A 223 -2.30 -21.57 6.59
N VAL A 224 -3.49 -22.01 6.20
CA VAL A 224 -3.93 -23.37 6.44
C VAL A 224 -4.27 -24.00 5.09
N VAL A 225 -3.71 -25.18 4.85
CA VAL A 225 -4.09 -26.02 3.71
C VAL A 225 -4.50 -27.44 4.16
N GLY A 226 -5.49 -28.00 3.47
CA GLY A 226 -5.97 -29.36 3.69
C GLY A 226 -7.23 -29.67 2.91
N SER A 227 -8.04 -30.54 3.48
CA SER A 227 -9.22 -31.04 2.79
C SER A 227 -10.41 -30.10 2.99
N GLN A 228 -11.12 -29.87 1.88
CA GLN A 228 -12.25 -28.95 1.74
C GLN A 228 -13.16 -28.95 2.93
N ALA A 229 -13.53 -30.12 3.41
CA ALA A 229 -14.39 -30.17 4.57
C ALA A 229 -13.73 -29.54 5.81
N LEU A 230 -12.49 -29.91 6.10
CA LEU A 230 -11.82 -29.36 7.29
C LEU A 230 -11.58 -27.86 7.20
N VAL A 231 -11.02 -27.43 6.06
CA VAL A 231 -10.74 -26.04 5.78
C VAL A 231 -12.03 -25.22 5.84
N ASP A 232 -13.14 -25.79 5.35
CA ASP A 232 -14.46 -25.16 5.43
C ASP A 232 -14.87 -24.83 6.85
N ARG A 233 -14.75 -25.80 7.72
CA ARG A 233 -15.13 -25.61 9.08
C ARG A 233 -14.23 -24.56 9.71
N ILE A 234 -12.94 -24.56 9.39
CA ILE A 234 -12.01 -23.66 10.05
C ILE A 234 -12.24 -22.21 9.64
N ARG A 235 -12.54 -21.99 8.34
CA ARG A 235 -12.93 -20.72 7.83
C ARG A 235 -14.21 -20.23 8.53
N LEU A 236 -15.25 -21.06 8.58
CA LEU A 236 -16.55 -20.64 9.07
C LEU A 236 -16.72 -20.69 10.58
N GLN A 237 -15.90 -21.47 11.29
CA GLN A 237 -15.95 -21.49 12.75
C GLN A 237 -14.73 -20.77 13.39
N GLY A 238 -13.55 -21.36 13.19
CA GLY A 238 -12.31 -20.80 13.71
C GLY A 238 -12.09 -19.33 13.38
N LEU A 239 -12.04 -19.00 12.09
CA LEU A 239 -11.72 -17.64 11.66
C LEU A 239 -12.86 -16.70 11.98
N LYS A 240 -14.03 -17.02 11.46
CA LYS A 240 -15.21 -16.17 11.47
C LYS A 240 -15.71 -15.91 12.88
N ASP A 241 -15.75 -16.94 13.70
CA ASP A 241 -16.33 -16.86 15.04
C ASP A 241 -15.31 -16.73 16.19
N MET A 242 -14.17 -17.42 16.11
CA MET A 242 -13.40 -17.62 17.32
C MET A 242 -12.12 -16.81 17.39
N THR A 243 -11.71 -16.29 16.25
CA THR A 243 -10.43 -15.70 16.15
C THR A 243 -10.45 -14.34 15.51
N GLY A 244 -11.21 -14.21 14.43
CA GLY A 244 -11.24 -12.97 13.66
C GLY A 244 -9.94 -12.52 13.07
N ALA A 245 -9.01 -13.44 12.89
CA ALA A 245 -7.67 -13.16 12.38
C ALA A 245 -7.63 -12.95 10.87
N VAL A 246 -8.22 -11.84 10.45
CA VAL A 246 -8.46 -11.62 9.03
C VAL A 246 -7.26 -11.07 8.31
N LEU A 247 -6.87 -11.69 7.22
CA LEU A 247 -5.66 -11.23 6.54
C LEU A 247 -6.04 -10.12 5.58
N SER A 248 -5.32 -9.00 5.66
CA SER A 248 -5.59 -7.88 4.79
C SER A 248 -5.25 -8.15 3.33
N PRO A 249 -6.09 -7.69 2.41
CA PRO A 249 -5.79 -7.89 0.97
C PRO A 249 -4.44 -7.37 0.49
N HIS A 250 -4.01 -6.22 1.02
CA HIS A 250 -2.70 -5.65 0.67
C HIS A 250 -1.56 -6.62 1.04
N ASP A 251 -1.70 -7.25 2.21
CA ASP A 251 -0.68 -8.13 2.72
C ASP A 251 -0.72 -9.45 1.95
N ALA A 252 -1.93 -9.93 1.61
CA ALA A 252 -2.11 -11.10 0.72
C ALA A 252 -1.37 -10.94 -0.61
N ALA A 253 -1.50 -9.75 -1.23
CA ALA A 253 -0.87 -9.45 -2.51
C ALA A 253 0.65 -9.50 -2.38
N LEU A 254 1.15 -9.02 -1.26
CA LEU A 254 2.56 -8.94 -1.03
C LEU A 254 3.10 -10.38 -0.75
N LEU A 255 2.30 -11.17 -0.04
CA LEU A 255 2.65 -12.57 0.18
C LEU A 255 2.76 -13.31 -1.17
N MET A 256 1.81 -13.06 -2.07
CA MET A 256 1.86 -13.60 -3.40
C MET A 256 3.08 -13.16 -4.14
N ARG A 257 3.37 -11.86 -4.07
CA ARG A 257 4.55 -11.33 -4.71
C ARG A 257 5.78 -12.07 -4.17
N GLY A 258 5.85 -12.30 -2.86
CA GLY A 258 6.90 -13.08 -2.24
C GLY A 258 6.90 -14.54 -2.66
N ILE A 259 5.74 -15.14 -2.80
CA ILE A 259 5.69 -16.54 -3.22
C ILE A 259 6.31 -16.75 -4.59
N LYS A 260 6.14 -15.81 -5.53
CA LYS A 260 6.75 -15.95 -6.88
C LYS A 260 8.27 -16.25 -6.92
N THR A 261 9.03 -15.93 -5.86
CA THR A 261 10.42 -16.31 -5.83
C THR A 261 10.78 -17.46 -4.87
N LEU A 262 9.77 -18.12 -4.27
CA LEU A 262 10.00 -19.18 -3.26
C LEU A 262 11.11 -20.14 -3.63
N ASN A 263 10.96 -20.78 -4.79
CA ASN A 263 11.95 -21.74 -5.26
C ASN A 263 13.36 -21.13 -5.30
N LEU A 264 13.47 -19.94 -5.85
CA LEU A 264 14.77 -19.32 -6.00
C LEU A 264 15.40 -18.97 -4.65
N ARG A 265 14.64 -18.35 -3.76
CA ARG A 265 15.11 -17.97 -2.43
C ARG A 265 15.46 -19.18 -1.55
N MET A 266 14.58 -20.19 -1.51
CA MET A 266 14.88 -21.37 -0.72
C MET A 266 16.14 -22.09 -1.21
N ASP A 267 16.41 -22.07 -2.52
CA ASP A 267 17.64 -22.67 -3.01
C ASP A 267 18.80 -21.93 -2.34
N ARG A 268 18.80 -20.59 -2.39
CA ARG A 268 19.91 -19.82 -1.87
C ARG A 268 20.05 -20.00 -0.35
N HIS A 269 18.93 -19.81 0.35
CA HIS A 269 18.89 -20.06 1.78
C HIS A 269 19.58 -21.40 2.10
N CYS A 270 19.20 -22.47 1.40
CA CYS A 270 19.86 -23.75 1.65
C CYS A 270 21.36 -23.77 1.32
N ALA A 271 21.73 -23.33 0.12
CA ALA A 271 23.13 -23.29 -0.33
C ALA A 271 23.94 -22.53 0.70
N ASN A 272 23.40 -21.41 1.17
CA ASN A 272 24.08 -20.60 2.14
C ASN A 272 24.24 -21.31 3.49
N ALA A 273 23.17 -21.98 3.92
CA ALA A 273 23.20 -22.77 5.16
C ALA A 273 24.17 -23.95 5.06
N GLN A 274 24.12 -24.71 3.97
CA GLN A 274 25.05 -25.86 3.77
C GLN A 274 26.50 -25.49 4.06
N VAL A 275 26.93 -24.37 3.48
CA VAL A 275 28.27 -23.83 3.63
C VAL A 275 28.56 -23.42 5.07
N LEU A 276 27.66 -22.63 5.63
CA LEU A 276 27.84 -22.12 6.97
C LEU A 276 27.95 -23.29 7.94
N ALA A 277 27.18 -24.33 7.67
CA ALA A 277 27.14 -25.48 8.55
C ALA A 277 28.40 -26.37 8.45
N GLU A 278 28.90 -26.70 7.25
CA GLU A 278 30.15 -27.48 7.20
C GLU A 278 31.25 -26.68 7.90
N PHE A 279 31.13 -25.35 7.84
CA PHE A 279 32.08 -24.51 8.49
C PHE A 279 31.99 -24.58 10.02
N LEU A 280 30.81 -24.36 10.57
CA LEU A 280 30.58 -24.50 12.01
C LEU A 280 30.92 -25.90 12.58
N ALA A 281 30.61 -26.91 11.80
CA ALA A 281 30.87 -28.29 12.16
C ALA A 281 32.35 -28.55 12.48
N ARG A 282 33.26 -27.69 12.00
CA ARG A 282 34.68 -27.90 12.22
C ARG A 282 35.19 -26.94 13.25
N GLN A 283 34.33 -26.28 14.00
CA GLN A 283 34.84 -25.21 14.86
C GLN A 283 35.17 -25.61 16.28
N PRO A 284 36.32 -25.16 16.79
CA PRO A 284 36.60 -25.75 18.09
C PRO A 284 35.86 -25.01 19.21
N GLN A 285 35.33 -23.81 18.92
CA GLN A 285 34.36 -23.14 19.84
C GLN A 285 32.98 -23.84 19.87
N VAL A 286 32.81 -24.88 19.07
CA VAL A 286 31.47 -25.43 18.80
C VAL A 286 31.37 -26.79 19.43
N GLU A 287 30.45 -26.93 20.38
CA GLU A 287 30.29 -28.20 21.05
C GLU A 287 29.60 -29.15 20.12
N LEU A 288 28.50 -28.69 19.55
CA LEU A 288 27.53 -29.58 18.97
C LEU A 288 26.82 -28.81 17.88
N ILE A 289 26.38 -29.51 16.85
CA ILE A 289 25.65 -28.84 15.77
C ILE A 289 24.44 -29.62 15.24
N HIS A 290 23.38 -28.88 14.97
CA HIS A 290 22.17 -29.46 14.43
C HIS A 290 21.90 -28.81 13.09
N TYR A 291 22.16 -29.55 12.03
CA TYR A 291 21.79 -29.15 10.71
C TYR A 291 21.47 -30.42 9.94
N PRO A 292 20.24 -30.53 9.43
CA PRO A 292 19.76 -31.72 8.73
C PRO A 292 20.69 -32.23 7.65
N GLY A 293 21.56 -31.38 7.13
CA GLY A 293 22.37 -31.77 6.00
C GLY A 293 23.77 -32.26 6.31
N LEU A 294 24.12 -32.34 7.59
CA LEU A 294 25.38 -32.99 7.96
C LEU A 294 25.16 -34.47 8.13
N ALA A 295 26.20 -35.26 7.88
CA ALA A 295 26.14 -36.71 8.05
C ALA A 295 25.91 -37.07 9.53
N SER A 296 26.35 -36.19 10.41
CA SER A 296 26.26 -36.39 11.84
C SER A 296 24.84 -36.12 12.39
N PHE A 297 23.93 -35.68 11.52
CA PHE A 297 22.60 -35.34 11.97
C PHE A 297 21.81 -36.62 12.28
N PRO A 298 21.41 -36.77 13.55
CA PRO A 298 20.97 -38.07 14.01
C PRO A 298 19.85 -38.63 13.15
N GLN A 299 18.95 -37.78 12.66
CA GLN A 299 17.85 -38.25 11.82
C GLN A 299 18.04 -37.98 10.33
N TYR A 300 19.30 -38.02 9.88
CA TYR A 300 19.72 -37.70 8.53
C TYR A 300 18.94 -38.39 7.42
N THR A 301 18.67 -39.67 7.61
CA THR A 301 18.01 -40.49 6.59
C THR A 301 16.53 -40.12 6.52
N LEU A 302 15.89 -40.05 7.69
CA LEU A 302 14.50 -39.63 7.76
C LEU A 302 14.34 -38.23 7.15
N ALA A 303 15.27 -37.34 7.48
CA ALA A 303 15.29 -36.03 6.92
C ALA A 303 15.32 -36.09 5.40
N ARG A 304 16.33 -36.73 4.81
CA ARG A 304 16.39 -36.81 3.35
C ARG A 304 15.17 -37.46 2.67
N GLN A 305 14.40 -38.20 3.47
CA GLN A 305 13.21 -38.88 2.99
C GLN A 305 12.01 -37.92 2.87
N GLN A 306 12.01 -36.86 3.67
CA GLN A 306 10.88 -35.95 3.80
C GLN A 306 11.14 -34.55 3.21
N MET A 307 12.40 -34.13 3.21
CA MET A 307 12.83 -32.80 2.74
C MET A 307 13.71 -32.95 1.51
N SER A 308 13.42 -32.21 0.46
CA SER A 308 14.23 -32.33 -0.76
C SER A 308 15.53 -31.53 -0.67
N GLN A 309 15.63 -30.66 0.32
CA GLN A 309 16.84 -29.94 0.64
C GLN A 309 16.89 -29.64 2.13
N PRO A 310 18.08 -29.53 2.72
CA PRO A 310 18.10 -29.52 4.21
C PRO A 310 17.66 -28.22 4.92
N GLY A 311 17.24 -27.19 4.19
CA GLY A 311 16.73 -25.95 4.83
C GLY A 311 17.74 -24.85 5.16
N GLY A 312 17.22 -23.71 5.63
CA GLY A 312 17.99 -22.52 5.90
C GLY A 312 18.28 -22.22 7.36
N MET A 313 18.02 -23.19 8.25
CA MET A 313 18.18 -22.95 9.70
C MET A 313 19.28 -23.81 10.27
N ILE A 314 20.08 -23.25 11.18
CA ILE A 314 21.12 -23.99 11.88
C ILE A 314 21.06 -23.71 13.37
N ALA A 315 21.18 -24.76 14.19
CA ALA A 315 21.42 -24.57 15.62
C ALA A 315 22.73 -25.21 16.07
N PHE A 316 23.51 -24.45 16.85
CA PHE A 316 24.73 -24.95 17.45
C PHE A 316 24.89 -24.49 18.90
N GLU A 317 25.64 -25.29 19.65
CA GLU A 317 25.93 -25.00 21.05
C GLU A 317 27.37 -24.56 21.12
N LEU A 318 27.61 -23.39 21.66
CA LEU A 318 28.97 -22.90 21.85
C LEU A 318 29.61 -23.47 23.11
N LYS A 319 30.91 -23.78 23.05
CA LYS A 319 31.58 -24.39 24.21
C LYS A 319 31.40 -23.59 25.53
N GLY A 320 31.56 -22.28 25.52
CA GLY A 320 31.50 -21.53 26.79
C GLY A 320 30.17 -21.05 27.41
N GLY A 321 29.05 -21.69 27.10
CA GLY A 321 27.72 -21.30 27.66
C GLY A 321 27.25 -19.83 27.60
N ILE A 322 26.22 -19.46 28.37
CA ILE A 322 25.68 -18.08 28.37
C ILE A 322 26.69 -16.98 27.96
N GLY A 323 27.93 -17.10 28.42
CA GLY A 323 28.87 -15.99 28.31
C GLY A 323 29.36 -15.83 26.89
N ALA A 324 29.78 -16.96 26.33
CA ALA A 324 30.14 -17.09 24.93
C ALA A 324 28.98 -16.64 24.02
N GLY A 325 27.84 -17.30 24.19
CA GLY A 325 26.59 -16.88 23.56
C GLY A 325 26.42 -15.38 23.52
N ARG A 326 26.55 -14.70 24.66
CA ARG A 326 26.44 -13.24 24.75
C ARG A 326 27.47 -12.54 23.86
N ARG A 327 28.73 -12.98 24.00
CA ARG A 327 29.85 -12.35 23.32
C ARG A 327 29.74 -12.50 21.81
N PHE A 328 29.29 -13.67 21.40
CA PHE A 328 29.08 -13.99 19.99
C PHE A 328 28.00 -13.13 19.36
N MET A 329 26.88 -13.00 20.06
CA MET A 329 25.74 -12.20 19.62
C MET A 329 26.07 -10.73 19.45
N ASN A 330 26.81 -10.19 20.41
CA ASN A 330 27.13 -8.79 20.44
C ASN A 330 28.03 -8.41 19.31
N ALA A 331 28.89 -9.33 18.91
CA ALA A 331 29.93 -9.05 17.96
C ALA A 331 29.46 -9.11 16.50
N LEU A 332 28.32 -9.71 16.21
CA LEU A 332 27.83 -9.77 14.82
C LEU A 332 27.58 -8.40 14.28
N GLN A 333 27.98 -8.18 13.02
CA GLN A 333 27.80 -6.89 12.33
C GLN A 333 26.95 -7.09 11.08
N LEU A 334 26.71 -8.35 10.67
CA LEU A 334 25.92 -8.59 9.49
C LEU A 334 24.61 -9.32 9.86
N PHE A 335 24.69 -10.45 10.55
CA PHE A 335 23.49 -10.99 11.20
C PHE A 335 22.89 -9.93 12.14
N SER A 336 21.57 -9.86 12.22
CA SER A 336 20.96 -8.95 13.21
C SER A 336 20.46 -9.79 14.33
N ARG A 337 20.59 -9.30 15.57
CA ARG A 337 20.00 -9.98 16.73
C ARG A 337 18.54 -9.70 16.64
N ALA A 338 17.76 -10.75 16.37
CA ALA A 338 16.31 -10.65 16.27
C ALA A 338 15.67 -12.02 16.37
N VAL A 339 14.47 -12.13 16.94
CA VAL A 339 13.73 -13.37 16.76
C VAL A 339 13.15 -13.33 15.32
N SER A 340 12.71 -14.47 14.82
CA SER A 340 12.15 -14.56 13.49
C SER A 340 13.11 -15.25 12.56
N LEU A 341 12.66 -15.57 11.35
CA LEU A 341 13.46 -16.32 10.43
C LEU A 341 12.86 -16.20 9.06
N GLY A 342 13.61 -16.62 8.05
CA GLY A 342 13.12 -16.70 6.69
C GLY A 342 13.06 -15.39 5.94
N ASP A 343 13.84 -14.40 6.39
CA ASP A 343 13.94 -13.13 5.69
C ASP A 343 15.16 -13.11 4.80
N ALA A 344 15.24 -12.14 3.90
CA ALA A 344 16.42 -11.97 3.09
C ALA A 344 17.63 -11.75 3.96
N GLU A 345 17.43 -10.94 5.00
CA GLU A 345 18.43 -10.69 6.03
C GLU A 345 18.66 -11.94 6.87
N SER A 346 19.91 -12.16 7.24
CA SER A 346 20.25 -13.24 8.14
C SER A 346 19.97 -12.83 9.57
N LEU A 347 19.42 -13.72 10.35
CA LEU A 347 19.09 -13.40 11.72
C LEU A 347 19.70 -14.40 12.66
N ALA A 348 19.97 -13.96 13.88
CA ALA A 348 20.40 -14.87 14.96
C ALA A 348 19.69 -14.55 16.24
N GLN A 349 19.56 -15.59 17.07
CA GLN A 349 19.11 -15.45 18.44
C GLN A 349 19.88 -16.42 19.34
N HIS A 350 20.03 -16.05 20.61
CA HIS A 350 20.68 -16.87 21.64
C HIS A 350 19.72 -16.85 22.81
N PRO A 351 18.78 -17.80 22.81
CA PRO A 351 17.63 -17.77 23.72
C PRO A 351 18.04 -17.62 25.19
N ALA A 352 19.07 -18.36 25.62
CA ALA A 352 19.58 -18.22 27.01
C ALA A 352 19.74 -16.77 27.44
N SER A 353 20.19 -15.89 26.54
CA SER A 353 20.38 -14.51 26.95
C SER A 353 19.37 -13.56 26.31
N MET A 354 18.39 -14.12 25.61
CA MET A 354 17.40 -13.29 24.94
C MET A 354 15.98 -13.66 25.37
N THR A 355 15.34 -14.56 24.62
CA THR A 355 13.95 -14.92 24.88
C THR A 355 13.81 -15.52 26.26
N HIS A 356 14.63 -16.53 26.56
CA HIS A 356 14.47 -17.27 27.80
C HIS A 356 15.47 -16.79 28.88
N SER A 357 15.87 -15.52 28.77
CA SER A 357 16.78 -14.88 29.72
C SER A 357 16.26 -14.84 31.16
N SER A 358 15.02 -14.41 31.33
CA SER A 358 14.42 -14.29 32.67
C SER A 358 14.44 -15.61 33.48
N TYR A 359 14.53 -16.75 32.77
CA TYR A 359 14.53 -18.08 33.40
C TYR A 359 15.91 -18.36 34.04
N THR A 360 16.20 -19.64 34.32
CA THR A 360 17.50 -20.09 34.85
C THR A 360 17.96 -21.37 34.19
N PRO A 361 19.24 -21.74 34.40
CA PRO A 361 19.76 -22.97 33.78
C PRO A 361 18.79 -24.16 33.84
N GLU A 362 18.29 -24.51 35.04
CA GLU A 362 17.45 -25.72 35.25
C GLU A 362 16.10 -25.74 34.49
N GLU A 363 15.45 -24.57 34.34
CA GLU A 363 14.23 -24.46 33.55
C GLU A 363 14.56 -24.62 32.06
N ARG A 364 15.63 -23.97 31.63
CA ARG A 364 16.06 -24.04 30.23
C ARG A 364 16.44 -25.45 29.79
N ALA A 365 16.94 -26.26 30.72
CA ALA A 365 17.19 -27.69 30.46
C ALA A 365 15.87 -28.45 30.24
N HIS A 366 14.85 -28.16 31.05
CA HIS A 366 13.51 -28.75 30.92
C HIS A 366 12.97 -28.62 29.49
N TYR A 367 13.21 -27.46 28.87
CA TYR A 367 12.71 -27.13 27.54
C TYR A 367 13.74 -27.45 26.43
N GLY A 368 14.82 -28.13 26.83
CA GLY A 368 15.93 -28.46 25.93
C GLY A 368 16.67 -27.25 25.38
N ILE A 369 16.65 -26.13 26.11
CA ILE A 369 17.35 -24.93 25.71
C ILE A 369 18.70 -24.91 26.43
N SER A 370 19.72 -25.37 25.71
CA SER A 370 21.06 -25.43 26.24
C SER A 370 21.65 -24.04 26.48
N GLU A 371 22.52 -23.95 27.47
CA GLU A 371 23.05 -22.67 27.86
C GLU A 371 23.68 -21.89 26.71
N GLY A 372 24.44 -22.57 25.87
CA GLY A 372 25.13 -21.93 24.74
C GLY A 372 24.48 -22.14 23.37
N LEU A 373 23.18 -22.39 23.36
CA LEU A 373 22.47 -22.70 22.13
C LEU A 373 22.17 -21.43 21.33
N VAL A 374 22.77 -21.34 20.13
CA VAL A 374 22.39 -20.29 19.19
C VAL A 374 21.73 -20.78 17.91
N ARG A 375 20.76 -20.02 17.46
CA ARG A 375 20.00 -20.37 16.28
C ARG A 375 20.22 -19.29 15.23
N LEU A 376 20.56 -19.76 14.02
CA LEU A 376 20.79 -18.95 12.84
C LEU A 376 19.71 -19.09 11.77
N SER A 377 19.14 -17.96 11.36
CA SER A 377 18.33 -17.95 10.11
C SER A 377 19.12 -17.39 8.96
N VAL A 378 19.62 -18.27 8.11
CA VAL A 378 20.61 -17.87 7.12
C VAL A 378 19.93 -17.19 5.94
N GLY A 379 20.30 -15.94 5.74
CA GLY A 379 19.68 -15.17 4.69
C GLY A 379 20.32 -15.38 3.32
N LEU A 380 20.12 -14.40 2.47
CA LEU A 380 20.44 -14.52 1.08
C LEU A 380 21.61 -13.62 0.77
N GLU A 381 22.31 -13.12 1.78
CA GLU A 381 23.53 -12.31 1.51
C GLU A 381 24.64 -13.17 0.89
N ASP A 382 25.69 -12.53 0.40
CA ASP A 382 26.83 -13.29 -0.15
C ASP A 382 27.51 -14.10 0.97
N ILE A 383 27.72 -15.36 0.66
CA ILE A 383 28.24 -16.30 1.60
C ILE A 383 29.64 -15.93 2.11
N ASP A 384 30.40 -15.15 1.37
CA ASP A 384 31.67 -14.70 1.94
C ASP A 384 31.52 -13.66 3.05
N ASP A 385 30.54 -12.79 2.88
CA ASP A 385 30.23 -11.80 3.90
C ASP A 385 29.71 -12.50 5.16
N LEU A 386 28.81 -13.48 4.96
CA LEU A 386 28.24 -14.28 6.08
C LEU A 386 29.33 -15.04 6.83
N LEU A 387 30.22 -15.71 6.09
CA LEU A 387 31.40 -16.33 6.69
C LEU A 387 32.27 -15.37 7.49
N ALA A 388 32.65 -14.21 6.93
CA ALA A 388 33.54 -13.31 7.69
C ALA A 388 32.91 -12.95 9.05
N ASP A 389 31.63 -12.61 9.03
CA ASP A 389 30.90 -12.21 10.21
C ASP A 389 30.87 -13.32 11.28
N VAL A 390 30.47 -14.54 10.89
CA VAL A 390 30.45 -15.68 11.82
C VAL A 390 31.86 -15.97 12.42
N GLN A 391 32.89 -15.85 11.59
CA GLN A 391 34.28 -16.06 11.98
C GLN A 391 34.75 -15.06 13.02
N GLN A 392 34.60 -13.78 12.75
CA GLN A 392 34.98 -12.79 13.77
C GLN A 392 34.13 -12.94 15.02
N ALA A 393 32.85 -13.22 14.86
CA ALA A 393 31.98 -13.35 16.03
C ALA A 393 32.40 -14.53 16.89
N LEU A 394 32.99 -15.54 16.25
CA LEU A 394 33.55 -16.67 16.98
C LEU A 394 34.81 -16.28 17.77
N LYS A 395 35.61 -15.35 17.22
CA LYS A 395 36.82 -14.83 17.89
C LYS A 395 36.47 -14.20 19.22
N ALA A 396 35.48 -13.30 19.17
CA ALA A 396 34.98 -12.60 20.33
C ALA A 396 34.37 -13.51 21.37
N SER A 397 33.89 -14.67 20.95
CA SER A 397 33.24 -15.61 21.87
C SER A 397 34.25 -16.27 22.87
N ALA A 398 35.53 -16.32 22.50
CA ALA A 398 36.57 -16.66 23.48
C ALA A 398 36.59 -15.54 24.56
N GLY B 3 -5.46 28.33 30.15
CA GLY B 3 -4.04 27.95 29.94
C GLY B 3 -3.80 26.55 29.33
N SER B 4 -2.58 26.06 29.48
CA SER B 4 -2.17 24.85 28.75
C SER B 4 -2.52 23.48 29.38
N ASN B 5 -3.26 23.45 30.49
CA ASN B 5 -3.77 22.17 31.02
C ASN B 5 -5.19 21.82 30.51
N LYS B 6 -5.57 22.44 29.40
CA LYS B 6 -6.88 22.23 28.81
C LYS B 6 -6.64 21.15 27.80
N LEU B 7 -7.55 20.19 27.73
CA LEU B 7 -7.52 19.14 26.69
C LEU B 7 -7.68 19.75 25.26
N PRO B 8 -6.81 19.37 24.31
CA PRO B 8 -7.18 19.82 22.96
C PRO B 8 -8.54 19.23 22.49
N GLY B 9 -9.17 19.96 21.55
CA GLY B 9 -10.40 19.53 20.96
C GLY B 9 -10.31 18.13 20.36
N PHE B 10 -11.45 17.48 20.23
CA PHE B 10 -11.50 16.18 19.62
C PHE B 10 -10.83 16.06 18.21
N ALA B 11 -11.21 16.94 17.28
CA ALA B 11 -10.56 16.98 15.95
C ALA B 11 -9.06 17.15 16.05
N THR B 12 -8.60 18.06 16.91
CA THR B 12 -7.18 18.25 17.08
C THR B 12 -6.51 16.91 17.46
N ARG B 13 -7.05 16.26 18.49
CA ARG B 13 -6.49 15.00 18.96
C ARG B 13 -6.58 13.92 17.87
N ALA B 14 -7.66 13.93 17.09
CA ALA B 14 -7.82 12.94 15.99
C ALA B 14 -6.75 13.06 14.91
N ILE B 15 -6.28 14.28 14.68
CA ILE B 15 -5.28 14.54 13.64
C ILE B 15 -3.83 14.51 14.20
N HIS B 16 -3.64 14.81 15.49
CA HIS B 16 -2.29 15.02 16.01
C HIS B 16 -1.88 14.13 17.18
N HIS B 17 -2.82 13.59 17.94
CA HIS B 17 -2.44 13.05 19.25
C HIS B 17 -1.42 11.97 19.09
N GLY B 18 -0.31 12.12 19.80
CA GLY B 18 0.66 11.06 19.99
C GLY B 18 1.82 11.15 19.03
N TYR B 19 1.83 12.20 18.20
CA TYR B 19 2.80 12.31 17.09
C TYR B 19 3.29 13.72 16.95
N ASP B 20 4.61 13.86 16.88
CA ASP B 20 5.29 15.11 16.60
C ASP B 20 6.28 14.83 15.47
N PRO B 21 6.05 15.46 14.32
CA PRO B 21 6.86 15.28 13.13
C PRO B 21 8.36 15.37 13.41
N GLN B 22 8.74 16.29 14.31
CA GLN B 22 10.14 16.50 14.74
C GLN B 22 10.88 15.28 15.33
N ASP B 23 10.16 14.19 15.64
CA ASP B 23 10.75 12.95 16.17
C ASP B 23 10.85 11.87 15.10
N HIS B 24 10.38 12.17 13.88
CA HIS B 24 10.58 11.32 12.69
C HIS B 24 11.13 12.08 11.49
N GLY B 25 11.98 13.06 11.75
CA GLY B 25 12.68 13.82 10.70
C GLY B 25 11.79 14.78 9.93
N GLY B 26 10.78 15.34 10.58
CA GLY B 26 9.87 16.25 9.91
C GLY B 26 8.76 15.61 9.08
N ALA B 27 8.74 14.30 8.95
CA ALA B 27 7.65 13.65 8.22
C ALA B 27 6.32 14.09 8.79
N LEU B 28 5.55 14.81 7.98
CA LEU B 28 4.28 15.29 8.40
C LEU B 28 3.37 14.11 8.75
N VAL B 29 3.39 13.09 7.91
CA VAL B 29 2.60 11.91 8.12
C VAL B 29 3.57 10.90 8.66
N PRO B 30 3.20 10.16 9.74
CA PRO B 30 4.13 9.17 10.33
C PRO B 30 4.50 8.16 9.27
N PRO B 31 5.77 7.75 9.18
CA PRO B 31 6.06 6.62 8.28
C PRO B 31 5.34 5.34 8.75
N VAL B 32 5.03 4.43 7.84
CA VAL B 32 4.42 3.18 8.25
C VAL B 32 5.43 2.06 8.42
N TYR B 33 5.51 1.55 9.63
CA TYR B 33 6.33 0.37 9.92
C TYR B 33 5.83 -0.95 9.34
N GLN B 34 5.89 -1.06 8.03
CA GLN B 34 5.55 -2.30 7.34
C GLN B 34 6.74 -3.30 7.49
N THR B 35 6.95 -3.75 8.74
CA THR B 35 8.05 -4.63 9.10
C THR B 35 7.49 -5.69 10.05
N ALA B 36 7.86 -6.95 9.87
CA ALA B 36 7.42 -8.01 10.74
C ALA B 36 8.27 -8.08 12.01
N THR B 37 9.58 -7.94 11.87
CA THR B 37 10.44 -8.03 13.05
C THR B 37 11.24 -6.75 13.40
N PHE B 38 11.72 -6.70 14.64
CA PHE B 38 12.56 -5.61 15.13
C PHE B 38 13.86 -6.21 15.65
N THR B 39 14.97 -5.46 15.56
CA THR B 39 16.28 -5.99 16.01
C THR B 39 16.84 -5.27 17.23
N PHE B 40 17.90 -5.85 17.81
CA PHE B 40 18.48 -5.39 19.09
C PHE B 40 19.97 -5.01 18.94
N PRO B 41 20.39 -3.85 19.51
CA PRO B 41 21.80 -3.37 19.42
C PRO B 41 22.76 -4.27 20.22
N THR B 42 22.27 -4.74 21.38
CA THR B 42 23.01 -5.62 22.26
C THR B 42 22.05 -6.74 22.67
N VAL B 43 22.59 -7.89 23.03
CA VAL B 43 21.78 -9.01 23.49
C VAL B 43 21.15 -8.70 24.88
N GLU B 44 21.77 -7.78 25.62
CA GLU B 44 21.22 -7.27 26.89
C GLU B 44 20.01 -6.35 26.68
N TYR B 45 20.12 -5.38 25.75
CA TYR B 45 19.00 -4.46 25.42
C TYR B 45 17.71 -5.24 25.16
N GLY B 46 17.82 -6.33 24.41
CA GLY B 46 16.69 -7.21 24.12
C GLY B 46 16.36 -8.24 25.18
N ALA B 47 17.24 -8.38 26.18
CA ALA B 47 17.00 -9.27 27.31
C ALA B 47 15.92 -8.67 28.19
N ALA B 48 15.93 -7.33 28.24
CA ALA B 48 14.99 -6.54 29.03
C ALA B 48 13.59 -6.43 28.39
N CYS B 49 13.54 -6.48 27.06
CA CYS B 49 12.27 -6.46 26.35
C CYS B 49 11.43 -7.74 26.51
N PHE B 50 12.04 -8.76 27.09
CA PHE B 50 11.31 -9.96 27.51
C PHE B 50 11.24 -10.03 29.05
N ALA B 51 11.49 -8.89 29.70
CA ALA B 51 11.57 -8.82 31.18
C ALA B 51 11.05 -7.52 31.84
N GLY B 52 10.35 -6.68 31.08
CA GLY B 52 9.66 -5.47 31.62
C GLY B 52 10.50 -4.26 32.00
N GLU B 53 11.82 -4.36 31.88
CA GLU B 53 12.76 -3.27 32.23
C GLU B 53 12.75 -2.14 31.20
N GLN B 54 13.04 -2.50 29.93
CA GLN B 54 13.23 -1.53 28.84
C GLN B 54 11.97 -1.32 27.97
N ALA B 55 12.00 -0.28 27.14
CA ALA B 55 10.93 0.04 26.18
C ALA B 55 11.35 -0.28 24.73
N GLY B 56 10.37 -0.70 23.93
CA GLY B 56 10.60 -1.05 22.52
C GLY B 56 9.65 -2.13 22.00
N HIS B 57 9.97 -2.68 20.83
CA HIS B 57 9.12 -3.67 20.20
C HIS B 57 9.91 -4.93 19.84
N PHE B 58 9.30 -6.09 20.04
CA PHE B 58 9.94 -7.38 19.69
C PHE B 58 9.49 -7.95 18.33
N TYR B 59 8.18 -7.94 18.08
CA TYR B 59 7.60 -8.63 16.94
C TYR B 59 6.22 -8.03 16.67
N SER B 60 5.98 -7.58 15.45
CA SER B 60 4.74 -6.88 15.06
C SER B 60 3.40 -7.57 15.44
N ARG B 61 3.44 -8.86 15.81
CA ARG B 61 2.29 -9.55 16.42
C ARG B 61 1.95 -9.06 17.85
N ILE B 62 2.94 -8.49 18.56
CA ILE B 62 2.73 -8.01 19.94
C ILE B 62 2.60 -6.47 20.05
N SER B 63 3.50 -5.74 19.37
CA SER B 63 3.62 -4.26 19.41
C SER B 63 4.43 -3.67 18.23
N ASN B 64 3.95 -2.54 17.66
CA ASN B 64 4.54 -1.87 16.47
C ASN B 64 4.19 -0.35 16.46
N PRO B 65 5.17 0.53 16.13
CA PRO B 65 4.98 1.99 16.20
C PRO B 65 3.78 2.55 15.40
N THR B 66 3.51 1.99 14.22
CA THR B 66 2.33 2.40 13.50
C THR B 66 1.06 2.07 14.28
N LEU B 67 1.01 0.86 14.87
CA LEU B 67 -0.14 0.40 15.64
C LEU B 67 -0.24 1.11 16.97
N ASN B 68 0.93 1.32 17.61
CA ASN B 68 0.99 2.01 18.90
C ASN B 68 0.40 3.40 18.80
N LEU B 69 0.66 4.11 17.71
CA LEU B 69 0.14 5.44 17.54
C LEU B 69 -1.37 5.39 17.38
N LEU B 70 -1.80 4.45 16.55
CA LEU B 70 -3.20 4.27 16.30
C LEU B 70 -3.89 3.97 17.63
N GLU B 71 -3.26 3.07 18.40
CA GLU B 71 -3.77 2.65 19.72
C GLU B 71 -3.87 3.85 20.67
N ALA B 72 -2.79 4.63 20.77
CA ALA B 72 -2.79 5.83 21.62
C ALA B 72 -3.82 6.90 21.21
N ARG B 73 -4.01 7.11 19.91
CA ARG B 73 -5.04 8.04 19.41
C ARG B 73 -6.43 7.59 19.82
N MET B 74 -6.75 6.32 19.53
CA MET B 74 -8.05 5.76 19.88
C MET B 74 -8.30 5.89 21.38
N ALA B 75 -7.25 5.64 22.17
CA ALA B 75 -7.38 5.74 23.64
C ALA B 75 -7.73 7.15 24.06
N SER B 76 -6.99 8.11 23.52
CA SER B 76 -7.30 9.52 23.73
C SER B 76 -8.74 9.92 23.32
N LEU B 77 -9.22 9.39 22.19
CA LEU B 77 -10.55 9.72 21.76
C LEU B 77 -11.60 9.09 22.64
N GLU B 78 -11.40 7.82 23.03
CA GLU B 78 -12.36 7.13 23.86
C GLU B 78 -12.32 7.63 25.31
N GLY B 79 -11.21 8.23 25.72
CA GLY B 79 -11.08 8.65 27.10
C GLY B 79 -10.54 7.54 27.99
N GLY B 80 -9.73 6.65 27.43
CA GLY B 80 -9.20 5.53 28.18
C GLY B 80 -7.70 5.55 28.27
N GLU B 81 -7.16 4.59 28.99
CA GLU B 81 -5.77 4.60 29.33
C GLU B 81 -4.95 4.05 28.17
N ALA B 82 -5.34 2.88 27.64
CA ALA B 82 -4.52 2.19 26.65
C ALA B 82 -5.35 1.73 25.48
N GLY B 83 -4.72 1.48 24.34
CA GLY B 83 -5.41 0.91 23.21
C GLY B 83 -4.70 -0.32 22.73
N LEU B 84 -5.39 -1.05 21.85
CA LEU B 84 -4.94 -2.26 21.20
C LEU B 84 -5.64 -2.34 19.85
N ALA B 85 -4.88 -2.62 18.80
CA ALA B 85 -5.39 -2.70 17.42
C ALA B 85 -5.20 -4.10 16.85
N LEU B 86 -6.26 -4.61 16.24
CA LEU B 86 -6.34 -6.01 15.85
C LEU B 86 -6.95 -6.07 14.48
N ALA B 87 -7.03 -7.29 13.91
CA ALA B 87 -7.35 -7.50 12.49
C ALA B 87 -8.79 -7.29 12.12
N SER B 88 -9.67 -7.22 13.11
CA SER B 88 -11.09 -7.03 12.83
C SER B 88 -11.82 -6.86 14.12
N GLY B 89 -13.09 -6.43 13.98
CA GLY B 89 -14.04 -6.31 15.10
C GLY B 89 -14.06 -7.61 15.86
N MET B 90 -14.22 -8.72 15.14
CA MET B 90 -14.29 -10.00 15.82
C MET B 90 -12.95 -10.33 16.48
N GLY B 91 -11.85 -10.04 15.81
CA GLY B 91 -10.59 -10.11 16.50
C GLY B 91 -10.54 -9.35 17.82
N ALA B 92 -11.14 -8.17 17.88
CA ALA B 92 -11.19 -7.42 19.12
C ALA B 92 -12.07 -8.08 20.18
N ILE B 93 -13.24 -8.56 19.75
CA ILE B 93 -14.21 -9.13 20.70
C ILE B 93 -13.72 -10.47 21.29
N THR B 94 -13.30 -11.38 20.40
CA THR B 94 -12.76 -12.67 20.78
C THR B 94 -11.47 -12.57 21.60
N SER B 95 -10.54 -11.72 21.18
CA SER B 95 -9.33 -11.52 22.01
C SER B 95 -9.67 -11.10 23.45
N THR B 96 -10.68 -10.25 23.60
CA THR B 96 -11.11 -9.76 24.89
C THR B 96 -11.78 -10.87 25.71
N LEU B 97 -12.78 -11.54 25.15
CA LEU B 97 -13.47 -12.55 25.94
C LEU B 97 -12.62 -13.78 26.24
N TRP B 98 -11.80 -14.23 25.30
CA TRP B 98 -10.86 -15.33 25.54
C TRP B 98 -9.88 -15.02 26.69
N THR B 99 -9.45 -13.76 26.81
CA THR B 99 -8.58 -13.30 27.87
C THR B 99 -9.30 -13.21 29.22
N LEU B 100 -10.54 -12.69 29.24
CA LEU B 100 -11.27 -12.41 30.49
C LEU B 100 -12.04 -13.54 31.12
N LEU B 101 -12.38 -14.57 30.34
CA LEU B 101 -13.24 -15.68 30.79
C LEU B 101 -12.52 -17.03 30.85
N ARG B 102 -13.00 -17.88 31.77
CA ARG B 102 -12.53 -19.24 31.97
C ARG B 102 -13.73 -20.11 32.35
N PRO B 103 -13.62 -21.46 32.17
CA PRO B 103 -14.70 -22.41 32.54
C PRO B 103 -15.34 -22.15 33.93
N GLY B 104 -16.66 -22.14 34.01
CA GLY B 104 -17.31 -21.74 35.27
C GLY B 104 -17.63 -20.25 35.41
N ASP B 105 -16.99 -19.38 34.63
CA ASP B 105 -17.33 -17.96 34.68
C ASP B 105 -18.65 -17.80 33.94
N GLU B 106 -19.40 -16.74 34.25
CA GLU B 106 -20.62 -16.42 33.51
C GLU B 106 -20.45 -15.05 32.85
N VAL B 107 -21.03 -14.91 31.65
CA VAL B 107 -21.15 -13.64 30.98
C VAL B 107 -22.62 -13.26 30.93
N LEU B 108 -22.98 -12.10 31.43
CA LEU B 108 -24.29 -11.52 31.13
C LEU B 108 -24.24 -10.80 29.81
N LEU B 109 -25.16 -11.13 28.90
CA LEU B 109 -25.25 -10.53 27.57
C LEU B 109 -26.55 -9.76 27.32
N GLY B 110 -26.44 -8.69 26.57
CA GLY B 110 -27.59 -7.99 26.02
C GLY B 110 -28.50 -8.91 25.24
N ASN B 111 -29.76 -8.48 25.08
CA ASN B 111 -30.75 -9.38 24.53
C ASN B 111 -30.45 -9.74 23.10
N THR B 112 -29.88 -8.78 22.35
CA THR B 112 -29.51 -9.03 20.97
C THR B 112 -28.09 -8.55 20.67
N LEU B 113 -27.49 -9.13 19.63
CA LEU B 113 -26.10 -8.93 19.31
C LEU B 113 -25.85 -9.04 17.83
N TYR B 114 -24.66 -8.58 17.41
CA TYR B 114 -24.12 -8.88 16.09
C TYR B 114 -23.99 -10.39 15.96
N GLY B 115 -24.46 -10.90 14.83
CA GLY B 115 -24.54 -12.33 14.51
C GLY B 115 -23.31 -13.18 14.75
N HIS B 116 -22.13 -12.70 14.35
CA HIS B 116 -20.93 -13.48 14.68
C HIS B 116 -20.55 -13.40 16.16
N THR B 117 -20.93 -12.33 16.84
CA THR B 117 -20.73 -12.25 18.28
C THR B 117 -21.64 -13.28 18.93
N PHE B 118 -22.87 -13.35 18.46
CA PHE B 118 -23.79 -14.36 18.96
C PHE B 118 -23.22 -15.75 18.65
N ALA B 119 -22.71 -15.96 17.45
CA ALA B 119 -22.17 -17.29 17.14
C ALA B 119 -20.95 -17.60 18.01
N PHE B 120 -20.06 -16.63 18.17
CA PHE B 120 -18.87 -16.86 18.93
C PHE B 120 -19.24 -17.35 20.28
N LEU B 121 -20.19 -16.64 20.89
CA LEU B 121 -20.61 -16.91 22.27
C LEU B 121 -21.32 -18.25 22.43
N HIS B 122 -22.30 -18.54 21.57
CA HIS B 122 -23.10 -19.75 21.76
C HIS B 122 -22.39 -21.01 21.23
N HIS B 123 -21.71 -20.89 20.09
CA HIS B 123 -21.09 -22.04 19.45
C HIS B 123 -19.59 -22.05 19.59
N GLY B 124 -19.02 -21.04 20.23
CA GLY B 124 -17.58 -20.91 20.43
C GLY B 124 -17.25 -20.99 21.91
N ILE B 125 -16.97 -19.82 22.48
CA ILE B 125 -16.51 -19.80 23.88
C ILE B 125 -17.47 -20.58 24.79
N GLY B 126 -18.79 -20.53 24.52
CA GLY B 126 -19.81 -21.20 25.35
C GLY B 126 -19.71 -22.73 25.34
N GLU B 127 -19.13 -23.29 24.27
CA GLU B 127 -19.01 -24.73 24.16
C GLU B 127 -17.76 -25.14 24.92
N PHE B 128 -17.10 -24.15 25.51
CA PHE B 128 -15.90 -24.41 26.22
C PHE B 128 -16.04 -24.29 27.73
N GLY B 129 -17.25 -24.24 28.28
CA GLY B 129 -17.42 -24.24 29.74
C GLY B 129 -17.76 -22.91 30.40
N VAL B 130 -18.06 -21.93 29.57
CA VAL B 130 -18.38 -20.58 30.02
C VAL B 130 -19.89 -20.40 29.92
N LYS B 131 -20.54 -19.94 30.99
CA LYS B 131 -21.99 -19.86 30.97
C LYS B 131 -22.49 -18.53 30.43
N LEU B 132 -23.58 -18.59 29.70
CA LEU B 132 -24.15 -17.46 29.00
C LEU B 132 -25.51 -17.14 29.55
N ARG B 133 -25.81 -15.87 29.77
CA ARG B 133 -27.20 -15.49 29.98
C ARG B 133 -27.49 -14.15 29.36
N HIS B 134 -28.63 -14.09 28.69
CA HIS B 134 -29.12 -12.89 28.05
C HIS B 134 -30.04 -12.10 28.98
N VAL B 135 -30.09 -10.79 28.80
CA VAL B 135 -30.78 -9.96 29.76
C VAL B 135 -31.04 -8.60 29.15
N ASP B 136 -32.24 -8.08 29.36
CA ASP B 136 -32.61 -6.79 28.81
C ASP B 136 -31.78 -5.74 29.53
N MET B 137 -30.71 -5.25 28.90
CA MET B 137 -29.78 -4.34 29.55
C MET B 137 -30.45 -3.00 29.81
N ALA B 138 -31.60 -2.77 29.19
CA ALA B 138 -32.33 -1.54 29.41
C ALA B 138 -33.11 -1.61 30.72
N ASP B 139 -33.10 -2.77 31.38
CA ASP B 139 -33.87 -2.99 32.59
C ASP B 139 -32.94 -3.29 33.74
N LEU B 140 -32.54 -2.24 34.43
CA LEU B 140 -31.55 -2.33 35.51
C LEU B 140 -32.00 -3.22 36.65
N GLN B 141 -33.29 -3.20 36.94
CA GLN B 141 -33.89 -4.10 37.92
C GLN B 141 -33.69 -5.57 37.49
N ALA B 142 -33.96 -5.88 36.22
CA ALA B 142 -33.72 -7.24 35.74
C ALA B 142 -32.22 -7.59 35.78
N LEU B 143 -31.37 -6.64 35.39
CA LEU B 143 -29.94 -6.92 35.41
C LEU B 143 -29.42 -7.18 36.82
N GLU B 144 -29.77 -6.33 37.77
CA GLU B 144 -29.35 -6.55 39.15
C GLU B 144 -29.73 -7.96 39.59
N ALA B 145 -31.00 -8.29 39.36
CA ALA B 145 -31.54 -9.61 39.59
C ALA B 145 -30.71 -10.74 38.93
N ALA B 146 -30.12 -10.48 37.79
CA ALA B 146 -29.40 -11.53 37.07
C ALA B 146 -27.98 -11.79 37.58
N MET B 147 -27.41 -10.87 38.36
CA MET B 147 -26.04 -11.01 38.83
C MET B 147 -25.92 -12.16 39.82
N THR B 148 -24.89 -12.97 39.64
CA THR B 148 -24.60 -14.06 40.55
C THR B 148 -23.10 -13.99 40.81
N PRO B 149 -22.60 -14.63 41.89
CA PRO B 149 -21.13 -14.55 42.17
C PRO B 149 -20.21 -15.18 41.07
N ALA B 150 -20.80 -15.90 40.12
CA ALA B 150 -20.07 -16.40 38.96
C ALA B 150 -19.93 -15.37 37.81
N THR B 151 -20.70 -14.30 37.86
CA THR B 151 -20.69 -13.29 36.82
C THR B 151 -19.33 -12.53 36.72
N ARG B 152 -18.59 -12.75 35.63
CA ARG B 152 -17.28 -12.10 35.44
C ARG B 152 -17.32 -10.89 34.53
N VAL B 153 -18.13 -10.98 33.48
CA VAL B 153 -18.28 -9.90 32.55
C VAL B 153 -19.71 -9.62 32.14
N ILE B 154 -19.97 -8.38 31.79
CA ILE B 154 -21.24 -7.98 31.21
C ILE B 154 -20.85 -7.39 29.89
N TYR B 155 -21.46 -7.89 28.81
CA TYR B 155 -21.02 -7.52 27.49
C TYR B 155 -22.21 -7.16 26.66
N PHE B 156 -22.12 -6.02 26.00
CA PHE B 156 -23.22 -5.60 25.18
C PHE B 156 -22.82 -4.48 24.25
N GLU B 157 -23.68 -4.29 23.26
CA GLU B 157 -23.58 -3.25 22.26
C GLU B 157 -24.60 -2.18 22.61
N SER B 158 -24.25 -0.92 22.45
CA SER B 158 -25.28 0.11 22.56
C SER B 158 -24.96 1.28 21.62
N PRO B 159 -25.82 1.52 20.63
CA PRO B 159 -27.03 0.78 20.27
C PRO B 159 -26.71 -0.60 19.73
N ALA B 160 -27.63 -1.53 19.93
CA ALA B 160 -27.39 -2.90 19.57
C ALA B 160 -27.80 -3.18 18.12
N ASN B 161 -27.08 -4.12 17.50
CA ASN B 161 -27.65 -4.74 16.31
C ASN B 161 -28.87 -5.61 16.70
N PRO B 162 -29.89 -5.64 15.85
CA PRO B 162 -30.07 -4.82 14.68
C PRO B 162 -31.16 -3.79 14.95
N ASN B 163 -31.73 -3.84 16.15
CA ASN B 163 -32.89 -3.06 16.56
C ASN B 163 -32.59 -1.67 17.18
N MET B 164 -31.29 -1.39 17.39
CA MET B 164 -30.81 -0.20 18.09
C MET B 164 -31.31 -0.08 19.52
N HIS B 165 -31.64 -1.23 20.11
CA HIS B 165 -31.97 -1.26 21.50
C HIS B 165 -30.79 -0.69 22.27
N MET B 166 -31.08 0.11 23.28
CA MET B 166 -30.03 0.74 24.03
C MET B 166 -29.97 0.33 25.46
N ALA B 167 -28.80 0.46 26.06
CA ALA B 167 -28.64 0.25 27.50
C ALA B 167 -28.23 1.56 28.21
N ASP B 168 -28.47 1.60 29.51
CA ASP B 168 -27.96 2.72 30.32
C ASP B 168 -26.56 2.35 30.78
N ILE B 169 -25.54 2.93 30.16
CA ILE B 169 -24.20 2.48 30.44
C ILE B 169 -23.83 2.71 31.88
N ALA B 170 -24.23 3.87 32.40
CA ALA B 170 -23.80 4.27 33.75
C ALA B 170 -24.55 3.42 34.76
N GLY B 171 -25.78 3.02 34.45
CA GLY B 171 -26.53 2.13 35.31
C GLY B 171 -25.88 0.76 35.46
N VAL B 172 -25.50 0.19 34.31
CA VAL B 172 -24.82 -1.08 34.23
C VAL B 172 -23.51 -1.00 35.01
N ALA B 173 -22.75 0.09 34.85
CA ALA B 173 -21.43 0.16 35.50
C ALA B 173 -21.60 0.19 37.01
N LYS B 174 -22.60 0.97 37.45
CA LYS B 174 -22.91 1.10 38.86
C LYS B 174 -23.17 -0.27 39.43
N ILE B 175 -24.05 -1.05 38.79
CA ILE B 175 -24.37 -2.40 39.26
C ILE B 175 -23.13 -3.28 39.24
N ALA B 176 -22.33 -3.16 38.18
CA ALA B 176 -21.11 -3.94 38.07
C ALA B 176 -20.10 -3.59 39.13
N ARG B 177 -20.01 -2.32 39.51
CA ARG B 177 -19.02 -2.01 40.52
C ARG B 177 -19.42 -2.62 41.88
N LYS B 178 -20.72 -2.66 42.13
CA LYS B 178 -21.29 -3.30 43.32
C LYS B 178 -21.09 -4.81 43.44
N HIS B 179 -21.19 -5.58 42.35
CA HIS B 179 -20.98 -7.04 42.41
C HIS B 179 -19.59 -7.46 41.90
N GLY B 180 -18.94 -6.58 41.16
CA GLY B 180 -17.57 -6.82 40.77
C GLY B 180 -17.55 -7.62 39.53
N ALA B 181 -17.96 -7.01 38.43
CA ALA B 181 -17.82 -7.63 37.14
C ALA B 181 -17.21 -6.59 36.20
N THR B 182 -16.62 -7.06 35.11
CA THR B 182 -15.98 -6.21 34.14
C THR B 182 -16.98 -5.93 33.04
N VAL B 183 -17.20 -4.66 32.74
CA VAL B 183 -18.19 -4.29 31.75
C VAL B 183 -17.51 -3.97 30.42
N VAL B 184 -17.86 -4.70 29.38
CA VAL B 184 -17.29 -4.37 28.09
C VAL B 184 -18.38 -3.97 27.11
N VAL B 185 -18.20 -2.84 26.43
CA VAL B 185 -19.23 -2.29 25.56
C VAL B 185 -18.74 -2.23 24.14
N ASP B 186 -19.51 -2.79 23.21
CA ASP B 186 -19.24 -2.67 21.77
C ASP B 186 -19.80 -1.35 21.28
N ASN B 187 -18.89 -0.45 20.90
CA ASN B 187 -19.21 0.96 20.71
C ASN B 187 -19.19 1.35 19.23
N THR B 188 -19.33 0.35 18.38
CA THR B 188 -19.12 0.52 16.93
C THR B 188 -20.05 1.57 16.30
N TYR B 189 -21.35 1.37 16.44
CA TYR B 189 -22.40 2.30 15.94
C TYR B 189 -22.17 3.79 16.23
N CYS B 190 -21.84 4.14 17.49
CA CYS B 190 -21.50 5.55 17.84
C CYS B 190 -20.09 6.08 17.43
N THR B 191 -19.05 5.24 17.49
CA THR B 191 -17.68 5.73 17.58
C THR B 191 -17.45 6.65 18.80
N PRO B 192 -16.20 6.92 19.11
CA PRO B 192 -15.99 7.76 20.29
C PRO B 192 -16.43 9.21 20.12
N TYR B 193 -16.80 9.63 18.93
CA TYR B 193 -17.25 10.97 18.74
C TYR B 193 -18.67 11.20 19.25
N LEU B 194 -19.52 10.18 19.31
CA LEU B 194 -20.90 10.38 19.75
C LEU B 194 -21.18 9.85 21.18
N GLN B 195 -20.34 8.91 21.59
CA GLN B 195 -20.55 8.17 22.84
C GLN B 195 -19.27 7.53 23.36
N ARG B 196 -18.98 7.78 24.63
CA ARG B 196 -17.79 7.26 25.23
C ARG B 196 -18.09 6.40 26.43
N PRO B 197 -18.30 5.11 26.21
CA PRO B 197 -18.68 4.23 27.37
C PRO B 197 -17.73 4.24 28.56
N LEU B 198 -16.42 4.36 28.32
CA LEU B 198 -15.47 4.42 29.41
C LEU B 198 -15.71 5.64 30.30
N GLU B 199 -16.08 6.78 29.70
CA GLU B 199 -16.41 7.96 30.50
C GLU B 199 -17.68 7.73 31.32
N LEU B 200 -18.47 6.75 30.92
CA LEU B 200 -19.71 6.47 31.64
C LEU B 200 -19.54 5.34 32.69
N GLY B 201 -18.31 4.84 32.87
CA GLY B 201 -18.03 3.77 33.80
C GLY B 201 -17.77 2.37 33.23
N ALA B 202 -17.90 2.15 31.90
CA ALA B 202 -17.52 0.85 31.32
C ALA B 202 -16.01 0.58 31.51
N ASP B 203 -15.58 -0.67 31.50
CA ASP B 203 -14.17 -1.00 31.77
C ASP B 203 -13.41 -1.17 30.46
N LEU B 204 -14.13 -1.41 29.36
CA LEU B 204 -13.53 -1.71 28.04
C LEU B 204 -14.55 -1.43 26.95
N VAL B 205 -14.07 -0.86 25.85
CA VAL B 205 -14.91 -0.69 24.68
C VAL B 205 -14.24 -1.44 23.56
N VAL B 206 -15.05 -2.01 22.68
CA VAL B 206 -14.50 -2.65 21.50
C VAL B 206 -15.13 -2.01 20.27
N HIS B 207 -14.42 -2.06 19.15
CA HIS B 207 -14.89 -1.46 17.90
C HIS B 207 -14.65 -2.37 16.75
N SER B 208 -15.63 -2.46 15.86
CA SER B 208 -15.32 -2.85 14.49
C SER B 208 -14.88 -1.58 13.80
N ALA B 209 -13.57 -1.36 13.69
CA ALA B 209 -13.09 -0.11 13.12
C ALA B 209 -13.33 -0.17 11.62
N THR B 210 -13.79 -1.33 11.17
CA THR B 210 -14.04 -1.61 9.78
C THR B 210 -15.13 -0.67 9.28
N1 LLP B 211 -19.68 -5.68 16.02
C2 LLP B 211 -20.48 -4.85 15.32
C2' LLP B 211 -21.46 -4.10 15.96
C3 LLP B 211 -20.31 -4.81 13.96
O3 LLP B 211 -21.13 -3.97 13.29
C4 LLP B 211 -19.32 -5.56 13.27
C4' LLP B 211 -19.16 -5.46 11.88
C5 LLP B 211 -18.51 -6.41 14.05
C6 LLP B 211 -18.69 -6.47 15.42
C5' LLP B 211 -17.49 -7.19 13.53
OP4 LLP B 211 -16.54 -6.38 12.84
P LLP B 211 -15.55 -7.01 11.77
OP1 LLP B 211 -14.57 -5.96 11.56
OP2 LLP B 211 -16.52 -7.23 10.68
OP3 LLP B 211 -15.05 -8.24 12.42
N LLP B 211 -16.02 -0.27 10.21
CA LLP B 211 -17.19 0.55 9.90
CB LLP B 211 -18.36 0.20 10.79
CG LLP B 211 -18.37 -1.33 11.07
CD LLP B 211 -19.19 -2.14 10.03
CE LLP B 211 -18.87 -3.60 10.17
NZ LLP B 211 -19.44 -4.05 11.47
C LLP B 211 -16.80 2.08 9.96
O LLP B 211 -15.78 2.46 9.32
N TYR B 212 -17.57 2.91 10.68
CA TYR B 212 -17.33 4.34 10.76
C TYR B 212 -15.89 4.80 11.00
N LEU B 213 -15.16 4.16 11.91
CA LEU B 213 -13.79 4.66 12.21
C LEU B 213 -12.97 4.74 10.95
N SER B 214 -13.05 3.67 10.15
CA SER B 214 -12.33 3.63 8.90
C SER B 214 -13.02 4.60 7.99
N GLY B 215 -14.36 4.53 7.98
CA GLY B 215 -15.15 5.40 7.13
C GLY B 215 -15.15 5.12 5.63
N HIS B 216 -14.19 4.34 5.10
CA HIS B 216 -14.13 4.22 3.65
C HIS B 216 -14.22 2.82 3.10
N GLY B 217 -14.65 1.89 3.95
CA GLY B 217 -14.96 0.52 3.54
C GLY B 217 -13.84 -0.20 2.84
N ASP B 218 -12.60 0.20 3.09
CA ASP B 218 -11.49 -0.48 2.42
C ASP B 218 -10.62 -1.35 3.31
N ILE B 219 -10.88 -1.34 4.62
CA ILE B 219 -10.04 -2.09 5.52
C ILE B 219 -10.92 -2.82 6.50
N THR B 220 -10.40 -3.94 7.00
CA THR B 220 -11.08 -4.59 8.10
C THR B 220 -10.17 -4.50 9.34
N ALA B 221 -10.70 -4.04 10.47
CA ALA B 221 -9.87 -3.73 11.65
C ALA B 221 -10.66 -3.62 12.97
N GLY B 222 -10.02 -3.97 14.07
CA GLY B 222 -10.72 -3.96 15.38
C GLY B 222 -9.94 -3.15 16.38
N ILE B 223 -10.62 -2.49 17.32
CA ILE B 223 -9.96 -1.78 18.41
C ILE B 223 -10.55 -2.15 19.75
N VAL B 224 -9.71 -2.22 20.76
CA VAL B 224 -10.11 -2.35 22.16
C VAL B 224 -9.40 -1.22 22.94
N VAL B 225 -10.15 -0.60 23.86
CA VAL B 225 -9.61 0.48 24.67
C VAL B 225 -10.07 0.31 26.12
N GLY B 226 -9.13 0.44 27.05
CA GLY B 226 -9.51 0.45 28.44
C GLY B 226 -8.36 0.76 29.34
N SER B 227 -8.32 0.10 30.49
CA SER B 227 -7.31 0.37 31.47
C SER B 227 -6.02 -0.24 30.95
N GLN B 228 -4.89 0.36 31.31
CA GLN B 228 -3.60 -0.22 30.93
C GLN B 228 -3.54 -1.71 31.34
N ALA B 229 -4.18 -2.08 32.45
CA ALA B 229 -3.89 -3.39 33.02
C ALA B 229 -4.68 -4.50 32.34
N LEU B 230 -5.81 -4.14 31.74
CA LEU B 230 -6.65 -5.08 31.04
C LEU B 230 -6.23 -5.13 29.56
N VAL B 231 -5.99 -3.97 28.94
CA VAL B 231 -5.49 -3.93 27.57
C VAL B 231 -4.19 -4.75 27.42
N ASP B 232 -3.25 -4.62 28.36
CA ASP B 232 -2.02 -5.46 28.36
C ASP B 232 -2.32 -6.96 28.47
N ARG B 233 -3.30 -7.32 29.31
CA ARG B 233 -3.60 -8.72 29.49
C ARG B 233 -4.07 -9.21 28.13
N ILE B 234 -5.07 -8.51 27.58
CA ILE B 234 -5.63 -8.83 26.27
C ILE B 234 -4.52 -8.89 25.20
N ARG B 235 -3.67 -7.85 25.13
CA ARG B 235 -2.57 -7.87 24.17
C ARG B 235 -1.73 -9.13 24.35
N LEU B 236 -1.40 -9.45 25.60
CA LEU B 236 -0.45 -10.53 25.84
C LEU B 236 -1.05 -11.92 25.95
N GLN B 237 -2.37 -12.05 26.03
CA GLN B 237 -2.98 -13.37 26.09
C GLN B 237 -3.98 -13.63 24.96
N GLY B 238 -5.01 -12.78 24.88
CA GLY B 238 -5.97 -12.86 23.78
C GLY B 238 -5.34 -12.84 22.39
N LEU B 239 -4.63 -11.75 22.09
CA LEU B 239 -4.07 -11.50 20.77
C LEU B 239 -2.85 -12.39 20.50
N LYS B 240 -1.82 -12.28 21.34
CA LYS B 240 -0.56 -12.98 21.10
C LYS B 240 -0.77 -14.51 21.07
N ASP B 241 -1.55 -15.05 22.01
CA ASP B 241 -1.61 -16.48 22.18
C ASP B 241 -2.89 -17.09 21.61
N MET B 242 -4.03 -16.41 21.74
CA MET B 242 -5.28 -17.07 21.43
C MET B 242 -5.98 -16.73 20.12
N THR B 243 -5.67 -15.59 19.52
CA THR B 243 -6.32 -15.27 18.27
C THR B 243 -5.34 -15.10 17.16
N GLY B 244 -4.22 -14.46 17.43
CA GLY B 244 -3.35 -14.01 16.33
C GLY B 244 -4.01 -13.06 15.35
N ALA B 245 -5.07 -12.37 15.78
CA ALA B 245 -5.73 -11.31 14.98
C ALA B 245 -4.88 -10.01 14.83
N VAL B 246 -3.73 -10.18 14.21
CA VAL B 246 -2.76 -9.09 14.04
C VAL B 246 -3.20 -8.09 12.99
N LEU B 247 -3.17 -6.81 13.31
CA LEU B 247 -3.54 -5.80 12.32
C LEU B 247 -2.31 -5.41 11.51
N SER B 248 -2.49 -5.37 10.20
CA SER B 248 -1.46 -4.95 9.26
C SER B 248 -1.13 -3.45 9.33
N PRO B 249 0.17 -3.10 9.43
CA PRO B 249 0.45 -1.66 9.59
C PRO B 249 -0.06 -0.80 8.44
N HIS B 250 -0.06 -1.37 7.22
CA HIS B 250 -0.66 -0.66 6.10
C HIS B 250 -2.10 -0.31 6.42
N ASP B 251 -2.85 -1.30 6.92
CA ASP B 251 -4.27 -1.05 7.25
C ASP B 251 -4.43 -0.04 8.38
N ALA B 252 -3.51 -0.08 9.35
CA ALA B 252 -3.54 0.84 10.48
C ALA B 252 -3.24 2.25 10.06
N ALA B 253 -2.36 2.41 9.08
CA ALA B 253 -2.16 3.72 8.49
C ALA B 253 -3.44 4.23 7.85
N LEU B 254 -4.21 3.35 7.18
CA LEU B 254 -5.48 3.79 6.61
C LEU B 254 -6.57 4.08 7.65
N LEU B 255 -6.65 3.24 8.67
CA LEU B 255 -7.52 3.55 9.76
C LEU B 255 -7.19 4.97 10.29
N MET B 256 -5.90 5.23 10.50
CA MET B 256 -5.53 6.57 11.02
C MET B 256 -5.91 7.67 10.05
N ARG B 257 -5.72 7.43 8.75
CA ARG B 257 -6.14 8.39 7.74
C ARG B 257 -7.66 8.64 7.87
N GLY B 258 -8.46 7.59 8.03
CA GLY B 258 -9.90 7.76 8.17
C GLY B 258 -10.33 8.51 9.42
N ILE B 259 -9.61 8.28 10.53
CA ILE B 259 -9.95 8.92 11.81
C ILE B 259 -9.82 10.44 11.69
N LYS B 260 -8.96 10.88 10.79
CA LYS B 260 -8.65 12.31 10.69
C LYS B 260 -9.84 13.13 10.25
N THR B 261 -10.84 12.47 9.65
CA THR B 261 -12.05 13.14 9.28
C THR B 261 -13.31 12.67 10.03
N LEU B 262 -13.13 11.93 11.12
CA LEU B 262 -14.26 11.35 11.82
C LEU B 262 -15.37 12.33 12.23
N ASN B 263 -15.00 13.43 12.88
CA ASN B 263 -15.96 14.44 13.31
C ASN B 263 -16.78 14.93 12.10
N LEU B 264 -16.15 15.02 10.94
CA LEU B 264 -16.85 15.58 9.78
C LEU B 264 -17.78 14.55 9.18
N ARG B 265 -17.26 13.34 8.99
CA ARG B 265 -18.05 12.19 8.46
C ARG B 265 -19.29 11.90 9.29
N MET B 266 -19.08 11.84 10.61
CA MET B 266 -20.16 11.61 11.54
C MET B 266 -21.27 12.71 11.54
N ASP B 267 -20.85 13.98 11.51
CA ASP B 267 -21.79 15.06 11.49
C ASP B 267 -22.65 14.85 10.24
N ARG B 268 -22.03 14.42 9.12
CA ARG B 268 -22.77 14.35 7.88
C ARG B 268 -23.63 13.07 7.80
N HIS B 269 -23.12 11.95 8.34
CA HIS B 269 -23.95 10.77 8.42
C HIS B 269 -25.18 11.16 9.20
N CYS B 270 -25.01 11.85 10.33
CA CYS B 270 -26.15 12.15 11.20
C CYS B 270 -27.13 13.16 10.62
N ALA B 271 -26.63 14.23 10.02
CA ALA B 271 -27.46 15.19 9.36
C ALA B 271 -28.24 14.50 8.24
N ASN B 272 -27.59 13.67 7.45
CA ASN B 272 -28.29 12.91 6.42
C ASN B 272 -29.42 11.98 6.94
N ALA B 273 -29.09 11.06 7.84
CA ALA B 273 -30.07 10.16 8.48
C ALA B 273 -31.28 10.88 9.10
N GLN B 274 -31.05 12.06 9.65
CA GLN B 274 -32.10 12.78 10.38
C GLN B 274 -33.11 13.26 9.36
N VAL B 275 -32.60 13.86 8.30
CA VAL B 275 -33.41 14.30 7.18
C VAL B 275 -34.10 13.12 6.50
N LEU B 276 -33.41 11.98 6.34
CA LEU B 276 -34.04 10.76 5.85
C LEU B 276 -35.15 10.22 6.76
N ALA B 277 -34.87 10.16 8.04
CA ALA B 277 -35.80 9.59 8.98
C ALA B 277 -37.12 10.39 9.04
N GLU B 278 -37.00 11.69 9.25
CA GLU B 278 -38.13 12.58 9.17
C GLU B 278 -38.97 12.43 7.91
N PHE B 279 -38.34 12.16 6.77
CA PHE B 279 -39.06 12.00 5.52
C PHE B 279 -39.78 10.66 5.47
N LEU B 280 -39.08 9.61 5.88
CA LEU B 280 -39.65 8.27 5.93
C LEU B 280 -40.83 8.17 6.87
N ALA B 281 -40.75 8.81 8.04
CA ALA B 281 -41.85 8.82 9.01
C ALA B 281 -43.16 9.36 8.44
N ARG B 282 -43.08 10.01 7.29
CA ARG B 282 -44.18 10.78 6.77
C ARG B 282 -44.65 10.21 5.43
N GLN B 283 -44.14 9.03 5.07
CA GLN B 283 -44.53 8.45 3.80
C GLN B 283 -45.58 7.37 4.07
N PRO B 284 -46.55 7.22 3.12
CA PRO B 284 -47.64 6.26 3.16
C PRO B 284 -47.22 4.80 3.32
N GLN B 285 -46.11 4.41 2.69
CA GLN B 285 -45.69 3.01 2.68
C GLN B 285 -45.04 2.55 3.99
N VAL B 286 -44.75 3.50 4.85
CA VAL B 286 -43.98 3.23 6.07
C VAL B 286 -44.89 3.02 7.26
N GLU B 287 -44.98 1.78 7.69
CA GLU B 287 -45.73 1.40 8.87
C GLU B 287 -45.07 1.90 10.14
N LEU B 288 -43.76 1.69 10.27
CA LEU B 288 -42.99 1.94 11.52
C LEU B 288 -41.60 2.47 11.18
N ILE B 289 -40.94 3.16 12.11
CA ILE B 289 -39.62 3.75 11.83
C ILE B 289 -38.83 3.82 13.10
N HIS B 290 -37.64 3.25 13.10
CA HIS B 290 -36.78 3.40 14.26
C HIS B 290 -35.56 4.23 13.97
N TYR B 291 -35.54 5.42 14.55
CA TYR B 291 -34.38 6.29 14.48
C TYR B 291 -34.30 7.07 15.78
N PRO B 292 -33.15 7.02 16.44
CA PRO B 292 -33.00 7.64 17.77
C PRO B 292 -33.25 9.15 17.80
N GLY B 293 -33.18 9.82 16.65
CA GLY B 293 -33.46 11.25 16.66
C GLY B 293 -34.93 11.61 16.56
N LEU B 294 -35.79 10.60 16.54
CA LEU B 294 -37.25 10.78 16.42
C LEU B 294 -37.87 10.49 17.76
N ALA B 295 -38.77 11.38 18.16
CA ALA B 295 -39.52 11.22 19.42
C ALA B 295 -40.24 9.89 19.51
N SER B 296 -40.57 9.28 18.38
CA SER B 296 -41.26 8.01 18.44
C SER B 296 -40.31 6.87 18.75
N PHE B 297 -39.02 7.16 18.84
CA PHE B 297 -38.09 6.08 19.13
C PHE B 297 -38.29 5.71 20.58
N PRO B 298 -38.54 4.42 20.87
CA PRO B 298 -38.93 3.90 22.18
C PRO B 298 -37.98 4.28 23.32
N GLN B 299 -36.70 4.48 23.00
CA GLN B 299 -35.74 4.90 23.98
C GLN B 299 -35.16 6.27 23.64
N TYR B 300 -35.96 7.07 22.96
CA TYR B 300 -35.61 8.46 22.67
C TYR B 300 -34.79 9.16 23.75
N THR B 301 -35.18 8.95 25.00
CA THR B 301 -34.67 9.69 26.15
C THR B 301 -33.25 9.22 26.52
N LEU B 302 -32.97 7.93 26.34
CA LEU B 302 -31.65 7.40 26.60
C LEU B 302 -30.71 7.81 25.48
N ALA B 303 -31.16 7.76 24.24
CA ALA B 303 -30.38 8.28 23.13
C ALA B 303 -29.93 9.74 23.39
N ARG B 304 -30.87 10.63 23.67
CA ARG B 304 -30.47 12.00 23.89
C ARG B 304 -29.47 12.04 25.07
N GLN B 305 -29.72 11.25 26.10
CA GLN B 305 -28.90 11.33 27.28
C GLN B 305 -27.47 10.84 27.07
N GLN B 306 -27.24 9.92 26.12
CA GLN B 306 -26.00 9.14 26.03
C GLN B 306 -25.22 9.33 24.75
N MET B 307 -25.95 9.61 23.67
CA MET B 307 -25.37 9.91 22.36
C MET B 307 -25.43 11.41 22.07
N SER B 308 -24.29 12.03 21.79
CA SER B 308 -24.33 13.46 21.43
C SER B 308 -25.09 13.70 20.13
N GLN B 309 -25.25 12.68 19.28
CA GLN B 309 -26.05 12.75 18.06
C GLN B 309 -26.67 11.39 17.69
N PRO B 310 -27.76 11.39 16.90
CA PRO B 310 -28.50 10.15 16.83
C PRO B 310 -28.03 9.10 15.85
N GLY B 311 -26.88 9.28 15.21
CA GLY B 311 -26.30 8.23 14.38
C GLY B 311 -26.72 8.23 12.91
N GLY B 312 -26.04 7.40 12.10
CA GLY B 312 -26.37 7.13 10.71
C GLY B 312 -27.24 5.90 10.41
N MET B 313 -27.66 5.13 11.41
CA MET B 313 -28.55 3.95 11.19
C MET B 313 -30.06 4.27 11.33
N ILE B 314 -30.83 3.83 10.34
CA ILE B 314 -32.29 3.84 10.36
C ILE B 314 -32.86 2.43 10.12
N ALA B 315 -33.86 2.02 10.90
CA ALA B 315 -34.66 0.84 10.56
C ALA B 315 -36.13 1.23 10.42
N PHE B 316 -36.82 0.60 9.46
CA PHE B 316 -38.18 0.99 9.17
C PHE B 316 -38.94 -0.14 8.49
N GLU B 317 -40.21 -0.30 8.87
CA GLU B 317 -41.01 -1.39 8.33
C GLU B 317 -41.90 -0.94 7.20
N LEU B 318 -41.99 -1.77 6.18
CA LEU B 318 -42.73 -1.40 4.99
C LEU B 318 -44.12 -2.01 4.99
N LYS B 319 -45.06 -1.28 4.40
CA LYS B 319 -46.36 -1.85 4.08
C LYS B 319 -46.25 -2.52 2.72
N GLY B 320 -46.87 -3.69 2.62
CA GLY B 320 -46.91 -4.48 1.39
C GLY B 320 -46.30 -5.87 1.62
N GLY B 321 -45.74 -6.09 2.82
CA GLY B 321 -45.05 -7.34 3.18
C GLY B 321 -43.74 -7.61 2.43
N ILE B 322 -42.92 -8.54 2.94
CA ILE B 322 -41.76 -9.01 2.15
C ILE B 322 -42.26 -9.22 0.74
N GLY B 323 -41.78 -8.43 -0.21
CA GLY B 323 -42.34 -8.44 -1.54
C GLY B 323 -42.55 -7.00 -1.93
N ALA B 324 -43.00 -6.21 -0.95
CA ALA B 324 -42.74 -4.76 -0.93
C ALA B 324 -41.23 -4.58 -0.69
N GLY B 325 -40.73 -5.06 0.44
CA GLY B 325 -39.28 -5.14 0.68
C GLY B 325 -38.43 -5.47 -0.55
N ARG B 326 -38.59 -6.67 -1.10
CA ARG B 326 -37.93 -7.05 -2.36
C ARG B 326 -38.03 -5.94 -3.39
N ARG B 327 -39.26 -5.52 -3.66
CA ARG B 327 -39.51 -4.57 -4.72
C ARG B 327 -38.86 -3.20 -4.46
N PHE B 328 -38.72 -2.86 -3.17
CA PHE B 328 -38.09 -1.62 -2.71
C PHE B 328 -36.59 -1.72 -2.93
N MET B 329 -35.99 -2.66 -2.21
CA MET B 329 -34.59 -3.01 -2.32
C MET B 329 -34.08 -3.08 -3.73
N ASN B 330 -34.88 -3.66 -4.61
CA ASN B 330 -34.46 -3.84 -5.99
C ASN B 330 -34.62 -2.59 -6.84
N ALA B 331 -35.50 -1.66 -6.44
CA ALA B 331 -35.62 -0.39 -7.18
C ALA B 331 -34.50 0.60 -6.91
N LEU B 332 -33.79 0.41 -5.80
CA LEU B 332 -32.73 1.31 -5.37
C LEU B 332 -31.63 1.44 -6.41
N GLN B 333 -31.27 2.66 -6.72
CA GLN B 333 -30.25 2.94 -7.69
C GLN B 333 -29.04 3.69 -7.11
N LEU B 334 -29.15 4.23 -5.90
CA LEU B 334 -28.02 4.90 -5.28
C LEU B 334 -27.60 4.17 -4.02
N PHE B 335 -28.52 3.78 -3.17
CA PHE B 335 -28.13 2.87 -2.08
C PHE B 335 -27.59 1.62 -2.79
N SER B 336 -26.75 0.82 -2.13
CA SER B 336 -26.33 -0.47 -2.67
C SER B 336 -26.93 -1.54 -1.81
N ARG B 337 -27.20 -2.70 -2.37
CA ARG B 337 -27.67 -3.81 -1.55
C ARG B 337 -26.46 -4.49 -0.91
N ALA B 338 -26.42 -4.51 0.42
CA ALA B 338 -25.20 -4.93 1.09
C ALA B 338 -25.33 -4.93 2.60
N VAL B 339 -24.70 -5.90 3.27
CA VAL B 339 -24.51 -5.82 4.71
C VAL B 339 -23.50 -4.73 4.97
N SER B 340 -23.35 -4.33 6.22
CA SER B 340 -22.34 -3.33 6.61
C SER B 340 -22.89 -1.95 6.87
N LEU B 341 -22.03 -1.13 7.45
CA LEU B 341 -22.41 0.23 7.76
C LEU B 341 -21.17 1.08 7.90
N GLY B 342 -21.38 2.38 7.91
CA GLY B 342 -20.34 3.32 8.23
C GLY B 342 -19.44 3.54 7.07
N ASP B 343 -19.91 3.21 5.87
CA ASP B 343 -19.24 3.59 4.61
C ASP B 343 -19.69 4.96 4.09
N ALA B 344 -18.89 5.54 3.22
CA ALA B 344 -19.26 6.78 2.55
C ALA B 344 -20.49 6.55 1.73
N GLU B 345 -20.56 5.39 1.09
CA GLU B 345 -21.73 4.95 0.30
C GLU B 345 -22.90 4.50 1.15
N SER B 346 -24.10 4.96 0.81
CA SER B 346 -25.34 4.53 1.49
C SER B 346 -25.65 3.06 1.23
N LEU B 347 -25.93 2.31 2.29
CA LEU B 347 -26.22 0.86 2.16
C LEU B 347 -27.59 0.55 2.70
N ALA B 348 -28.27 -0.41 2.09
CA ALA B 348 -29.55 -0.95 2.55
C ALA B 348 -29.50 -2.46 2.61
N GLN B 349 -30.28 -3.05 3.50
CA GLN B 349 -30.42 -4.51 3.63
C GLN B 349 -31.85 -4.83 4.11
N HIS B 350 -32.36 -5.99 3.67
CA HIS B 350 -33.76 -6.41 3.90
C HIS B 350 -33.77 -7.82 4.49
N PRO B 351 -33.34 -7.97 5.74
CA PRO B 351 -33.00 -9.32 6.24
C PRO B 351 -33.93 -10.46 5.75
N ALA B 352 -35.24 -10.21 5.72
CA ALA B 352 -36.21 -11.12 5.12
C ALA B 352 -35.74 -11.81 3.82
N SER B 353 -35.49 -11.03 2.77
CA SER B 353 -35.07 -11.58 1.48
C SER B 353 -33.54 -11.56 1.28
N MET B 354 -32.81 -11.59 2.39
CA MET B 354 -31.34 -11.46 2.39
C MET B 354 -30.67 -12.25 3.52
N THR B 355 -30.17 -11.55 4.54
CA THR B 355 -29.43 -12.20 5.64
C THR B 355 -30.17 -13.40 6.21
N HIS B 356 -31.47 -13.23 6.41
CA HIS B 356 -32.30 -14.27 7.00
C HIS B 356 -33.32 -14.82 5.98
N SER B 357 -32.84 -15.04 4.75
CA SER B 357 -33.69 -15.46 3.65
C SER B 357 -34.03 -16.96 3.60
N SER B 358 -33.21 -17.80 4.25
CA SER B 358 -33.42 -19.25 4.27
C SER B 358 -34.53 -19.66 5.23
N TYR B 359 -34.79 -18.81 6.22
CA TYR B 359 -35.82 -19.06 7.21
C TYR B 359 -37.21 -18.79 6.62
N THR B 360 -38.21 -19.51 7.09
CA THR B 360 -39.59 -19.32 6.61
C THR B 360 -40.24 -18.15 7.39
N PRO B 361 -41.32 -17.53 6.85
CA PRO B 361 -41.98 -16.36 7.47
C PRO B 361 -42.25 -16.47 8.97
N GLU B 362 -42.27 -17.70 9.49
CA GLU B 362 -42.47 -17.97 10.92
C GLU B 362 -41.28 -17.55 11.80
N GLU B 363 -40.09 -18.13 11.54
CA GLU B 363 -38.92 -17.94 12.44
C GLU B 363 -38.31 -16.54 12.35
N ARG B 364 -38.79 -15.78 11.38
CA ARG B 364 -38.43 -14.36 11.18
C ARG B 364 -39.22 -13.43 12.12
N ALA B 365 -40.54 -13.64 12.19
CA ALA B 365 -41.40 -13.05 13.23
C ALA B 365 -41.00 -13.51 14.66
N HIS B 366 -40.38 -14.69 14.78
CA HIS B 366 -39.82 -15.21 16.05
C HIS B 366 -38.56 -14.48 16.55
N TYR B 367 -37.87 -13.76 15.66
CA TYR B 367 -36.64 -13.05 16.02
C TYR B 367 -36.77 -11.50 16.06
N GLY B 368 -38.02 -11.03 16.11
CA GLY B 368 -38.32 -9.58 16.12
C GLY B 368 -38.19 -8.90 14.76
N ILE B 369 -38.07 -9.72 13.71
CA ILE B 369 -37.71 -9.27 12.37
C ILE B 369 -38.87 -9.36 11.40
N SER B 370 -39.43 -8.19 11.12
CA SER B 370 -40.57 -8.06 10.22
C SER B 370 -40.27 -8.60 8.81
N GLU B 371 -41.33 -8.87 8.06
CA GLU B 371 -41.23 -9.22 6.65
C GLU B 371 -41.07 -7.95 5.83
N GLY B 372 -41.35 -6.81 6.47
CA GLY B 372 -41.22 -5.50 5.83
C GLY B 372 -40.05 -4.67 6.34
N LEU B 373 -39.31 -5.23 7.31
CA LEU B 373 -38.13 -4.59 7.90
C LEU B 373 -37.05 -4.32 6.85
N VAL B 374 -36.55 -3.07 6.81
CA VAL B 374 -35.33 -2.78 6.05
C VAL B 374 -34.37 -1.91 6.86
N ARG B 375 -33.07 -2.21 6.79
CA ARG B 375 -32.09 -1.45 7.55
C ARG B 375 -31.23 -0.57 6.66
N LEU B 376 -31.11 0.69 7.04
CA LEU B 376 -30.32 1.65 6.31
C LEU B 376 -29.11 2.18 7.04
N SER B 377 -27.98 2.11 6.35
CA SER B 377 -26.76 2.79 6.74
C SER B 377 -26.61 3.99 5.82
N VAL B 378 -27.03 5.16 6.28
CA VAL B 378 -27.01 6.31 5.39
C VAL B 378 -25.62 6.93 5.31
N GLY B 379 -25.15 7.10 4.08
CA GLY B 379 -23.80 7.55 3.85
C GLY B 379 -23.73 9.04 3.63
N LEU B 380 -22.75 9.46 2.85
CA LEU B 380 -22.37 10.85 2.77
C LEU B 380 -22.74 11.52 1.44
N GLU B 381 -23.53 10.85 0.62
CA GLU B 381 -24.02 11.46 -0.61
C GLU B 381 -24.93 12.64 -0.35
N ASP B 382 -25.17 13.41 -1.41
CA ASP B 382 -26.09 14.54 -1.38
C ASP B 382 -27.46 14.05 -0.95
N ILE B 383 -28.02 14.70 0.06
CA ILE B 383 -29.33 14.34 0.63
C ILE B 383 -30.48 14.21 -0.39
N ASP B 384 -30.67 15.18 -1.26
CA ASP B 384 -31.67 15.08 -2.33
C ASP B 384 -31.50 13.84 -3.17
N ASP B 385 -30.25 13.50 -3.48
CA ASP B 385 -30.03 12.30 -4.25
C ASP B 385 -30.55 11.11 -3.45
N LEU B 386 -30.21 11.02 -2.16
CA LEU B 386 -30.69 9.95 -1.28
C LEU B 386 -32.21 9.95 -1.16
N LEU B 387 -32.80 11.13 -0.96
CA LEU B 387 -34.25 11.29 -0.85
C LEU B 387 -34.93 10.75 -2.09
N ALA B 388 -34.59 11.37 -3.22
CA ALA B 388 -34.95 10.95 -4.57
C ALA B 388 -34.82 9.45 -4.81
N ASP B 389 -33.77 8.80 -4.35
CA ASP B 389 -33.66 7.38 -4.65
C ASP B 389 -34.69 6.57 -3.85
N VAL B 390 -34.76 6.81 -2.54
CA VAL B 390 -35.73 6.19 -1.61
C VAL B 390 -37.23 6.44 -1.94
N GLN B 391 -37.53 7.56 -2.56
CA GLN B 391 -38.91 7.90 -2.84
C GLN B 391 -39.38 7.16 -4.08
N GLN B 392 -38.45 7.03 -5.03
CA GLN B 392 -38.67 6.30 -6.29
C GLN B 392 -38.81 4.81 -5.97
N ALA B 393 -38.13 4.40 -4.90
CA ALA B 393 -38.10 3.01 -4.48
C ALA B 393 -39.30 2.61 -3.63
N LEU B 394 -39.93 3.57 -2.98
CA LEU B 394 -41.11 3.29 -2.17
C LEU B 394 -42.27 3.11 -3.14
N LYS B 395 -42.36 4.02 -4.10
CA LYS B 395 -43.30 3.99 -5.21
C LYS B 395 -43.27 2.64 -5.93
N ALA B 396 -42.10 2.03 -6.05
CA ALA B 396 -41.97 0.73 -6.70
C ALA B 396 -42.52 -0.40 -5.83
N SER B 397 -42.38 -0.26 -4.52
CA SER B 397 -42.81 -1.33 -3.62
C SER B 397 -44.30 -1.21 -3.33
N ALA B 398 -44.94 -0.24 -4.01
CA ALA B 398 -46.36 -0.01 -3.84
C ALA B 398 -47.04 -1.34 -4.11
N LEU C 7 -26.14 16.46 -12.84
CA LEU C 7 -27.48 16.14 -12.18
C LEU C 7 -27.40 15.60 -10.71
N PRO C 8 -26.72 14.44 -10.48
CA PRO C 8 -26.46 14.10 -9.09
C PRO C 8 -25.55 15.17 -8.46
N GLY C 9 -25.69 15.40 -7.16
CA GLY C 9 -24.92 16.41 -6.45
C GLY C 9 -23.43 16.10 -6.29
N PHE C 10 -22.66 17.15 -6.00
CA PHE C 10 -21.22 17.04 -5.88
C PHE C 10 -20.74 15.88 -4.99
N ALA C 11 -21.30 15.74 -3.78
CA ALA C 11 -20.81 14.74 -2.84
C ALA C 11 -21.11 13.37 -3.35
N THR C 12 -22.29 13.20 -3.95
CA THR C 12 -22.66 11.95 -4.65
C THR C 12 -21.66 11.53 -5.72
N ARG C 13 -21.24 12.47 -6.56
CA ARG C 13 -20.37 12.11 -7.68
C ARG C 13 -18.93 11.83 -7.21
N ALA C 14 -18.49 12.69 -6.27
CA ALA C 14 -17.21 12.58 -5.62
C ALA C 14 -17.06 11.22 -4.96
N ILE C 15 -18.19 10.64 -4.54
CA ILE C 15 -18.20 9.32 -4.03
C ILE C 15 -18.40 8.18 -5.05
N HIS C 16 -19.24 8.41 -6.08
CA HIS C 16 -19.74 7.33 -6.92
C HIS C 16 -19.40 7.39 -8.40
N HIS C 17 -19.10 8.57 -8.95
CA HIS C 17 -19.09 8.71 -10.40
C HIS C 17 -18.19 7.66 -11.10
N GLY C 18 -18.74 7.11 -12.23
CA GLY C 18 -18.01 6.27 -13.15
C GLY C 18 -17.73 4.89 -12.62
N TYR C 19 -18.32 4.54 -11.47
CA TYR C 19 -18.08 3.22 -10.87
C TYR C 19 -19.37 2.51 -10.55
N ASP C 20 -19.44 1.23 -10.88
CA ASP C 20 -20.57 0.35 -10.53
C ASP C 20 -20.05 -0.98 -10.04
N PRO C 21 -20.21 -1.27 -8.74
CA PRO C 21 -19.71 -2.51 -8.13
C PRO C 21 -20.07 -3.79 -8.90
N GLN C 22 -21.21 -3.75 -9.63
CA GLN C 22 -21.62 -4.87 -10.50
C GLN C 22 -20.64 -5.28 -11.62
N ASP C 23 -19.67 -4.44 -12.00
CA ASP C 23 -18.68 -4.92 -12.96
C ASP C 23 -17.35 -5.34 -12.34
N HIS C 24 -17.25 -5.31 -11.02
CA HIS C 24 -16.10 -5.91 -10.36
C HIS C 24 -16.57 -6.83 -9.21
N GLY C 25 -17.41 -7.79 -9.55
CA GLY C 25 -17.90 -8.77 -8.60
C GLY C 25 -18.57 -8.18 -7.37
N GLY C 26 -19.28 -7.06 -7.52
CA GLY C 26 -19.87 -6.38 -6.39
C GLY C 26 -18.92 -5.71 -5.41
N ALA C 27 -17.63 -5.61 -5.72
CA ALA C 27 -16.72 -4.91 -4.80
C ALA C 27 -17.19 -3.46 -4.58
N LEU C 28 -17.50 -3.10 -3.32
CA LEU C 28 -17.89 -1.72 -2.98
C LEU C 28 -16.75 -0.73 -3.26
N VAL C 29 -15.52 -1.11 -2.93
CA VAL C 29 -14.39 -0.29 -3.30
C VAL C 29 -13.74 -0.88 -4.54
N PRO C 30 -13.44 -0.07 -5.57
CA PRO C 30 -12.76 -0.60 -6.76
C PRO C 30 -11.43 -1.29 -6.39
N PRO C 31 -11.14 -2.50 -6.92
CA PRO C 31 -9.82 -3.12 -6.71
C PRO C 31 -8.76 -2.23 -7.31
N VAL C 32 -7.59 -2.18 -6.68
CA VAL C 32 -6.51 -1.39 -7.21
C VAL C 32 -5.70 -2.22 -8.23
N TYR C 33 -5.57 -1.64 -9.42
CA TYR C 33 -4.78 -2.26 -10.50
C TYR C 33 -3.30 -1.88 -10.39
N GLN C 34 -2.61 -2.45 -9.44
CA GLN C 34 -1.20 -2.22 -9.27
C GLN C 34 -0.50 -3.23 -10.15
N THR C 35 -0.50 -2.96 -11.44
CA THR C 35 0.15 -3.79 -12.45
C THR C 35 0.68 -2.83 -13.53
N ALA C 36 1.88 -3.05 -14.04
CA ALA C 36 2.51 -2.14 -14.98
C ALA C 36 2.04 -2.46 -16.37
N THR C 37 1.80 -3.74 -16.64
CA THR C 37 1.35 -4.10 -17.97
C THR C 37 0.08 -4.94 -18.07
N PHE C 38 -0.53 -4.89 -19.27
CA PHE C 38 -1.69 -5.66 -19.64
C PHE C 38 -1.40 -6.53 -20.87
N THR C 39 -2.03 -7.70 -20.86
CA THR C 39 -1.84 -8.73 -21.84
C THR C 39 -3.00 -8.68 -22.82
N PHE C 40 -2.77 -9.23 -24.02
CA PHE C 40 -3.78 -9.33 -25.08
C PHE C 40 -4.20 -10.79 -25.37
N PRO C 41 -5.50 -11.02 -25.68
CA PRO C 41 -5.98 -12.38 -26.00
C PRO C 41 -5.49 -12.93 -27.35
N THR C 42 -5.38 -12.05 -28.34
CA THR C 42 -4.89 -12.35 -29.70
C THR C 42 -4.16 -11.10 -30.19
N VAL C 43 -3.34 -11.24 -31.23
CA VAL C 43 -2.58 -10.11 -31.78
C VAL C 43 -3.41 -9.00 -32.47
N GLU C 44 -4.61 -9.33 -32.95
CA GLU C 44 -5.51 -8.31 -33.53
C GLU C 44 -6.11 -7.43 -32.45
N TYR C 45 -6.46 -8.03 -31.31
CA TYR C 45 -6.93 -7.27 -30.15
C TYR C 45 -5.84 -6.31 -29.67
N GLY C 46 -4.58 -6.70 -29.85
CA GLY C 46 -3.46 -5.84 -29.49
C GLY C 46 -3.22 -4.77 -30.52
N ALA C 47 -3.25 -5.18 -31.79
CA ALA C 47 -3.08 -4.30 -32.94
C ALA C 47 -4.10 -3.16 -32.90
N ALA C 48 -5.34 -3.50 -32.57
CA ALA C 48 -6.44 -2.53 -32.49
C ALA C 48 -6.40 -1.63 -31.23
N CYS C 49 -5.40 -1.83 -30.37
CA CYS C 49 -5.15 -0.86 -29.31
C CYS C 49 -4.23 0.22 -29.84
N PHE C 50 -3.32 -0.17 -30.73
CA PHE C 50 -2.41 0.78 -31.37
C PHE C 50 -3.05 1.38 -32.65
N ALA C 51 -4.38 1.24 -32.74
CA ALA C 51 -5.19 1.84 -33.81
C ALA C 51 -6.52 2.40 -33.27
N GLY C 52 -6.49 2.90 -32.04
CA GLY C 52 -7.63 3.55 -31.39
C GLY C 52 -8.81 2.64 -31.06
N GLU C 53 -9.67 2.43 -32.05
CA GLU C 53 -11.10 1.98 -31.91
C GLU C 53 -11.52 0.88 -30.91
N GLN C 54 -10.55 0.17 -30.33
CA GLN C 54 -10.83 -0.85 -29.30
C GLN C 54 -10.75 -0.27 -27.88
N ALA C 55 -11.75 -0.58 -27.06
CA ALA C 55 -11.74 -0.25 -25.62
C ALA C 55 -10.68 -1.08 -24.88
N GLY C 56 -10.02 -0.50 -23.88
CA GLY C 56 -9.02 -1.25 -23.10
C GLY C 56 -7.64 -0.61 -22.98
N HIS C 57 -6.69 -1.39 -22.50
CA HIS C 57 -5.39 -0.86 -22.04
C HIS C 57 -4.22 -1.74 -22.47
N PHE C 58 -3.01 -1.15 -22.47
CA PHE C 58 -1.74 -1.91 -22.74
C PHE C 58 -0.61 -1.68 -21.72
N TYR C 59 -0.62 -0.53 -21.05
CA TYR C 59 0.47 -0.13 -20.17
C TYR C 59 -0.08 0.80 -19.08
N SER C 60 0.65 0.93 -17.97
CA SER C 60 0.23 1.84 -16.88
C SER C 60 0.85 3.26 -16.98
N ARG C 61 1.75 3.45 -17.95
CA ARG C 61 2.23 4.79 -18.32
C ARG C 61 1.20 5.51 -19.21
N ILE C 62 0.38 4.73 -19.94
CA ILE C 62 -0.68 5.27 -20.82
C ILE C 62 -2.11 5.23 -20.22
N SER C 63 -2.57 4.09 -19.67
CA SER C 63 -4.03 3.86 -19.40
C SER C 63 -4.49 2.81 -18.33
N ASN C 64 -4.19 3.05 -17.05
CA ASN C 64 -4.64 2.14 -16.00
C ASN C 64 -6.13 2.38 -15.58
N PRO C 65 -6.91 1.31 -15.38
CA PRO C 65 -8.33 1.43 -14.98
C PRO C 65 -8.54 2.22 -13.69
N THR C 66 -7.72 1.94 -12.68
CA THR C 66 -7.74 2.68 -11.42
C THR C 66 -7.51 4.15 -11.72
N LEU C 67 -6.49 4.42 -12.51
CA LEU C 67 -6.25 5.74 -13.04
C LEU C 67 -7.42 6.33 -13.88
N ASN C 68 -8.12 5.50 -14.67
CA ASN C 68 -9.21 6.05 -15.46
C ASN C 68 -10.44 6.50 -14.64
N LEU C 69 -10.75 5.76 -13.58
CA LEU C 69 -11.77 6.15 -12.64
C LEU C 69 -11.47 7.51 -12.06
N LEU C 70 -10.24 7.72 -11.62
CA LEU C 70 -9.81 8.98 -11.05
C LEU C 70 -10.06 10.12 -12.02
N GLU C 71 -9.61 9.93 -13.25
CA GLU C 71 -9.74 10.92 -14.28
C GLU C 71 -11.20 11.14 -14.60
N ALA C 72 -11.98 10.07 -14.68
CA ALA C 72 -13.39 10.28 -14.99
C ALA C 72 -14.06 11.09 -13.87
N ARG C 73 -13.73 10.71 -12.64
CA ARG C 73 -14.32 11.29 -11.48
C ARG C 73 -13.94 12.74 -11.40
N MET C 74 -12.67 13.06 -11.68
CA MET C 74 -12.23 14.44 -11.63
C MET C 74 -12.85 15.28 -12.74
N ALA C 75 -12.91 14.70 -13.93
CA ALA C 75 -13.47 15.37 -15.08
C ALA C 75 -14.94 15.73 -14.75
N SER C 76 -15.66 14.81 -14.14
CA SER C 76 -16.99 15.10 -13.68
C SER C 76 -17.06 16.25 -12.65
N LEU C 77 -16.08 16.36 -11.76
CA LEU C 77 -16.17 17.36 -10.72
C LEU C 77 -15.78 18.74 -11.23
N GLU C 78 -14.83 18.80 -12.16
CA GLU C 78 -14.53 20.07 -12.80
C GLU C 78 -15.55 20.39 -13.88
N GLY C 79 -16.44 19.44 -14.14
CA GLY C 79 -17.46 19.55 -15.19
C GLY C 79 -16.90 19.45 -16.59
N GLY C 80 -15.69 18.89 -16.70
CA GLY C 80 -15.02 18.70 -17.99
C GLY C 80 -15.18 17.34 -18.62
N GLU C 81 -14.81 17.26 -19.89
CA GLU C 81 -15.03 16.07 -20.68
C GLU C 81 -14.04 14.95 -20.32
N ALA C 82 -12.75 15.25 -20.34
CA ALA C 82 -11.78 14.22 -20.08
C ALA C 82 -10.80 14.60 -18.96
N GLY C 83 -10.22 13.60 -18.28
CA GLY C 83 -9.23 13.87 -17.26
C GLY C 83 -7.94 13.09 -17.47
N LEU C 84 -6.84 13.62 -16.95
CA LEU C 84 -5.54 12.97 -17.02
C LEU C 84 -4.87 13.04 -15.64
N ALA C 85 -4.39 11.90 -15.13
CA ALA C 85 -3.72 11.82 -13.83
C ALA C 85 -2.19 11.64 -13.96
N LEU C 86 -1.42 12.44 -13.22
CA LEU C 86 0.03 12.43 -13.31
C LEU C 86 0.66 12.41 -11.94
N ALA C 87 1.97 12.17 -11.94
CA ALA C 87 2.71 11.85 -10.75
C ALA C 87 2.92 13.05 -9.79
N SER C 88 2.57 14.26 -10.23
CA SER C 88 2.67 15.47 -9.38
C SER C 88 2.10 16.65 -10.07
N GLY C 89 1.80 17.70 -9.29
CA GLY C 89 1.33 18.96 -9.88
C GLY C 89 2.25 19.49 -10.99
N MET C 90 3.54 19.46 -10.74
CA MET C 90 4.49 19.87 -11.76
C MET C 90 4.36 18.99 -12.97
N GLY C 91 4.06 17.70 -12.70
CA GLY C 91 3.79 16.70 -13.73
C GLY C 91 2.69 17.19 -14.64
N ALA C 92 1.65 17.77 -14.04
CA ALA C 92 0.46 18.21 -14.74
C ALA C 92 0.77 19.39 -15.63
N ILE C 93 1.46 20.39 -15.05
CA ILE C 93 1.86 21.62 -15.71
C ILE C 93 2.87 21.44 -16.85
N THR C 94 3.91 20.63 -16.63
CA THR C 94 4.93 20.42 -17.65
C THR C 94 4.38 19.54 -18.77
N SER C 95 3.81 18.40 -18.39
CA SER C 95 3.17 17.58 -19.41
C SER C 95 2.33 18.50 -20.27
N THR C 96 1.50 19.34 -19.65
CA THR C 96 0.57 20.21 -20.39
C THR C 96 1.26 21.21 -21.34
N LEU C 97 2.09 22.08 -20.78
CA LEU C 97 2.73 23.10 -21.61
C LEU C 97 3.70 22.53 -22.62
N TRP C 98 4.43 21.46 -22.26
CA TRP C 98 5.38 20.87 -23.19
C TRP C 98 4.60 20.50 -24.43
N THR C 99 3.33 20.18 -24.24
CA THR C 99 2.58 19.69 -25.37
C THR C 99 1.93 20.84 -26.16
N LEU C 100 1.55 21.92 -25.50
CA LEU C 100 0.88 23.01 -26.19
C LEU C 100 1.83 24.04 -26.81
N LEU C 101 3.13 23.94 -26.54
CA LEU C 101 4.01 25.02 -26.96
C LEU C 101 5.22 24.55 -27.74
N ARG C 102 5.63 25.39 -28.70
CA ARG C 102 6.81 25.11 -29.51
C ARG C 102 7.54 26.45 -29.69
N PRO C 103 8.84 26.43 -30.04
CA PRO C 103 9.61 27.70 -30.11
C PRO C 103 8.94 28.69 -31.02
N GLY C 104 8.92 29.95 -30.61
CA GLY C 104 8.23 30.99 -31.35
C GLY C 104 6.83 31.29 -30.84
N ASP C 105 6.22 30.34 -30.15
CA ASP C 105 4.98 30.61 -29.46
C ASP C 105 5.27 31.57 -28.32
N GLU C 106 4.26 32.31 -27.90
CA GLU C 106 4.37 33.21 -26.77
C GLU C 106 3.38 32.73 -25.73
N VAL C 107 3.83 32.67 -24.47
CA VAL C 107 2.92 32.37 -23.41
C VAL C 107 2.80 33.55 -22.46
N LEU C 108 1.58 34.07 -22.32
CA LEU C 108 1.23 35.07 -21.34
C LEU C 108 0.97 34.48 -19.95
N LEU C 109 1.55 35.12 -18.94
CA LEU C 109 1.62 34.59 -17.59
C LEU C 109 1.00 35.49 -16.53
N GLY C 110 0.39 34.89 -15.50
CA GLY C 110 -0.06 35.65 -14.32
C GLY C 110 1.14 36.37 -13.74
N ASN C 111 0.92 37.54 -13.14
CA ASN C 111 2.06 38.26 -12.53
C ASN C 111 2.81 37.50 -11.42
N THR C 112 2.11 36.58 -10.76
CA THR C 112 2.73 35.77 -9.71
C THR C 112 2.44 34.30 -9.87
N LEU C 113 3.44 33.49 -9.59
CA LEU C 113 3.38 32.09 -9.87
C LEU C 113 4.03 31.31 -8.75
N TYR C 114 3.42 30.19 -8.41
CA TYR C 114 4.07 29.17 -7.63
C TYR C 114 5.47 29.10 -8.23
N GLY C 115 6.50 29.22 -7.39
CA GLY C 115 7.89 29.29 -7.80
C GLY C 115 8.44 28.17 -8.67
N HIS C 116 8.02 26.94 -8.42
CA HIS C 116 8.48 25.86 -9.30
C HIS C 116 7.91 26.03 -10.71
N THR C 117 6.63 26.40 -10.81
CA THR C 117 6.08 26.84 -12.09
C THR C 117 7.05 27.86 -12.74
N PHE C 118 7.30 28.98 -12.03
CA PHE C 118 8.12 30.10 -12.51
C PHE C 118 9.47 29.59 -13.02
N ALA C 119 10.13 28.77 -12.21
CA ALA C 119 11.40 28.19 -12.62
C ALA C 119 11.27 27.34 -13.90
N PHE C 120 10.19 26.57 -14.00
CA PHE C 120 10.00 25.75 -15.17
C PHE C 120 9.87 26.65 -16.36
N LEU C 121 9.15 27.75 -16.19
CA LEU C 121 8.96 28.68 -17.28
C LEU C 121 10.26 29.44 -17.66
N HIS C 122 10.89 30.17 -16.74
CA HIS C 122 12.10 30.96 -17.07
C HIS C 122 13.40 30.16 -17.24
N HIS C 123 13.53 29.00 -16.61
CA HIS C 123 14.78 28.22 -16.72
C HIS C 123 14.57 26.90 -17.46
N GLY C 124 13.31 26.55 -17.73
CA GLY C 124 12.97 25.36 -18.51
C GLY C 124 12.58 25.65 -19.97
N ILE C 125 11.28 25.63 -20.27
CA ILE C 125 10.76 25.85 -21.66
C ILE C 125 11.23 27.19 -22.22
N GLY C 126 11.36 28.19 -21.33
CA GLY C 126 11.75 29.56 -21.71
C GLY C 126 13.15 29.62 -22.29
N GLU C 127 14.01 28.71 -21.82
CA GLU C 127 15.32 28.43 -22.43
C GLU C 127 15.27 27.60 -23.73
N PHE C 128 14.11 27.12 -24.13
CA PHE C 128 14.03 26.37 -25.38
C PHE C 128 13.31 27.15 -26.52
N GLY C 129 13.37 28.49 -26.46
CA GLY C 129 12.89 29.36 -27.53
C GLY C 129 11.44 29.78 -27.41
N VAL C 130 10.85 29.55 -26.24
CA VAL C 130 9.46 29.86 -26.02
C VAL C 130 9.45 31.14 -25.27
N LYS C 131 8.71 32.13 -25.79
CA LYS C 131 8.64 33.48 -25.23
C LYS C 131 7.62 33.65 -24.10
N LEU C 132 8.04 34.30 -23.01
CA LEU C 132 7.17 34.60 -21.86
C LEU C 132 6.83 36.06 -21.75
N ARG C 133 5.65 36.35 -21.21
CA ARG C 133 5.41 37.68 -20.69
C ARG C 133 4.37 37.65 -19.59
N HIS C 134 4.71 38.34 -18.49
CA HIS C 134 3.85 38.44 -17.33
C HIS C 134 2.94 39.62 -17.52
N VAL C 135 1.66 39.44 -17.22
CA VAL C 135 0.71 40.54 -17.21
C VAL C 135 -0.10 40.45 -15.92
N ASP C 136 -0.74 41.55 -15.54
CA ASP C 136 -1.74 41.53 -14.49
C ASP C 136 -3.06 41.06 -15.12
N MET C 137 -3.38 39.79 -14.88
CA MET C 137 -4.60 39.11 -15.40
C MET C 137 -5.91 39.70 -14.88
N ALA C 138 -5.83 40.65 -13.95
CA ALA C 138 -7.04 41.29 -13.42
C ALA C 138 -7.34 42.58 -14.15
N ASP C 139 -6.39 43.01 -14.99
CA ASP C 139 -6.49 44.24 -15.75
C ASP C 139 -6.70 43.86 -17.21
N LEU C 140 -7.97 43.80 -17.61
CA LEU C 140 -8.35 43.33 -18.95
C LEU C 140 -7.80 44.20 -20.11
N GLN C 141 -7.81 45.52 -19.93
CA GLN C 141 -7.17 46.43 -20.87
C GLN C 141 -5.73 46.03 -21.07
N ALA C 142 -5.01 45.80 -19.97
CA ALA C 142 -3.57 45.44 -20.06
C ALA C 142 -3.32 44.13 -20.78
N LEU C 143 -4.24 43.20 -20.60
CA LEU C 143 -4.17 41.88 -21.22
C LEU C 143 -4.43 41.95 -22.73
N GLU C 144 -5.57 42.49 -23.14
CA GLU C 144 -5.85 42.61 -24.59
C GLU C 144 -4.67 43.31 -25.29
N ALA C 145 -4.06 44.27 -24.61
CA ALA C 145 -2.85 44.97 -25.05
C ALA C 145 -1.60 44.08 -25.11
N ALA C 146 -1.58 42.95 -24.44
CA ALA C 146 -0.39 42.10 -24.48
C ALA C 146 -0.56 40.96 -25.43
N MET C 147 -1.78 40.78 -25.93
CA MET C 147 -2.09 39.79 -26.96
C MET C 147 -1.39 40.10 -28.27
N THR C 148 -0.72 39.09 -28.82
CA THR C 148 -0.13 39.13 -30.15
C THR C 148 -0.58 37.89 -30.99
N PRO C 149 -0.37 37.95 -32.34
CA PRO C 149 -0.39 36.74 -33.22
C PRO C 149 0.31 35.56 -32.57
N ALA C 150 1.45 35.81 -31.90
CA ALA C 150 2.29 34.69 -31.37
C ALA C 150 1.78 34.06 -30.04
N THR C 151 0.80 34.69 -29.41
CA THR C 151 0.26 34.25 -28.12
C THR C 151 -0.52 32.96 -28.26
N ARG C 152 0.07 31.84 -27.85
CA ARG C 152 -0.58 30.55 -27.96
C ARG C 152 -1.34 30.12 -26.72
N VAL C 153 -0.82 30.49 -25.54
CA VAL C 153 -1.47 30.11 -24.28
C VAL C 153 -1.34 31.21 -23.19
N ILE C 154 -2.45 31.45 -22.48
CA ILE C 154 -2.49 32.25 -21.26
C ILE C 154 -2.59 31.31 -20.08
N TYR C 155 -1.70 31.50 -19.12
CA TYR C 155 -1.63 30.61 -17.98
C TYR C 155 -1.56 31.44 -16.70
N PHE C 156 -2.40 31.10 -15.72
CA PHE C 156 -2.36 31.74 -14.42
C PHE C 156 -2.95 30.86 -13.30
N GLU C 157 -2.62 31.17 -12.04
CA GLU C 157 -3.32 30.60 -10.89
C GLU C 157 -4.35 31.61 -10.47
N SER C 158 -5.43 31.16 -9.84
CA SER C 158 -6.40 32.10 -9.30
C SER C 158 -7.17 31.42 -8.21
N PRO C 159 -7.09 31.90 -6.95
CA PRO C 159 -6.18 32.92 -6.45
C PRO C 159 -4.75 32.48 -6.67
N ALA C 160 -3.89 33.49 -6.75
CA ALA C 160 -2.48 33.29 -6.96
C ALA C 160 -1.67 33.65 -5.72
N ASN C 161 -0.58 32.90 -5.53
CA ASN C 161 0.47 33.35 -4.63
C ASN C 161 0.97 34.71 -5.00
N PRO C 162 1.45 35.48 -4.02
CA PRO C 162 1.48 35.11 -2.63
C PRO C 162 0.35 35.78 -1.83
N ASN C 163 -0.22 36.88 -2.36
CA ASN C 163 -1.23 37.61 -1.65
C ASN C 163 -2.66 37.43 -2.12
N MET C 164 -2.94 36.27 -2.73
CA MET C 164 -4.29 35.81 -3.10
C MET C 164 -4.91 36.49 -4.31
N HIS C 165 -4.12 37.21 -5.09
CA HIS C 165 -4.58 37.97 -6.25
C HIS C 165 -5.38 37.08 -7.24
N MET C 166 -6.48 37.65 -7.77
CA MET C 166 -7.38 36.87 -8.59
C MET C 166 -7.50 37.37 -9.97
N ALA C 167 -8.09 36.55 -10.82
CA ALA C 167 -8.31 36.89 -12.21
C ALA C 167 -9.76 36.68 -12.52
N ASP C 168 -10.34 37.58 -13.32
CA ASP C 168 -11.69 37.32 -13.86
C ASP C 168 -11.56 36.31 -14.98
N ILE C 169 -11.78 35.03 -14.66
CA ILE C 169 -11.61 33.93 -15.63
C ILE C 169 -12.42 34.11 -16.93
N ALA C 170 -13.71 34.38 -16.80
CA ALA C 170 -14.55 34.57 -17.96
C ALA C 170 -14.06 35.75 -18.75
N GLY C 171 -13.65 36.79 -18.04
CA GLY C 171 -13.14 37.99 -18.65
C GLY C 171 -11.96 37.66 -19.53
N VAL C 172 -11.00 36.87 -19.04
CA VAL C 172 -9.80 36.61 -19.87
C VAL C 172 -10.10 35.62 -20.96
N ALA C 173 -11.03 34.71 -20.69
CA ALA C 173 -11.49 33.74 -21.66
C ALA C 173 -12.13 34.48 -22.87
N LYS C 174 -12.94 35.53 -22.61
CA LYS C 174 -13.37 36.43 -23.70
C LYS C 174 -12.19 36.88 -24.52
N ILE C 175 -11.18 37.40 -23.85
CA ILE C 175 -10.01 37.87 -24.59
C ILE C 175 -9.33 36.71 -25.33
N ALA C 176 -9.20 35.56 -24.67
CA ALA C 176 -8.63 34.38 -25.33
C ALA C 176 -9.44 33.97 -26.57
N ARG C 177 -10.75 33.94 -26.39
CA ARG C 177 -11.68 33.55 -27.44
C ARG C 177 -11.60 34.50 -28.67
N LYS C 178 -11.54 35.81 -28.42
CA LYS C 178 -11.20 36.82 -29.42
C LYS C 178 -9.97 36.41 -30.24
N HIS C 179 -8.79 36.37 -29.61
CA HIS C 179 -7.50 36.17 -30.32
C HIS C 179 -7.08 34.74 -30.69
N GLY C 180 -7.77 33.73 -30.21
CA GLY C 180 -7.38 32.34 -30.44
C GLY C 180 -6.23 31.86 -29.55
N ALA C 181 -6.34 32.08 -28.25
CA ALA C 181 -5.41 31.45 -27.32
C ALA C 181 -6.11 30.39 -26.48
N THR C 182 -5.33 29.47 -25.92
CA THR C 182 -5.83 28.46 -24.98
C THR C 182 -5.68 28.96 -23.53
N VAL C 183 -6.76 29.18 -22.80
CA VAL C 183 -6.62 29.55 -21.37
C VAL C 183 -6.32 28.30 -20.52
N VAL C 184 -5.27 28.34 -19.71
CA VAL C 184 -5.08 27.23 -18.77
C VAL C 184 -4.90 27.70 -17.31
N VAL C 185 -5.70 27.15 -16.39
CA VAL C 185 -5.79 27.71 -15.05
C VAL C 185 -5.37 26.70 -13.98
N ASP C 186 -4.41 27.08 -13.17
CA ASP C 186 -4.08 26.28 -12.01
C ASP C 186 -5.18 26.56 -10.98
N ASN C 187 -6.02 25.56 -10.73
CA ASN C 187 -7.14 25.62 -9.82
C ASN C 187 -6.79 24.88 -8.52
N THR C 188 -5.50 24.74 -8.23
CA THR C 188 -5.11 24.03 -7.01
C THR C 188 -5.81 24.53 -5.73
N TYR C 189 -5.85 25.84 -5.52
CA TYR C 189 -6.34 26.39 -4.26
C TYR C 189 -7.82 26.22 -4.05
N CYS C 190 -8.59 26.17 -5.10
CA CYS C 190 -10.02 26.12 -4.79
C CYS C 190 -10.55 24.71 -4.78
N THR C 191 -10.00 23.86 -5.65
CA THR C 191 -10.65 22.60 -6.04
C THR C 191 -11.95 22.83 -6.81
N PRO C 192 -12.44 21.83 -7.57
CA PRO C 192 -13.70 21.96 -8.29
C PRO C 192 -14.85 22.21 -7.36
N TYR C 193 -14.64 21.97 -6.08
CA TYR C 193 -15.70 22.17 -5.11
C TYR C 193 -16.02 23.64 -4.92
N LEU C 194 -15.03 24.52 -5.04
CA LEU C 194 -15.27 25.97 -4.87
C LEU C 194 -15.24 26.76 -6.15
N GLN C 195 -14.59 26.23 -7.20
CA GLN C 195 -14.45 27.01 -8.42
C GLN C 195 -14.12 26.16 -9.63
N ARG C 196 -14.80 26.43 -10.74
CA ARG C 196 -14.69 25.57 -11.89
C ARG C 196 -14.44 26.39 -13.12
N PRO C 197 -13.16 26.59 -13.48
CA PRO C 197 -12.83 27.51 -14.54
C PRO C 197 -13.25 27.03 -15.89
N LEU C 198 -13.33 25.73 -16.07
CA LEU C 198 -13.87 25.17 -17.30
C LEU C 198 -15.26 25.77 -17.52
N GLU C 199 -16.02 25.92 -16.44
CA GLU C 199 -17.39 26.44 -16.55
C GLU C 199 -17.42 27.93 -16.78
N LEU C 200 -16.25 28.57 -16.68
CA LEU C 200 -16.10 30.01 -16.89
C LEU C 200 -15.33 30.33 -18.19
N GLY C 201 -15.07 29.33 -19.03
CA GLY C 201 -14.40 29.56 -20.30
C GLY C 201 -12.97 29.07 -20.45
N ALA C 202 -12.34 28.63 -19.36
CA ALA C 202 -10.98 28.04 -19.49
C ALA C 202 -10.98 26.84 -20.42
N ASP C 203 -9.81 26.53 -20.94
CA ASP C 203 -9.68 25.38 -21.82
C ASP C 203 -9.22 24.16 -21.06
N LEU C 204 -8.28 24.39 -20.13
CA LEU C 204 -7.75 23.38 -19.23
C LEU C 204 -7.73 23.88 -17.80
N VAL C 205 -7.86 22.94 -16.87
CA VAL C 205 -7.51 23.21 -15.49
C VAL C 205 -6.49 22.22 -14.97
N VAL C 206 -5.56 22.69 -14.16
CA VAL C 206 -4.56 21.81 -13.58
C VAL C 206 -4.60 21.88 -12.07
N HIS C 207 -4.23 20.78 -11.42
CA HIS C 207 -4.20 20.66 -9.97
C HIS C 207 -2.94 19.94 -9.55
N SER C 208 -2.31 20.42 -8.48
CA SER C 208 -1.51 19.60 -7.61
C SER C 208 -2.50 18.86 -6.71
N ALA C 209 -2.77 17.60 -7.03
CA ALA C 209 -3.69 16.83 -6.21
C ALA C 209 -3.01 16.51 -4.86
N THR C 210 -1.69 16.72 -4.81
CA THR C 210 -0.95 16.66 -3.56
C THR C 210 -1.62 17.42 -2.40
N1 LLP C 211 0.72 24.58 -8.15
C2 LLP C 211 0.27 25.03 -6.98
C2' LLP C 211 -0.62 26.11 -6.93
C3 LLP C 211 0.72 24.37 -5.82
O3 LLP C 211 0.28 24.80 -4.60
C4 LLP C 211 1.63 23.30 -5.82
C4' LLP C 211 2.03 22.73 -4.58
C5 LLP C 211 2.11 22.85 -7.11
C6 LLP C 211 1.63 23.51 -8.23
C5' LLP C 211 3.04 21.80 -7.31
OP4 LLP C 211 2.47 20.50 -7.10
P LLP C 211 3.30 19.23 -6.72
OP1 LLP C 211 2.24 18.22 -6.66
OP2 LLP C 211 3.96 19.55 -5.40
OP3 LLP C 211 4.23 19.11 -7.85
N LLP C 211 -2.41 18.45 -2.72
CA LLP C 211 -2.93 19.36 -1.67
CB LLP C 211 -2.71 20.86 -1.94
CG LLP C 211 -1.46 21.16 -2.80
CD LLP C 211 -0.15 20.65 -2.19
CE LLP C 211 1.13 21.42 -2.69
NZ LLP C 211 0.90 22.52 -3.65
C LLP C 211 -4.37 18.99 -1.32
O LLP C 211 -4.65 17.83 -1.17
N TYR C 212 -5.30 19.92 -1.23
CA TYR C 212 -6.65 19.62 -0.78
C TYR C 212 -7.31 18.39 -1.41
N LEU C 213 -7.03 18.16 -2.66
CA LEU C 213 -7.73 17.10 -3.36
C LEU C 213 -7.52 15.78 -2.57
N SER C 214 -6.25 15.46 -2.28
CA SER C 214 -5.90 14.35 -1.45
C SER C 214 -6.28 14.62 0.00
N GLY C 215 -5.98 15.82 0.47
CA GLY C 215 -6.40 16.24 1.78
C GLY C 215 -5.65 15.70 2.98
N HIS C 216 -4.81 14.68 2.80
CA HIS C 216 -4.14 14.01 3.92
C HIS C 216 -2.62 13.98 3.88
N GLY C 217 -2.08 14.67 2.87
CA GLY C 217 -0.66 14.96 2.85
C GLY C 217 0.20 13.73 2.62
N ASP C 218 -0.39 12.61 2.21
CA ASP C 218 0.41 11.42 2.13
C ASP C 218 0.78 11.00 0.73
N ILE C 219 0.25 11.65 -0.28
CA ILE C 219 0.64 11.32 -1.64
C ILE C 219 1.00 12.57 -2.41
N THR C 220 1.79 12.35 -3.46
CA THR C 220 2.11 13.39 -4.45
C THR C 220 1.40 13.05 -5.74
N ALA C 221 0.68 14.03 -6.30
CA ALA C 221 -0.15 13.79 -7.52
C ALA C 221 -0.63 15.03 -8.26
N GLY C 222 -0.83 14.85 -9.55
CA GLY C 222 -1.30 15.93 -10.43
C GLY C 222 -2.53 15.52 -11.21
N ILE C 223 -3.36 16.52 -11.54
CA ILE C 223 -4.55 16.33 -12.40
C ILE C 223 -4.62 17.38 -13.49
N VAL C 224 -5.02 16.95 -14.67
CA VAL C 224 -5.39 17.84 -15.77
C VAL C 224 -6.79 17.46 -16.18
N VAL C 225 -7.64 18.49 -16.39
CA VAL C 225 -9.00 18.31 -16.94
C VAL C 225 -9.26 19.32 -18.06
N GLY C 226 -9.91 18.85 -19.13
CA GLY C 226 -10.29 19.67 -20.27
C GLY C 226 -10.99 18.81 -21.29
N SER C 227 -11.01 19.28 -22.54
CA SER C 227 -11.67 18.54 -23.61
C SER C 227 -10.87 17.29 -23.98
N GLN C 228 -11.60 16.25 -24.42
CA GLN C 228 -11.02 15.01 -24.90
C GLN C 228 -9.84 15.25 -25.88
N ALA C 229 -10.08 16.12 -26.87
CA ALA C 229 -9.07 16.56 -27.85
C ALA C 229 -7.78 17.07 -27.25
N LEU C 230 -7.89 17.81 -26.16
CA LEU C 230 -6.70 18.40 -25.53
C LEU C 230 -6.01 17.42 -24.62
N VAL C 231 -6.77 16.75 -23.77
CA VAL C 231 -6.19 15.78 -22.84
C VAL C 231 -5.54 14.61 -23.60
N ASP C 232 -6.16 14.16 -24.69
CA ASP C 232 -5.53 13.14 -25.53
C ASP C 232 -4.17 13.54 -26.09
N ARG C 233 -4.00 14.81 -26.49
CA ARG C 233 -2.68 15.27 -26.90
C ARG C 233 -1.75 15.30 -25.71
N ILE C 234 -2.21 15.92 -24.61
CA ILE C 234 -1.39 15.93 -23.39
C ILE C 234 -0.98 14.53 -22.93
N ARG C 235 -1.93 13.58 -22.87
CA ARG C 235 -1.63 12.18 -22.54
C ARG C 235 -0.51 11.61 -23.42
N LEU C 236 -0.76 11.61 -24.73
CA LEU C 236 0.01 10.86 -25.74
C LEU C 236 1.37 11.49 -26.05
N GLN C 237 1.48 12.81 -25.84
CA GLN C 237 2.79 13.44 -25.99
C GLN C 237 3.38 13.96 -24.70
N GLY C 238 2.65 14.82 -24.01
CA GLY C 238 3.18 15.40 -22.78
C GLY C 238 3.63 14.36 -21.76
N LEU C 239 2.73 13.42 -21.49
CA LEU C 239 2.94 12.44 -20.44
C LEU C 239 3.77 11.28 -20.95
N LYS C 240 3.38 10.72 -22.09
CA LYS C 240 3.99 9.45 -22.49
C LYS C 240 5.43 9.65 -23.04
N ASP C 241 5.68 10.81 -23.64
CA ASP C 241 6.94 11.09 -24.34
C ASP C 241 7.84 12.05 -23.61
N MET C 242 7.28 13.06 -22.93
CA MET C 242 8.11 14.21 -22.53
C MET C 242 8.38 14.37 -21.02
N THR C 243 7.65 13.62 -20.24
CA THR C 243 7.62 13.84 -18.82
C THR C 243 7.80 12.54 -18.03
N GLY C 244 7.06 11.49 -18.46
CA GLY C 244 7.10 10.19 -17.80
C GLY C 244 6.57 10.25 -16.38
N ALA C 245 5.85 11.35 -16.09
CA ALA C 245 5.28 11.58 -14.76
C ALA C 245 4.02 10.77 -14.57
N VAL C 246 4.21 9.46 -14.47
CA VAL C 246 3.15 8.47 -14.24
C VAL C 246 2.74 8.40 -12.77
N LEU C 247 1.44 8.43 -12.53
CA LEU C 247 0.89 8.30 -11.19
C LEU C 247 0.80 6.84 -10.85
N SER C 248 1.24 6.51 -9.63
CA SER C 248 1.12 5.17 -9.09
C SER C 248 -0.35 4.88 -8.87
N PRO C 249 -0.80 3.68 -9.30
CA PRO C 249 -2.20 3.27 -9.02
C PRO C 249 -2.46 3.25 -7.51
N HIS C 250 -1.43 2.92 -6.73
CA HIS C 250 -1.58 2.96 -5.29
C HIS C 250 -1.95 4.38 -4.85
N ASP C 251 -1.17 5.36 -5.31
CA ASP C 251 -1.42 6.76 -4.99
C ASP C 251 -2.76 7.30 -5.57
N ALA C 252 -3.12 6.87 -6.80
CA ALA C 252 -4.40 7.15 -7.39
C ALA C 252 -5.54 6.74 -6.48
N ALA C 253 -5.41 5.56 -5.89
CA ALA C 253 -6.47 5.04 -5.02
C ALA C 253 -6.59 5.87 -3.74
N LEU C 254 -5.48 6.18 -3.09
CA LEU C 254 -5.52 7.09 -1.94
C LEU C 254 -6.10 8.45 -2.27
N LEU C 255 -5.79 8.98 -3.47
CA LEU C 255 -6.44 10.23 -3.95
C LEU C 255 -7.98 10.09 -4.02
N MET C 256 -8.50 9.05 -4.69
CA MET C 256 -9.94 8.78 -4.67
C MET C 256 -10.50 8.75 -3.26
N ARG C 257 -9.76 8.09 -2.35
CA ARG C 257 -10.21 8.03 -0.96
C ARG C 257 -10.39 9.44 -0.36
N GLY C 258 -9.36 10.28 -0.43
CA GLY C 258 -9.48 11.68 0.01
C GLY C 258 -10.57 12.48 -0.73
N ILE C 259 -10.71 12.24 -2.04
CA ILE C 259 -11.66 12.99 -2.78
C ILE C 259 -13.04 12.78 -2.23
N LYS C 260 -13.32 11.61 -1.67
CA LYS C 260 -14.66 11.34 -1.12
C LYS C 260 -15.11 12.23 0.01
N THR C 261 -14.18 12.84 0.75
CA THR C 261 -14.58 13.72 1.84
C THR C 261 -14.29 15.17 1.48
N LEU C 262 -13.94 15.37 0.22
CA LEU C 262 -13.51 16.70 -0.21
C LEU C 262 -14.49 17.82 0.22
N ASN C 263 -15.77 17.68 -0.08
CA ASN C 263 -16.78 18.66 0.24
C ASN C 263 -16.84 18.94 1.75
N LEU C 264 -16.75 17.88 2.55
CA LEU C 264 -16.70 18.05 4.01
C LEU C 264 -15.44 18.78 4.46
N ARG C 265 -14.27 18.37 3.96
CA ARG C 265 -13.03 18.98 4.41
C ARG C 265 -12.97 20.47 4.04
N MET C 266 -13.25 20.80 2.77
CA MET C 266 -13.26 22.21 2.37
C MET C 266 -14.30 22.98 3.20
N ASP C 267 -15.49 22.44 3.40
CA ASP C 267 -16.42 23.19 4.22
C ASP C 267 -15.74 23.62 5.51
N ARG C 268 -15.02 22.69 6.13
CA ARG C 268 -14.38 22.98 7.38
C ARG C 268 -13.14 23.90 7.25
N HIS C 269 -12.33 23.64 6.22
CA HIS C 269 -11.16 24.44 5.88
C HIS C 269 -11.58 25.89 5.74
N CYS C 270 -12.70 26.11 5.05
CA CYS C 270 -13.28 27.45 4.87
C CYS C 270 -13.86 28.13 6.12
N ALA C 271 -14.56 27.38 6.95
CA ALA C 271 -15.15 27.97 8.14
C ALA C 271 -14.07 28.30 9.18
N ASN C 272 -13.07 27.45 9.29
CA ASN C 272 -11.94 27.69 10.19
C ASN C 272 -11.17 28.93 9.72
N ALA C 273 -10.88 29.03 8.43
CA ALA C 273 -10.07 30.17 7.92
C ALA C 273 -10.82 31.49 8.12
N GLN C 274 -12.13 31.49 7.81
CA GLN C 274 -12.98 32.63 8.12
C GLN C 274 -12.80 33.12 9.55
N VAL C 275 -12.92 32.22 10.53
CA VAL C 275 -12.78 32.63 11.91
C VAL C 275 -11.39 33.19 12.17
N LEU C 276 -10.38 32.53 11.59
CA LEU C 276 -9.00 32.95 11.75
C LEU C 276 -8.69 34.27 11.06
N ALA C 277 -9.24 34.46 9.87
CA ALA C 277 -9.07 35.75 9.18
C ALA C 277 -9.73 36.91 9.98
N GLU C 278 -11.00 36.75 10.40
CA GLU C 278 -11.70 37.76 11.19
C GLU C 278 -10.89 38.05 12.46
N PHE C 279 -10.24 37.00 12.99
CA PHE C 279 -9.39 37.18 14.18
C PHE C 279 -8.16 38.06 13.93
N LEU C 280 -7.38 37.68 12.93
CA LEU C 280 -6.14 38.36 12.59
C LEU C 280 -6.34 39.85 12.28
N ALA C 281 -7.44 40.15 11.63
CA ALA C 281 -7.68 41.50 11.20
C ALA C 281 -7.81 42.45 12.40
N ARG C 282 -8.20 41.94 13.57
CA ARG C 282 -8.31 42.79 14.78
C ARG C 282 -6.99 42.86 15.56
N GLN C 283 -5.96 42.14 15.14
CA GLN C 283 -4.77 42.03 16.00
C GLN C 283 -3.75 43.14 15.76
N PRO C 284 -3.13 43.63 16.86
CA PRO C 284 -2.21 44.79 16.76
C PRO C 284 -0.89 44.53 16.01
N GLN C 285 -0.55 43.27 15.75
CA GLN C 285 0.76 42.93 15.19
C GLN C 285 0.63 42.79 13.68
N VAL C 286 -0.62 42.72 13.22
CA VAL C 286 -0.93 42.52 11.80
C VAL C 286 -1.12 43.84 11.04
N GLU C 287 -0.38 44.01 9.93
CA GLU C 287 -0.36 45.27 9.18
C GLU C 287 -1.40 45.26 8.05
N LEU C 288 -1.43 44.17 7.27
CA LEU C 288 -2.51 43.91 6.31
C LEU C 288 -2.82 42.43 6.35
N ILE C 289 -4.07 42.12 6.00
CA ILE C 289 -4.47 40.74 5.74
C ILE C 289 -5.15 40.57 4.37
N HIS C 290 -4.78 39.49 3.68
CA HIS C 290 -5.45 39.04 2.46
C HIS C 290 -6.25 37.77 2.64
N TYR C 291 -7.54 37.89 2.91
CA TYR C 291 -8.44 36.74 2.86
C TYR C 291 -9.65 37.07 2.00
N PRO C 292 -9.98 36.19 1.05
CA PRO C 292 -11.09 36.54 0.19
C PRO C 292 -12.43 36.67 0.91
N GLY C 293 -12.55 36.16 2.14
CA GLY C 293 -13.81 36.24 2.90
C GLY C 293 -14.03 37.54 3.67
N LEU C 294 -13.04 38.41 3.66
CA LEU C 294 -13.10 39.67 4.33
C LEU C 294 -13.52 40.75 3.34
N ALA C 295 -14.59 41.47 3.65
CA ALA C 295 -14.94 42.69 2.93
C ALA C 295 -13.74 43.60 2.58
N SER C 296 -12.75 43.70 3.45
CA SER C 296 -11.60 44.51 3.12
C SER C 296 -10.81 43.95 1.91
N PHE C 297 -11.14 42.77 1.43
CA PHE C 297 -10.44 42.17 0.28
C PHE C 297 -10.58 43.03 -0.99
N PRO C 298 -9.45 43.35 -1.64
CA PRO C 298 -9.55 44.20 -2.83
C PRO C 298 -10.51 43.65 -3.90
N GLN C 299 -10.46 42.35 -4.19
CA GLN C 299 -11.36 41.80 -5.22
C GLN C 299 -12.45 40.93 -4.58
N TYR C 300 -13.01 41.46 -3.50
CA TYR C 300 -14.13 40.83 -2.79
C TYR C 300 -15.27 40.45 -3.71
N THR C 301 -15.72 41.40 -4.52
CA THR C 301 -16.86 41.13 -5.41
C THR C 301 -16.57 40.03 -6.43
N LEU C 302 -15.34 40.02 -6.98
CA LEU C 302 -14.93 38.97 -7.88
C LEU C 302 -14.92 37.64 -7.14
N ALA C 303 -14.32 37.61 -5.95
CA ALA C 303 -14.31 36.40 -5.11
C ALA C 303 -15.68 35.74 -4.89
N ARG C 304 -16.71 36.51 -4.53
CA ARG C 304 -18.03 35.91 -4.30
C ARG C 304 -18.69 35.47 -5.60
N GLN C 305 -18.24 36.08 -6.68
CA GLN C 305 -18.72 35.81 -8.01
C GLN C 305 -18.18 34.49 -8.56
N GLN C 306 -16.87 34.20 -8.42
CA GLN C 306 -16.23 33.02 -9.03
C GLN C 306 -16.03 31.84 -8.08
N MET C 307 -15.84 32.13 -6.79
CA MET C 307 -15.67 31.09 -5.77
C MET C 307 -16.93 31.00 -4.88
N SER C 308 -17.42 29.78 -4.67
CA SER C 308 -18.60 29.62 -3.81
C SER C 308 -18.29 29.73 -2.31
N GLN C 309 -17.02 29.60 -1.94
CA GLN C 309 -16.58 29.80 -0.56
C GLN C 309 -15.17 30.37 -0.56
N PRO C 310 -14.81 31.16 0.45
CA PRO C 310 -13.60 32.03 0.44
C PRO C 310 -12.24 31.31 0.49
N GLY C 311 -12.28 30.00 0.73
CA GLY C 311 -11.06 29.18 0.70
C GLY C 311 -10.34 28.96 2.03
N GLY C 312 -9.27 28.15 1.99
CA GLY C 312 -8.59 27.70 3.19
C GLY C 312 -7.31 28.44 3.55
N MET C 313 -6.83 29.30 2.65
CA MET C 313 -5.52 29.92 2.76
C MET C 313 -5.63 31.37 3.21
N ILE C 314 -4.77 31.78 4.15
CA ILE C 314 -4.69 33.19 4.55
C ILE C 314 -3.29 33.74 4.27
N ALA C 315 -3.22 34.98 3.80
CA ALA C 315 -1.95 35.71 3.71
C ALA C 315 -2.06 36.96 4.54
N PHE C 316 -1.09 37.16 5.43
CA PHE C 316 -1.08 38.40 6.20
C PHE C 316 0.32 38.91 6.31
N GLU C 317 0.47 40.19 6.66
CA GLU C 317 1.83 40.75 6.86
C GLU C 317 1.95 41.17 8.31
N LEU C 318 3.12 40.95 8.90
CA LEU C 318 3.36 41.40 10.27
C LEU C 318 4.01 42.78 10.31
N LYS C 319 3.51 43.67 11.16
CA LYS C 319 4.14 45.01 11.28
C LYS C 319 5.67 44.93 11.45
N GLY C 320 6.15 44.04 12.32
CA GLY C 320 7.57 43.96 12.65
C GLY C 320 8.50 43.47 11.54
N GLY C 321 8.00 43.32 10.31
CA GLY C 321 8.84 42.85 9.21
C GLY C 321 9.50 41.46 9.31
N ILE C 322 10.60 41.26 8.58
CA ILE C 322 11.23 39.94 8.47
C ILE C 322 11.48 39.29 9.85
N GLY C 323 12.01 40.09 10.78
CA GLY C 323 12.26 39.67 12.16
C GLY C 323 11.04 39.13 12.87
N ALA C 324 9.90 39.80 12.71
CA ALA C 324 8.64 39.37 13.38
C ALA C 324 8.14 38.02 12.85
N GLY C 325 8.36 37.82 11.57
CA GLY C 325 7.91 36.63 10.87
C GLY C 325 8.62 35.39 11.35
N ARG C 326 9.96 35.40 11.44
CA ARG C 326 10.70 34.23 11.97
C ARG C 326 10.19 33.88 13.34
N ARG C 327 10.14 34.89 14.20
CA ARG C 327 9.61 34.77 15.55
C ARG C 327 8.21 34.18 15.58
N PHE C 328 7.30 34.65 14.75
CA PHE C 328 5.97 34.06 14.66
C PHE C 328 6.11 32.57 14.29
N MET C 329 6.90 32.35 13.26
CA MET C 329 6.98 31.04 12.67
C MET C 329 7.50 30.02 13.66
N ASN C 330 8.49 30.43 14.44
CA ASN C 330 9.17 29.56 15.37
C ASN C 330 8.41 29.35 16.63
N ALA C 331 7.43 30.19 16.88
CA ALA C 331 6.66 30.12 18.10
C ALA C 331 5.51 29.10 17.92
N LEU C 332 5.07 28.90 16.68
CA LEU C 332 3.97 27.99 16.43
C LEU C 332 4.20 26.60 17.01
N GLN C 333 3.16 26.02 17.62
CA GLN C 333 3.26 24.73 18.29
C GLN C 333 2.22 23.76 17.72
N LEU C 334 1.12 24.29 17.22
CA LEU C 334 0.14 23.42 16.59
C LEU C 334 0.32 23.42 15.06
N PHE C 335 0.21 24.58 14.40
CA PHE C 335 0.67 24.73 13.01
C PHE C 335 2.08 24.16 12.83
N SER C 336 2.46 23.81 11.62
CA SER C 336 3.80 23.35 11.39
C SER C 336 4.44 24.27 10.41
N ARG C 337 5.75 24.40 10.52
CA ARG C 337 6.52 25.12 9.54
C ARG C 337 6.76 24.13 8.43
N ALA C 338 6.16 24.41 7.28
CA ALA C 338 6.30 23.55 6.13
C ALA C 338 5.85 24.32 4.91
N VAL C 339 6.38 23.98 3.74
CA VAL C 339 5.82 24.53 2.51
C VAL C 339 4.67 23.59 2.18
N SER C 340 3.75 23.96 1.31
CA SER C 340 2.59 23.07 1.11
C SER C 340 1.34 23.52 1.84
N LEU C 341 0.19 23.01 1.38
CA LEU C 341 -1.09 23.39 1.92
C LEU C 341 -2.10 22.27 1.75
N GLY C 342 -3.30 22.50 2.27
CA GLY C 342 -4.39 21.60 2.03
C GLY C 342 -4.32 20.28 2.79
N ASP C 343 -3.46 20.18 3.81
CA ASP C 343 -3.54 18.97 4.60
C ASP C 343 -4.50 19.18 5.78
N ALA C 344 -5.00 18.07 6.33
CA ALA C 344 -5.72 18.04 7.58
C ALA C 344 -5.03 18.85 8.70
N GLU C 345 -3.69 18.73 8.80
CA GLU C 345 -2.90 19.57 9.69
C GLU C 345 -2.67 20.98 9.15
N SER C 346 -2.66 21.96 10.05
CA SER C 346 -2.46 23.35 9.65
C SER C 346 -1.00 23.60 9.39
N LEU C 347 -0.75 24.41 8.37
CA LEU C 347 0.60 24.74 7.92
C LEU C 347 0.80 26.23 7.79
N ALA C 348 2.05 26.65 7.94
CA ALA C 348 2.42 28.04 7.78
C ALA C 348 3.78 28.08 7.15
N GLN C 349 4.04 29.18 6.46
CA GLN C 349 5.36 29.44 5.93
C GLN C 349 5.52 30.93 5.82
N HIS C 350 6.73 31.39 6.03
CA HIS C 350 7.09 32.80 5.97
C HIS C 350 8.17 32.89 4.89
N PRO C 351 7.76 33.17 3.63
CA PRO C 351 8.77 33.15 2.54
C PRO C 351 10.08 33.93 2.79
N ALA C 352 10.00 35.07 3.47
CA ALA C 352 11.17 35.93 3.64
C ALA C 352 12.31 35.19 4.33
N SER C 353 11.97 34.38 5.34
CA SER C 353 12.96 33.65 6.11
C SER C 353 13.07 32.17 5.79
N MET C 354 12.28 31.68 4.82
CA MET C 354 12.27 30.24 4.47
C MET C 354 12.62 30.00 3.00
N THR C 355 11.63 30.03 2.11
CA THR C 355 11.87 29.73 0.71
C THR C 355 12.69 30.79 -0.01
N HIS C 356 12.57 32.04 0.42
CA HIS C 356 13.16 33.15 -0.34
C HIS C 356 14.25 33.90 0.48
N SER C 357 14.97 33.13 1.32
CA SER C 357 15.87 33.65 2.35
C SER C 357 17.14 34.40 1.91
N SER C 358 17.91 33.84 0.98
CA SER C 358 19.21 34.43 0.63
C SER C 358 19.14 35.71 -0.22
N TYR C 359 18.06 35.88 -1.01
CA TYR C 359 17.78 37.15 -1.69
C TYR C 359 17.81 38.33 -0.69
N THR C 360 17.96 39.55 -1.19
CA THR C 360 17.91 40.75 -0.35
C THR C 360 16.48 41.30 -0.35
N PRO C 361 16.15 42.23 0.57
CA PRO C 361 14.78 42.78 0.64
C PRO C 361 14.14 43.21 -0.68
N GLU C 362 14.84 44.01 -1.49
CA GLU C 362 14.24 44.53 -2.74
C GLU C 362 14.17 43.54 -3.91
N GLU C 363 15.08 42.56 -3.97
CA GLU C 363 14.90 41.43 -4.91
C GLU C 363 13.60 40.68 -4.55
N ARG C 364 13.31 40.54 -3.26
CA ARG C 364 12.03 39.96 -2.80
C ARG C 364 10.80 40.80 -3.11
N ALA C 365 10.97 42.13 -3.09
CA ALA C 365 9.90 43.06 -3.50
C ALA C 365 9.65 43.02 -5.02
N HIS C 366 10.73 43.05 -5.81
CA HIS C 366 10.64 42.82 -7.26
C HIS C 366 9.87 41.52 -7.55
N TYR C 367 10.17 40.44 -6.82
CA TYR C 367 9.41 39.18 -6.96
C TYR C 367 8.06 39.15 -6.17
N GLY C 368 7.63 40.28 -5.63
CA GLY C 368 6.25 40.39 -5.09
C GLY C 368 6.07 40.09 -3.61
N ILE C 369 7.19 39.80 -2.92
CA ILE C 369 7.12 39.18 -1.60
C ILE C 369 7.62 40.03 -0.42
N SER C 370 6.68 40.38 0.44
CA SER C 370 6.95 41.32 1.51
C SER C 370 7.74 40.68 2.66
N GLU C 371 8.48 41.50 3.39
CA GLU C 371 9.26 41.02 4.53
C GLU C 371 8.41 40.38 5.65
N GLY C 372 7.22 40.92 5.86
CA GLY C 372 6.39 40.48 6.97
C GLY C 372 5.37 39.46 6.52
N LEU C 373 5.51 38.99 5.28
CA LEU C 373 4.46 38.17 4.68
C LEU C 373 4.43 36.75 5.18
N VAL C 374 3.34 36.41 5.84
CA VAL C 374 3.09 35.06 6.33
C VAL C 374 1.90 34.43 5.65
N ARG C 375 2.09 33.18 5.24
CA ARG C 375 0.99 32.43 4.63
C ARG C 375 0.54 31.19 5.50
N LEU C 376 -0.76 31.13 5.78
CA LEU C 376 -1.38 29.95 6.47
C LEU C 376 -2.32 29.13 5.60
N SER C 377 -2.14 27.82 5.68
CA SER C 377 -3.09 26.79 5.24
C SER C 377 -3.80 26.35 6.48
N VAL C 378 -4.99 26.90 6.74
CA VAL C 378 -5.76 26.50 7.92
C VAL C 378 -6.27 25.07 7.73
N GLY C 379 -5.92 24.22 8.70
CA GLY C 379 -6.32 22.79 8.69
C GLY C 379 -7.70 22.53 9.28
N LEU C 380 -7.91 21.28 9.70
CA LEU C 380 -9.20 20.80 10.16
C LEU C 380 -9.25 20.64 11.68
N GLU C 381 -8.20 21.10 12.36
CA GLU C 381 -8.17 21.14 13.83
C GLU C 381 -9.29 21.97 14.41
N ASP C 382 -9.56 21.73 15.69
CA ASP C 382 -10.47 22.58 16.45
C ASP C 382 -10.04 24.04 16.38
N ILE C 383 -10.97 24.94 16.02
CA ILE C 383 -10.72 26.38 15.90
C ILE C 383 -10.18 27.05 17.19
N ASP C 384 -10.65 26.66 18.36
CA ASP C 384 -10.06 27.23 19.57
C ASP C 384 -8.58 26.92 19.72
N ASP C 385 -8.20 25.69 19.45
CA ASP C 385 -6.80 25.31 19.47
C ASP C 385 -5.97 26.10 18.47
N LEU C 386 -6.56 26.48 17.35
CA LEU C 386 -5.80 27.13 16.31
C LEU C 386 -5.63 28.58 16.68
N LEU C 387 -6.70 29.16 17.19
CA LEU C 387 -6.71 30.54 17.60
C LEU C 387 -5.67 30.69 18.71
N ALA C 388 -5.71 29.80 19.68
CA ALA C 388 -4.77 29.89 20.81
C ALA C 388 -3.31 29.79 20.31
N ASP C 389 -3.04 28.92 19.35
CA ASP C 389 -1.69 28.84 18.78
C ASP C 389 -1.30 30.15 18.13
N VAL C 390 -2.21 30.76 17.37
CA VAL C 390 -1.87 31.96 16.62
C VAL C 390 -1.67 33.13 17.56
N GLN C 391 -2.59 33.30 18.49
CA GLN C 391 -2.51 34.34 19.51
C GLN C 391 -1.11 34.36 20.19
N GLN C 392 -0.81 33.28 20.87
CA GLN C 392 0.49 32.98 21.44
C GLN C 392 1.69 33.36 20.54
N ALA C 393 1.63 32.95 19.26
CA ALA C 393 2.73 33.17 18.32
C ALA C 393 2.85 34.66 18.00
N LEU C 394 1.70 35.31 17.89
CA LEU C 394 1.65 36.74 17.60
C LEU C 394 2.33 37.58 18.70
N LYS C 395 2.06 37.25 19.95
CA LYS C 395 2.77 37.86 21.09
C LYS C 395 4.27 37.65 20.98
N ALA C 396 4.68 36.41 20.73
CA ALA C 396 6.08 36.08 20.58
C ALA C 396 6.72 36.84 19.42
N SER C 397 5.90 37.25 18.45
CA SER C 397 6.43 37.88 17.26
C SER C 397 7.15 39.20 17.60
N ALA C 398 6.66 39.88 18.64
CA ALA C 398 7.15 41.18 19.05
C ALA C 398 8.62 41.17 19.46
N LEU D 7 34.77 -4.59 1.05
CA LEU D 7 33.61 -4.41 0.11
C LEU D 7 32.67 -5.61 0.04
N PRO D 8 31.48 -5.49 0.70
CA PRO D 8 30.37 -6.41 0.64
C PRO D 8 30.07 -6.84 -0.80
N GLY D 9 29.74 -8.13 -0.97
CA GLY D 9 29.30 -8.67 -2.24
C GLY D 9 27.99 -8.07 -2.69
N PHE D 10 27.65 -8.31 -3.97
CA PHE D 10 26.54 -7.68 -4.66
C PHE D 10 25.19 -7.93 -3.97
N ALA D 11 24.90 -9.20 -3.60
CA ALA D 11 23.64 -9.60 -2.95
C ALA D 11 23.49 -8.93 -1.57
N THR D 12 24.59 -8.87 -0.85
CA THR D 12 24.63 -8.24 0.42
C THR D 12 24.27 -6.76 0.30
N ARG D 13 24.95 -6.03 -0.60
CA ARG D 13 24.64 -4.62 -0.80
C ARG D 13 23.14 -4.50 -1.21
N ALA D 14 22.68 -5.41 -2.07
CA ALA D 14 21.31 -5.38 -2.57
C ALA D 14 20.29 -5.53 -1.46
N ILE D 15 20.70 -6.14 -0.35
CA ILE D 15 19.83 -6.38 0.80
C ILE D 15 20.04 -5.33 1.86
N HIS D 16 21.29 -5.00 2.15
CA HIS D 16 21.60 -4.10 3.28
C HIS D 16 22.04 -2.66 2.94
N HIS D 17 22.62 -2.42 1.78
CA HIS D 17 23.35 -1.16 1.66
C HIS D 17 22.60 0.11 2.10
N GLY D 18 23.22 0.87 3.01
CA GLY D 18 22.72 2.21 3.36
C GLY D 18 21.63 2.28 4.43
N TYR D 19 21.38 1.14 5.11
CA TYR D 19 20.40 0.99 6.17
C TYR D 19 20.95 0.17 7.30
N ASP D 20 20.87 0.75 8.50
CA ASP D 20 21.13 0.05 9.74
C ASP D 20 19.83 0.08 10.56
N PRO D 21 19.23 -1.09 10.85
CA PRO D 21 18.01 -1.05 11.68
C PRO D 21 18.13 -0.18 12.95
N GLN D 22 19.33 -0.10 13.54
CA GLN D 22 19.48 0.59 14.82
C GLN D 22 19.32 2.11 14.80
N ASP D 23 19.08 2.68 13.62
CA ASP D 23 18.91 4.11 13.52
C ASP D 23 17.44 4.46 13.23
N HIS D 24 16.62 3.41 13.22
CA HIS D 24 15.19 3.56 13.04
C HIS D 24 14.42 2.67 14.00
N GLY D 25 14.75 2.76 15.28
CA GLY D 25 14.04 2.06 16.34
C GLY D 25 13.97 0.57 16.05
N GLY D 26 15.09 0.02 15.56
CA GLY D 26 15.23 -1.39 15.32
C GLY D 26 14.47 -2.07 14.18
N ALA D 27 13.64 -1.35 13.42
CA ALA D 27 12.89 -2.02 12.35
C ALA D 27 13.80 -2.73 11.36
N LEU D 28 13.61 -4.03 11.20
CA LEU D 28 14.31 -4.77 10.18
C LEU D 28 14.12 -4.23 8.73
N VAL D 29 12.89 -3.90 8.36
CA VAL D 29 12.62 -3.35 7.05
C VAL D 29 12.33 -1.86 7.30
N PRO D 30 12.96 -0.95 6.53
CA PRO D 30 12.80 0.49 6.77
C PRO D 30 11.36 0.95 6.62
N PRO D 31 10.93 1.93 7.43
CA PRO D 31 9.54 2.39 7.34
C PRO D 31 9.29 3.03 5.99
N VAL D 32 8.11 2.85 5.43
CA VAL D 32 7.83 3.54 4.20
C VAL D 32 7.44 4.96 4.60
N TYR D 33 8.16 5.95 4.08
CA TYR D 33 7.79 7.35 4.29
C TYR D 33 6.82 7.86 3.23
N GLN D 34 5.55 7.53 3.41
CA GLN D 34 4.51 7.87 2.47
C GLN D 34 4.00 9.20 3.02
N THR D 35 4.74 10.25 2.74
CA THR D 35 4.41 11.60 3.17
C THR D 35 4.81 12.56 2.07
N ALA D 36 3.99 13.58 1.86
CA ALA D 36 4.23 14.57 0.83
C ALA D 36 5.19 15.65 1.33
N THR D 37 5.04 16.03 2.60
CA THR D 37 5.91 17.06 3.07
C THR D 37 6.57 16.76 4.40
N PHE D 38 7.52 17.63 4.73
CA PHE D 38 8.34 17.51 5.91
C PHE D 38 8.31 18.89 6.48
N THR D 39 8.32 18.94 7.81
CA THR D 39 8.33 20.19 8.55
C THR D 39 9.76 20.52 8.91
N PHE D 40 9.95 21.74 9.40
CA PHE D 40 11.21 22.20 9.96
C PHE D 40 11.05 22.59 11.45
N PRO D 41 12.11 22.42 12.24
CA PRO D 41 11.99 22.87 13.63
C PRO D 41 12.09 24.37 13.75
N THR D 42 12.86 25.00 12.86
CA THR D 42 12.99 26.47 12.86
C THR D 42 12.94 26.91 11.43
N VAL D 43 12.64 28.17 11.19
CA VAL D 43 12.67 28.72 9.84
C VAL D 43 14.13 28.82 9.37
N GLU D 44 15.04 29.03 10.31
CA GLU D 44 16.46 29.03 9.98
C GLU D 44 16.90 27.66 9.43
N TYR D 45 16.38 26.59 10.00
CA TYR D 45 16.60 25.27 9.41
C TYR D 45 16.05 25.16 7.98
N GLY D 46 14.86 25.71 7.77
CA GLY D 46 14.18 25.63 6.49
C GLY D 46 14.81 26.46 5.38
N ALA D 47 15.39 27.60 5.74
CA ALA D 47 16.10 28.41 4.75
C ALA D 47 17.43 27.72 4.40
N ALA D 48 18.06 27.14 5.41
CA ALA D 48 19.30 26.41 5.22
C ALA D 48 19.07 25.35 4.15
N CYS D 49 17.83 24.89 4.01
CA CYS D 49 17.52 23.81 3.09
C CYS D 49 16.93 24.31 1.79
N PHE D 50 16.92 25.63 1.61
CA PHE D 50 16.52 26.25 0.34
C PHE D 50 17.65 27.10 -0.30
N ALA D 51 18.66 27.42 0.50
CA ALA D 51 19.92 27.93 -0.01
C ALA D 51 20.44 27.07 -1.18
N GLY D 52 20.28 25.76 -1.07
CA GLY D 52 20.69 24.80 -2.11
C GLY D 52 21.89 23.96 -1.66
N GLU D 53 22.17 24.01 -0.34
CA GLU D 53 23.36 23.39 0.30
C GLU D 53 23.13 22.68 1.68
N GLN D 54 22.75 21.40 1.67
CA GLN D 54 22.70 20.59 2.92
C GLN D 54 22.33 19.13 2.68
N ALA D 55 23.13 18.23 3.28
CA ALA D 55 22.70 16.85 3.53
C ALA D 55 21.72 16.90 4.71
N GLY D 56 20.43 16.94 4.35
CA GLY D 56 19.31 17.04 5.29
C GLY D 56 18.08 16.34 4.70
N HIS D 57 17.08 17.12 4.27
CA HIS D 57 15.81 16.56 3.77
C HIS D 57 14.74 17.53 3.20
N PHE D 58 15.05 18.47 2.30
CA PHE D 58 14.05 19.56 2.01
C PHE D 58 12.54 19.18 1.84
N TYR D 59 12.07 18.96 0.60
CA TYR D 59 10.66 18.62 0.32
C TYR D 59 10.56 17.14 -0.15
N SER D 60 9.36 16.54 -0.13
CA SER D 60 9.22 15.11 -0.52
C SER D 60 9.19 14.88 -2.04
N ARG D 61 8.96 15.96 -2.78
CA ARG D 61 9.26 16.03 -4.22
C ARG D 61 10.82 16.11 -4.43
N ILE D 62 11.56 16.31 -3.31
CA ILE D 62 13.06 16.19 -3.24
C ILE D 62 13.67 15.07 -2.28
N SER D 63 13.85 15.32 -0.97
CA SER D 63 14.57 14.37 -0.04
C SER D 63 13.77 13.54 1.03
N ASN D 64 13.00 12.60 0.51
CA ASN D 64 12.33 11.52 1.21
C ASN D 64 13.27 10.32 1.52
N PRO D 65 13.37 9.92 2.80
CA PRO D 65 14.28 8.87 3.22
C PRO D 65 14.08 7.52 2.51
N THR D 66 12.85 7.23 2.08
CA THR D 66 12.57 6.00 1.33
C THR D 66 13.24 6.05 -0.04
N LEU D 67 13.11 7.20 -0.70
CA LEU D 67 13.74 7.43 -1.99
C LEU D 67 15.26 7.57 -1.85
N ASN D 68 15.72 8.16 -0.75
CA ASN D 68 17.15 8.34 -0.60
C ASN D 68 17.86 7.02 -0.49
N LEU D 69 17.19 6.09 0.15
CA LEU D 69 17.70 4.74 0.31
C LEU D 69 17.74 3.97 -1.02
N LEU D 70 16.63 3.97 -1.74
CA LEU D 70 16.61 3.32 -3.04
C LEU D 70 17.71 3.87 -3.93
N GLU D 71 17.82 5.20 -3.94
CA GLU D 71 18.81 5.90 -4.75
C GLU D 71 20.23 5.45 -4.38
N ALA D 72 20.57 5.56 -3.09
CA ALA D 72 21.88 5.16 -2.55
C ALA D 72 22.19 3.68 -2.87
N ARG D 73 21.22 2.81 -2.60
CA ARG D 73 21.37 1.40 -2.86
C ARG D 73 21.59 1.10 -4.33
N MET D 74 20.85 1.78 -5.22
CA MET D 74 21.10 1.66 -6.65
C MET D 74 22.49 2.20 -7.01
N ALA D 75 22.90 3.32 -6.39
CA ALA D 75 24.20 3.91 -6.68
C ALA D 75 25.30 2.89 -6.45
N SER D 76 25.24 2.19 -5.31
CA SER D 76 26.21 1.18 -4.88
C SER D 76 26.25 0.03 -5.87
N LEU D 77 25.07 -0.41 -6.29
CA LEU D 77 24.98 -1.53 -7.22
C LEU D 77 25.55 -1.24 -8.60
N GLU D 78 25.32 -0.06 -9.15
CA GLU D 78 25.99 0.30 -10.38
C GLU D 78 27.42 0.84 -10.11
N GLY D 79 27.84 0.90 -8.86
CA GLY D 79 29.12 1.53 -8.50
C GLY D 79 29.27 3.02 -8.83
N GLY D 80 28.19 3.80 -8.75
CA GLY D 80 28.27 5.24 -9.05
C GLY D 80 28.24 6.06 -7.78
N GLU D 81 28.59 7.35 -7.90
CA GLU D 81 28.49 8.25 -6.75
C GLU D 81 27.07 8.57 -6.27
N ALA D 82 26.09 8.70 -7.17
CA ALA D 82 24.74 9.06 -6.74
C ALA D 82 23.61 8.50 -7.57
N GLY D 83 22.42 8.54 -7.01
CA GLY D 83 21.24 8.08 -7.70
C GLY D 83 20.04 9.02 -7.53
N LEU D 84 19.03 8.79 -8.37
CA LEU D 84 17.81 9.54 -8.46
C LEU D 84 16.73 8.55 -8.81
N ALA D 85 15.60 8.61 -8.13
CA ALA D 85 14.50 7.69 -8.39
C ALA D 85 13.42 8.55 -8.96
N LEU D 86 12.69 7.99 -9.93
CA LEU D 86 11.70 8.76 -10.69
C LEU D 86 10.49 7.90 -11.06
N ALA D 87 9.46 8.55 -11.58
CA ALA D 87 8.17 7.88 -11.74
C ALA D 87 8.11 6.82 -12.81
N SER D 88 9.03 6.85 -13.75
CA SER D 88 9.06 5.80 -14.76
C SER D 88 10.39 5.87 -15.44
N GLY D 89 10.60 4.97 -16.40
CA GLY D 89 11.83 5.05 -17.17
C GLY D 89 11.87 6.30 -18.05
N MET D 90 10.74 6.68 -18.64
CA MET D 90 10.75 7.86 -19.45
C MET D 90 11.06 9.05 -18.58
N GLY D 91 10.58 8.98 -17.35
CA GLY D 91 10.89 10.00 -16.38
C GLY D 91 12.39 10.14 -16.26
N ALA D 92 13.07 9.01 -16.04
CA ALA D 92 14.55 8.99 -15.90
C ALA D 92 15.21 9.60 -17.10
N ILE D 93 14.84 9.14 -18.31
CA ILE D 93 15.50 9.66 -19.50
C ILE D 93 15.13 11.11 -19.85
N THR D 94 13.87 11.49 -19.71
CA THR D 94 13.49 12.86 -20.11
C THR D 94 14.10 13.83 -19.13
N SER D 95 14.00 13.53 -17.85
CA SER D 95 14.63 14.39 -16.85
C SER D 95 16.07 14.62 -17.23
N THR D 96 16.76 13.54 -17.58
CA THR D 96 18.19 13.62 -17.82
C THR D 96 18.49 14.45 -19.07
N LEU D 97 17.85 14.07 -20.18
CA LEU D 97 18.01 14.75 -21.45
C LEU D 97 17.57 16.23 -21.40
N TRP D 98 16.40 16.53 -20.80
CA TRP D 98 15.97 17.91 -20.57
C TRP D 98 16.98 18.77 -19.85
N THR D 99 17.74 18.21 -18.92
CA THR D 99 18.66 19.06 -18.17
C THR D 99 20.00 19.19 -18.85
N LEU D 100 20.45 18.16 -19.57
CA LEU D 100 21.78 18.20 -20.18
C LEU D 100 21.85 18.95 -21.49
N LEU D 101 20.70 19.16 -22.14
CA LEU D 101 20.62 19.75 -23.48
C LEU D 101 19.91 21.10 -23.57
N ARG D 102 20.43 21.93 -24.46
CA ARG D 102 19.86 23.24 -24.77
C ARG D 102 19.84 23.44 -26.29
N PRO D 103 19.00 24.38 -26.77
CA PRO D 103 18.90 24.56 -28.24
C PRO D 103 20.29 24.75 -28.86
N GLY D 104 20.56 24.05 -29.96
CA GLY D 104 21.86 24.17 -30.60
C GLY D 104 22.85 23.14 -30.12
N ASP D 105 22.55 22.45 -29.04
CA ASP D 105 23.35 21.31 -28.64
C ASP D 105 23.06 20.17 -29.59
N GLU D 106 24.01 19.26 -29.74
CA GLU D 106 23.73 18.08 -30.53
C GLU D 106 23.74 16.85 -29.66
N VAL D 107 22.86 15.91 -29.97
CA VAL D 107 22.89 14.63 -29.30
C VAL D 107 23.10 13.46 -30.27
N LEU D 108 24.17 12.70 -30.05
CA LEU D 108 24.39 11.48 -30.83
C LEU D 108 23.71 10.27 -30.18
N LEU D 109 22.92 9.58 -31.00
CA LEU D 109 22.12 8.43 -30.60
C LEU D 109 22.53 7.08 -31.25
N GLY D 110 22.26 5.96 -30.59
CA GLY D 110 22.43 4.65 -31.23
C GLY D 110 21.45 4.57 -32.39
N ASN D 111 21.65 3.61 -33.29
CA ASN D 111 20.81 3.52 -34.50
C ASN D 111 19.37 3.22 -34.24
N THR D 112 19.14 2.60 -33.09
CA THR D 112 17.83 2.16 -32.72
C THR D 112 17.60 2.41 -31.23
N LEU D 113 16.35 2.73 -30.90
CA LEU D 113 16.00 3.16 -29.57
C LEU D 113 14.68 2.58 -29.17
N TYR D 114 14.50 2.39 -27.88
CA TYR D 114 13.18 2.19 -27.33
C TYR D 114 12.17 3.17 -27.97
N GLY D 115 11.10 2.58 -28.50
CA GLY D 115 10.01 3.34 -29.11
C GLY D 115 9.82 4.76 -28.62
N HIS D 116 9.51 4.92 -27.32
CA HIS D 116 9.13 6.22 -26.76
C HIS D 116 10.29 7.16 -26.60
N THR D 117 11.47 6.59 -26.39
CA THR D 117 12.70 7.36 -26.39
C THR D 117 12.80 8.02 -27.76
N PHE D 118 12.63 7.21 -28.81
CA PHE D 118 12.60 7.74 -30.17
C PHE D 118 11.55 8.86 -30.33
N ALA D 119 10.30 8.60 -29.95
CA ALA D 119 9.26 9.66 -30.03
C ALA D 119 9.70 10.95 -29.31
N PHE D 120 10.18 10.82 -28.08
CA PHE D 120 10.66 11.99 -27.32
C PHE D 120 11.81 12.72 -28.00
N LEU D 121 12.75 11.99 -28.59
CA LEU D 121 13.85 12.64 -29.27
C LEU D 121 13.35 13.37 -30.53
N HIS D 122 12.68 12.66 -31.43
CA HIS D 122 12.28 13.25 -32.69
C HIS D 122 11.07 14.19 -32.64
N HIS D 123 10.04 13.82 -31.86
CA HIS D 123 8.84 14.65 -31.79
C HIS D 123 8.80 15.52 -30.54
N GLY D 124 9.74 15.28 -29.62
CA GLY D 124 9.80 16.01 -28.35
C GLY D 124 10.92 17.04 -28.28
N ILE D 125 11.98 16.72 -27.54
CA ILE D 125 13.10 17.64 -27.37
C ILE D 125 13.71 18.12 -28.71
N GLY D 126 13.58 17.30 -29.76
CA GLY D 126 14.08 17.65 -31.07
C GLY D 126 13.31 18.77 -31.73
N GLU D 127 12.07 19.00 -31.32
CA GLU D 127 11.26 20.06 -31.95
C GLU D 127 11.47 21.41 -31.28
N PHE D 128 12.32 21.39 -30.25
CA PHE D 128 12.71 22.60 -29.52
C PHE D 128 14.16 23.00 -29.81
N GLY D 129 14.67 22.61 -30.98
CA GLY D 129 15.96 23.16 -31.46
C GLY D 129 17.19 22.39 -31.07
N VAL D 130 17.02 21.12 -30.78
CA VAL D 130 18.14 20.31 -30.44
C VAL D 130 18.45 19.46 -31.66
N LYS D 131 19.68 19.55 -32.13
CA LYS D 131 20.12 18.81 -33.30
C LYS D 131 20.25 17.30 -32.94
N LEU D 132 19.65 16.43 -33.75
CA LEU D 132 19.65 14.96 -33.52
C LEU D 132 20.44 14.20 -34.57
N ARG D 133 21.09 13.08 -34.20
CA ARG D 133 21.70 12.19 -35.17
C ARG D 133 22.06 10.82 -34.61
N HIS D 134 21.85 9.80 -35.43
CA HIS D 134 22.11 8.39 -35.11
C HIS D 134 23.40 7.85 -35.71
N VAL D 135 24.14 7.07 -34.93
CA VAL D 135 25.29 6.35 -35.46
C VAL D 135 25.41 4.95 -34.88
N ASP D 136 26.00 4.03 -35.63
CA ASP D 136 26.27 2.68 -35.12
C ASP D 136 27.33 2.79 -34.01
N MET D 137 26.89 2.51 -32.78
CA MET D 137 27.72 2.71 -31.57
C MET D 137 28.72 1.57 -31.35
N ALA D 138 28.71 0.62 -32.28
CA ALA D 138 29.75 -0.40 -32.36
C ALA D 138 30.85 0.03 -33.34
N ASP D 139 30.60 1.12 -34.06
CA ASP D 139 31.51 1.60 -35.12
C ASP D 139 32.24 2.86 -34.67
N LEU D 140 33.37 2.65 -33.99
CA LEU D 140 34.13 3.77 -33.46
C LEU D 140 34.65 4.71 -34.54
N GLN D 141 34.84 4.18 -35.75
CA GLN D 141 35.30 4.98 -36.89
C GLN D 141 34.19 5.93 -37.35
N ALA D 142 32.98 5.42 -37.54
CA ALA D 142 31.85 6.30 -37.88
C ALA D 142 31.52 7.33 -36.77
N LEU D 143 31.69 6.95 -35.51
CA LEU D 143 31.38 7.78 -34.37
C LEU D 143 32.28 8.99 -34.25
N GLU D 144 33.59 8.75 -34.24
CA GLU D 144 34.59 9.83 -34.20
C GLU D 144 34.34 10.84 -35.33
N ALA D 145 33.91 10.31 -36.48
CA ALA D 145 33.66 11.12 -37.67
C ALA D 145 32.39 11.94 -37.54
N ALA D 146 31.60 11.64 -36.52
CA ALA D 146 30.31 12.33 -36.34
C ALA D 146 30.35 13.40 -35.27
N MET D 147 31.39 13.39 -34.44
CA MET D 147 31.55 14.42 -33.42
C MET D 147 31.68 15.80 -34.05
N THR D 148 30.84 16.73 -33.60
CA THR D 148 30.91 18.14 -34.01
C THR D 148 31.11 18.96 -32.73
N PRO D 149 31.73 20.16 -32.83
CA PRO D 149 32.01 20.77 -31.50
C PRO D 149 30.73 21.14 -30.69
N ALA D 150 29.58 21.17 -31.35
CA ALA D 150 28.30 21.28 -30.64
C ALA D 150 27.89 20.00 -29.85
N THR D 151 28.51 18.87 -30.18
CA THR D 151 28.15 17.58 -29.56
C THR D 151 28.32 17.59 -28.04
N ARG D 152 27.21 17.47 -27.31
CA ARG D 152 27.19 17.63 -25.85
C ARG D 152 26.84 16.31 -25.14
N VAL D 153 25.98 15.51 -25.76
CA VAL D 153 25.57 14.24 -25.18
C VAL D 153 25.55 13.08 -26.18
N ILE D 154 25.99 11.92 -25.71
CA ILE D 154 25.90 10.67 -26.43
C ILE D 154 24.95 9.72 -25.67
N TYR D 155 23.91 9.25 -26.37
CA TYR D 155 22.88 8.45 -25.74
C TYR D 155 22.60 7.14 -26.51
N PHE D 156 22.47 6.03 -25.78
CA PHE D 156 22.17 4.70 -26.38
C PHE D 156 21.89 3.60 -25.38
N GLU D 157 21.24 2.55 -25.87
CA GLU D 157 20.96 1.32 -25.14
C GLU D 157 21.97 0.30 -25.62
N SER D 158 22.39 -0.61 -24.74
CA SER D 158 23.22 -1.74 -25.12
C SER D 158 23.01 -2.84 -24.08
N PRO D 159 22.50 -4.01 -24.48
CA PRO D 159 22.04 -4.39 -25.82
C PRO D 159 20.83 -3.57 -26.25
N ALA D 160 20.71 -3.32 -27.54
CA ALA D 160 19.62 -2.52 -28.06
C ALA D 160 18.60 -3.32 -28.87
N ASN D 161 17.34 -2.94 -28.71
CA ASN D 161 16.24 -3.37 -29.58
C ASN D 161 16.50 -3.04 -31.06
N PRO D 162 16.02 -3.89 -31.98
CA PRO D 162 15.41 -5.22 -31.77
C PRO D 162 16.43 -6.36 -31.90
N ASN D 163 17.61 -6.04 -32.41
CA ASN D 163 18.62 -7.03 -32.82
C ASN D 163 19.56 -7.53 -31.74
N MET D 164 19.33 -7.12 -30.49
CA MET D 164 20.31 -7.25 -29.39
C MET D 164 21.67 -6.62 -29.69
N HIS D 165 21.73 -5.59 -30.54
CA HIS D 165 23.02 -4.99 -30.96
C HIS D 165 23.75 -4.38 -29.76
N MET D 166 25.07 -4.60 -29.62
CA MET D 166 25.88 -4.01 -28.53
C MET D 166 26.60 -2.75 -28.97
N ALA D 167 27.06 -1.97 -28.01
CA ALA D 167 27.92 -0.82 -28.26
C ALA D 167 29.21 -1.05 -27.49
N ASP D 168 30.32 -0.58 -28.04
CA ASP D 168 31.57 -0.70 -27.30
C ASP D 168 31.58 0.43 -26.32
N ILE D 169 31.26 0.13 -25.07
CA ILE D 169 31.08 1.22 -24.14
C ILE D 169 32.41 1.90 -23.83
N ALA D 170 33.46 1.13 -23.54
CA ALA D 170 34.73 1.79 -23.23
C ALA D 170 35.21 2.64 -24.44
N GLY D 171 35.03 2.12 -25.67
CA GLY D 171 35.38 2.83 -26.89
C GLY D 171 34.72 4.19 -26.98
N VAL D 172 33.39 4.16 -27.01
CA VAL D 172 32.56 5.36 -26.95
C VAL D 172 33.03 6.34 -25.87
N ALA D 173 33.33 5.84 -24.68
CA ALA D 173 33.74 6.69 -23.55
C ALA D 173 35.05 7.44 -23.80
N LYS D 174 36.05 6.74 -24.33
CA LYS D 174 37.34 7.33 -24.69
C LYS D 174 37.13 8.52 -25.64
N ILE D 175 36.42 8.28 -26.73
CA ILE D 175 36.12 9.33 -27.69
C ILE D 175 35.44 10.53 -27.02
N ALA D 176 34.47 10.26 -26.17
CA ALA D 176 33.71 11.33 -25.55
C ALA D 176 34.53 12.13 -24.55
N ARG D 177 35.36 11.45 -23.75
CA ARG D 177 36.32 12.12 -22.86
C ARG D 177 37.11 13.20 -23.64
N LYS D 178 37.38 12.92 -24.92
CA LYS D 178 38.23 13.75 -25.79
C LYS D 178 37.53 14.98 -26.39
N HIS D 179 36.24 14.87 -26.68
CA HIS D 179 35.47 16.05 -27.08
C HIS D 179 34.59 16.58 -25.95
N GLY D 180 34.84 16.14 -24.72
CA GLY D 180 34.11 16.65 -23.53
C GLY D 180 32.59 16.45 -23.49
N ALA D 181 32.11 15.40 -24.18
CA ALA D 181 30.70 15.02 -24.19
C ALA D 181 30.35 14.05 -23.05
N THR D 182 29.06 14.06 -22.67
CA THR D 182 28.51 13.20 -21.62
C THR D 182 27.89 11.93 -22.17
N VAL D 183 28.34 10.80 -21.65
CA VAL D 183 27.85 9.49 -22.13
C VAL D 183 26.75 8.96 -21.21
N VAL D 184 25.60 8.66 -21.81
CA VAL D 184 24.42 8.21 -21.09
C VAL D 184 23.95 6.86 -21.59
N VAL D 185 24.08 5.84 -20.74
CA VAL D 185 23.74 4.46 -21.13
C VAL D 185 22.42 3.98 -20.52
N ASP D 186 21.50 3.54 -21.36
CA ASP D 186 20.29 2.87 -20.88
C ASP D 186 20.61 1.41 -20.57
N ASN D 187 20.69 1.11 -19.29
CA ASN D 187 21.19 -0.17 -18.87
C ASN D 187 20.07 -1.08 -18.35
N THR D 188 18.87 -0.89 -18.92
CA THR D 188 17.64 -1.52 -18.42
C THR D 188 17.64 -3.00 -18.60
N TYR D 189 18.13 -3.45 -19.75
CA TYR D 189 18.11 -4.87 -20.14
C TYR D 189 19.06 -5.73 -19.33
N CYS D 190 20.17 -5.15 -18.93
CA CYS D 190 21.17 -5.92 -18.20
C CYS D 190 20.93 -5.87 -16.70
N THR D 191 20.66 -4.68 -16.16
CA THR D 191 20.81 -4.37 -14.73
C THR D 191 22.29 -4.43 -14.30
N PRO D 192 22.63 -3.70 -13.22
CA PRO D 192 23.99 -3.56 -12.70
C PRO D 192 24.57 -4.89 -12.29
N TYR D 193 23.69 -5.88 -12.10
CA TYR D 193 24.14 -7.24 -11.82
C TYR D 193 24.86 -7.87 -13.03
N LEU D 194 24.47 -7.50 -14.24
CA LEU D 194 25.03 -8.04 -15.44
C LEU D 194 26.05 -7.13 -16.09
N GLN D 195 25.87 -5.82 -15.96
CA GLN D 195 26.69 -4.89 -16.71
C GLN D 195 26.68 -3.58 -16.00
N ARG D 196 27.85 -2.97 -15.86
CA ARG D 196 27.93 -1.72 -15.13
C ARG D 196 28.65 -0.68 -15.97
N PRO D 197 27.90 0.01 -16.81
CA PRO D 197 28.44 0.95 -17.79
C PRO D 197 29.23 2.08 -17.17
N LEU D 198 29.06 2.35 -15.88
CA LEU D 198 29.87 3.41 -15.29
C LEU D 198 31.34 2.98 -15.09
N GLU D 199 31.59 1.66 -14.99
CA GLU D 199 32.96 1.15 -14.86
C GLU D 199 33.62 1.12 -16.23
N LEU D 200 32.81 0.91 -17.27
CA LEU D 200 33.31 0.98 -18.63
C LEU D 200 33.48 2.44 -19.10
N GLY D 201 33.30 3.38 -18.18
CA GLY D 201 33.48 4.78 -18.49
C GLY D 201 32.27 5.63 -18.84
N ALA D 202 31.03 5.15 -18.68
CA ALA D 202 29.89 6.11 -18.77
C ALA D 202 29.83 7.16 -17.63
N ASP D 203 29.03 8.19 -17.86
CA ASP D 203 28.82 9.23 -16.85
C ASP D 203 27.50 9.09 -16.20
N LEU D 204 26.54 8.48 -16.90
CA LEU D 204 25.19 8.30 -16.41
C LEU D 204 24.63 7.01 -16.96
N VAL D 205 23.88 6.29 -16.11
CA VAL D 205 23.04 5.21 -16.58
C VAL D 205 21.63 5.46 -16.13
N VAL D 206 20.70 5.11 -17.01
CA VAL D 206 19.28 5.26 -16.71
C VAL D 206 18.63 3.88 -16.74
N HIS D 207 17.47 3.71 -16.11
CA HIS D 207 16.82 2.44 -16.08
C HIS D 207 15.34 2.65 -16.13
N SER D 208 14.66 1.69 -16.77
CA SER D 208 13.27 1.48 -16.51
C SER D 208 13.20 0.45 -15.40
N ALA D 209 13.05 0.93 -14.17
CA ALA D 209 13.03 0.02 -13.03
C ALA D 209 11.74 -0.79 -13.03
N THR D 210 10.84 -0.38 -13.92
CA THR D 210 9.61 -1.11 -14.24
C THR D 210 9.82 -2.58 -14.59
N1 LLP D 211 14.03 1.98 -22.01
C2 LLP D 211 13.91 0.63 -22.11
C2' LLP D 211 14.95 -0.16 -22.62
C3 LLP D 211 12.71 0.04 -21.68
O3 LLP D 211 12.63 -1.29 -21.79
C4 LLP D 211 11.62 0.79 -21.15
C4' LLP D 211 10.44 0.12 -20.71
C5 LLP D 211 11.79 2.20 -21.07
C6 LLP D 211 12.99 2.77 -21.50
C5' LLP D 211 10.82 3.10 -20.56
OP4 LLP D 211 10.40 2.74 -19.22
P LLP D 211 8.98 3.12 -18.54
OP1 LLP D 211 9.17 2.59 -17.15
OP2 LLP D 211 8.07 2.32 -19.39
OP3 LLP D 211 8.90 4.57 -18.75
N LLP D 211 11.00 -2.87 -15.12
CA LLP D 211 11.29 -4.19 -15.70
CB LLP D 211 12.10 -3.93 -17.00
CG LLP D 211 11.48 -2.75 -17.80
CD LLP D 211 10.15 -3.14 -18.50
CE LLP D 211 9.70 -2.02 -19.47
NZ LLP D 211 10.80 -1.13 -19.96
C LLP D 211 11.98 -5.14 -14.70
O LLP D 211 11.42 -5.42 -13.63
N TYR D 212 13.18 -5.63 -15.03
CA TYR D 212 13.96 -6.51 -14.15
C TYR D 212 14.19 -5.98 -12.73
N LEU D 213 14.52 -4.69 -12.60
CA LEU D 213 14.77 -4.16 -11.27
C LEU D 213 13.61 -4.53 -10.30
N SER D 214 12.37 -4.26 -10.72
CA SER D 214 11.21 -4.60 -9.89
C SER D 214 11.00 -6.07 -10.00
N GLY D 215 11.14 -6.58 -11.23
CA GLY D 215 10.93 -8.00 -11.47
C GLY D 215 9.54 -8.59 -11.33
N HIS D 216 8.60 -7.89 -10.70
CA HIS D 216 7.28 -8.48 -10.46
C HIS D 216 6.11 -7.80 -11.18
N GLY D 217 6.41 -6.93 -12.16
CA GLY D 217 5.41 -6.33 -13.04
C GLY D 217 4.38 -5.41 -12.38
N ASP D 218 4.66 -4.96 -11.16
CA ASP D 218 3.65 -4.22 -10.40
C ASP D 218 4.00 -2.79 -10.07
N ILE D 219 5.10 -2.29 -10.62
CA ILE D 219 5.36 -0.87 -10.47
C ILE D 219 5.87 -0.23 -11.75
N THR D 220 5.67 1.07 -11.86
CA THR D 220 6.36 1.86 -12.85
C THR D 220 7.31 2.81 -12.14
N ALA D 221 8.60 2.70 -12.49
CA ALA D 221 9.70 3.46 -11.86
C ALA D 221 10.91 3.57 -12.79
N GLY D 222 11.67 4.66 -12.60
CA GLY D 222 12.93 4.89 -13.31
C GLY D 222 14.06 5.32 -12.40
N ILE D 223 15.30 4.98 -12.76
CA ILE D 223 16.49 5.35 -11.97
C ILE D 223 17.50 6.09 -12.85
N VAL D 224 18.22 7.04 -12.26
CA VAL D 224 19.35 7.68 -12.91
C VAL D 224 20.45 7.45 -11.92
N VAL D 225 21.62 6.97 -12.37
CA VAL D 225 22.81 6.88 -11.52
C VAL D 225 24.00 7.45 -12.28
N GLY D 226 24.74 8.35 -11.62
CA GLY D 226 25.99 8.88 -12.14
C GLY D 226 26.78 9.63 -11.07
N SER D 227 27.47 10.67 -11.47
CA SER D 227 28.25 11.47 -10.54
C SER D 227 27.35 12.44 -9.74
N GLN D 228 27.71 12.71 -8.49
CA GLN D 228 27.06 13.76 -7.71
C GLN D 228 26.69 15.00 -8.54
N ALA D 229 27.66 15.54 -9.25
CA ALA D 229 27.50 16.80 -9.94
C ALA D 229 26.35 16.77 -10.98
N LEU D 230 26.36 15.72 -11.81
CA LEU D 230 25.36 15.55 -12.84
C LEU D 230 23.98 15.20 -12.21
N VAL D 231 23.95 14.23 -11.30
CA VAL D 231 22.68 13.82 -10.72
C VAL D 231 22.01 14.97 -9.96
N ASP D 232 22.82 15.71 -9.22
CA ASP D 232 22.31 16.92 -8.59
C ASP D 232 21.57 17.82 -9.59
N ARG D 233 22.09 17.95 -10.80
CA ARG D 233 21.54 18.92 -11.72
C ARG D 233 20.23 18.41 -12.32
N ILE D 234 20.22 17.12 -12.67
CA ILE D 234 19.05 16.39 -13.10
C ILE D 234 17.93 16.38 -12.05
N ARG D 235 18.33 16.15 -10.78
CA ARG D 235 17.38 16.22 -9.66
C ARG D 235 16.76 17.61 -9.57
N LEU D 236 17.61 18.64 -9.44
CA LEU D 236 17.14 20.01 -9.22
C LEU D 236 16.59 20.72 -10.47
N GLN D 237 16.94 20.31 -11.70
CA GLN D 237 16.26 20.95 -12.81
C GLN D 237 15.29 20.05 -13.56
N GLY D 238 15.80 18.99 -14.18
CA GLY D 238 14.96 18.11 -14.98
C GLY D 238 13.79 17.53 -14.20
N LEU D 239 14.06 16.98 -13.03
CA LEU D 239 13.01 16.39 -12.24
C LEU D 239 12.16 17.44 -11.56
N LYS D 240 12.77 18.34 -10.80
CA LYS D 240 11.96 19.22 -9.99
C LYS D 240 11.22 20.26 -10.86
N ASP D 241 11.83 20.64 -12.00
CA ASP D 241 11.27 21.71 -12.83
C ASP D 241 10.66 21.28 -14.15
N MET D 242 11.19 20.26 -14.78
CA MET D 242 10.81 20.06 -16.19
C MET D 242 9.95 18.84 -16.45
N THR D 243 9.87 17.98 -15.45
CA THR D 243 9.29 16.69 -15.62
C THR D 243 8.21 16.49 -14.55
N GLY D 244 8.53 16.83 -13.29
CA GLY D 244 7.71 16.42 -12.18
C GLY D 244 7.42 14.92 -12.02
N ALA D 245 8.25 14.05 -12.59
CA ALA D 245 8.12 12.58 -12.45
C ALA D 245 8.51 11.99 -11.06
N VAL D 246 7.71 12.29 -10.05
CA VAL D 246 7.97 11.86 -8.69
C VAL D 246 7.53 10.43 -8.44
N LEU D 247 8.46 9.60 -7.98
CA LEU D 247 8.13 8.21 -7.62
C LEU D 247 7.49 8.20 -6.27
N SER D 248 6.44 7.41 -6.17
CA SER D 248 5.68 7.22 -4.93
C SER D 248 6.48 6.40 -3.94
N PRO D 249 6.64 6.90 -2.72
CA PRO D 249 7.34 6.11 -1.69
C PRO D 249 6.84 4.66 -1.58
N HIS D 250 5.54 4.40 -1.77
CA HIS D 250 5.02 3.03 -1.80
C HIS D 250 5.71 2.18 -2.86
N ASP D 251 5.83 2.71 -4.07
CA ASP D 251 6.52 2.05 -5.16
C ASP D 251 8.07 2.00 -4.97
N ALA D 252 8.65 2.97 -4.31
CA ALA D 252 10.04 2.86 -4.03
C ALA D 252 10.30 1.66 -3.12
N ALA D 253 9.43 1.43 -2.15
CA ALA D 253 9.66 0.31 -1.20
C ALA D 253 9.45 -1.06 -1.86
N LEU D 254 8.45 -1.12 -2.74
CA LEU D 254 8.22 -2.31 -3.57
C LEU D 254 9.47 -2.56 -4.46
N LEU D 255 9.97 -1.52 -5.11
CA LEU D 255 11.19 -1.67 -5.89
C LEU D 255 12.41 -2.14 -5.06
N MET D 256 12.60 -1.61 -3.87
CA MET D 256 13.60 -2.20 -2.97
C MET D 256 13.30 -3.68 -2.61
N ARG D 257 12.03 -4.00 -2.37
CA ARG D 257 11.65 -5.40 -2.15
C ARG D 257 12.15 -6.23 -3.36
N GLY D 258 11.91 -5.75 -4.58
CA GLY D 258 12.35 -6.50 -5.78
C GLY D 258 13.87 -6.64 -5.89
N ILE D 259 14.58 -5.52 -5.76
CA ILE D 259 16.02 -5.56 -5.83
C ILE D 259 16.64 -6.59 -4.86
N LYS D 260 15.96 -6.87 -3.73
CA LYS D 260 16.48 -7.90 -2.79
C LYS D 260 16.71 -9.31 -3.41
N THR D 261 16.02 -9.61 -4.51
CA THR D 261 16.24 -10.87 -5.17
C THR D 261 16.83 -10.75 -6.58
N LEU D 262 17.30 -9.57 -6.94
CA LEU D 262 17.73 -9.32 -8.31
C LEU D 262 18.68 -10.41 -8.89
N ASN D 263 19.82 -10.61 -8.23
CA ASN D 263 20.77 -11.70 -8.57
C ASN D 263 20.09 -13.08 -8.76
N LEU D 264 19.20 -13.45 -7.85
CA LEU D 264 18.52 -14.73 -7.98
C LEU D 264 17.66 -14.79 -9.21
N ARG D 265 16.86 -13.74 -9.42
CA ARG D 265 16.01 -13.66 -10.60
C ARG D 265 16.84 -13.65 -11.90
N MET D 266 17.85 -12.79 -11.96
CA MET D 266 18.67 -12.73 -13.16
C MET D 266 19.32 -14.10 -13.45
N ASP D 267 19.85 -14.77 -12.43
CA ASP D 267 20.41 -16.09 -12.68
C ASP D 267 19.44 -16.98 -13.38
N ARG D 268 18.19 -16.96 -12.92
CA ARG D 268 17.14 -17.81 -13.49
C ARG D 268 16.68 -17.36 -14.87
N HIS D 269 16.44 -16.06 -15.06
CA HIS D 269 16.15 -15.51 -16.37
C HIS D 269 17.20 -16.01 -17.39
N CYS D 270 18.47 -15.76 -17.07
CA CYS D 270 19.61 -16.11 -17.92
C CYS D 270 19.68 -17.60 -18.17
N ALA D 271 19.58 -18.39 -17.10
CA ALA D 271 19.51 -19.84 -17.26
C ALA D 271 18.35 -20.25 -18.18
N ASN D 272 17.14 -19.74 -17.91
CA ASN D 272 15.98 -20.08 -18.73
C ASN D 272 16.09 -19.62 -20.19
N ALA D 273 16.51 -18.37 -20.43
CA ALA D 273 16.64 -17.90 -21.82
C ALA D 273 17.67 -18.76 -22.59
N GLN D 274 18.77 -19.12 -21.92
CA GLN D 274 19.84 -19.90 -22.49
C GLN D 274 19.31 -21.17 -23.16
N VAL D 275 18.72 -22.08 -22.39
CA VAL D 275 18.16 -23.29 -22.99
C VAL D 275 17.15 -22.97 -24.11
N LEU D 276 16.20 -22.07 -23.85
CA LEU D 276 15.27 -21.69 -24.90
C LEU D 276 16.00 -21.24 -26.17
N ALA D 277 17.12 -20.58 -26.00
CA ALA D 277 17.87 -20.12 -27.18
C ALA D 277 18.54 -21.32 -27.89
N GLU D 278 19.29 -22.14 -27.15
CA GLU D 278 19.84 -23.35 -27.69
C GLU D 278 18.78 -24.26 -28.32
N PHE D 279 17.58 -24.33 -27.73
CA PHE D 279 16.48 -25.11 -28.35
C PHE D 279 16.03 -24.54 -29.69
N LEU D 280 15.91 -23.23 -29.73
CA LEU D 280 15.45 -22.51 -30.90
C LEU D 280 16.42 -22.60 -32.07
N ALA D 281 17.71 -22.64 -31.77
CA ALA D 281 18.74 -22.81 -32.80
C ALA D 281 18.55 -24.13 -33.57
N ARG D 282 18.43 -25.24 -32.84
CA ARG D 282 18.12 -26.55 -33.42
C ARG D 282 16.74 -26.64 -34.13
N GLN D 283 16.15 -25.53 -34.58
CA GLN D 283 14.77 -25.60 -35.09
C GLN D 283 14.56 -25.16 -36.54
N PRO D 284 13.96 -26.06 -37.37
CA PRO D 284 13.48 -25.88 -38.73
C PRO D 284 12.71 -24.59 -39.03
N GLN D 285 11.80 -24.18 -38.13
CA GLN D 285 10.92 -23.03 -38.40
C GLN D 285 11.63 -21.65 -38.32
N VAL D 286 12.80 -21.63 -37.69
CA VAL D 286 13.54 -20.42 -37.35
C VAL D 286 14.56 -19.98 -38.42
N GLU D 287 14.38 -18.79 -38.97
CA GLU D 287 15.36 -18.20 -39.88
C GLU D 287 16.63 -17.85 -39.11
N LEU D 288 16.54 -16.80 -38.28
CA LEU D 288 17.68 -16.23 -37.58
C LEU D 288 17.37 -16.14 -36.07
N ILE D 289 18.39 -16.16 -35.20
CA ILE D 289 18.21 -15.93 -33.76
C ILE D 289 19.15 -14.85 -33.26
N HIS D 290 18.73 -14.09 -32.25
CA HIS D 290 19.64 -13.13 -31.60
C HIS D 290 19.70 -13.34 -30.11
N TYR D 291 20.54 -14.26 -29.66
CA TYR D 291 20.80 -14.37 -28.26
C TYR D 291 22.28 -14.17 -28.08
N PRO D 292 22.66 -13.25 -27.16
CA PRO D 292 24.08 -12.91 -27.00
C PRO D 292 24.90 -14.06 -26.44
N GLY D 293 24.26 -15.19 -26.17
CA GLY D 293 24.92 -16.35 -25.56
C GLY D 293 25.00 -17.57 -26.47
N LEU D 294 24.60 -17.37 -27.73
CA LEU D 294 24.96 -18.30 -28.80
C LEU D 294 26.33 -17.90 -29.37
N ALA D 295 27.21 -18.89 -29.54
CA ALA D 295 28.54 -18.65 -30.13
C ALA D 295 28.46 -17.94 -31.48
N SER D 296 27.33 -18.13 -32.16
CA SER D 296 27.13 -17.55 -33.47
C SER D 296 26.60 -16.10 -33.44
N PHE D 297 26.48 -15.53 -32.23
CA PHE D 297 26.10 -14.11 -32.09
C PHE D 297 27.26 -13.23 -32.59
N PRO D 298 26.99 -12.34 -33.57
CA PRO D 298 28.02 -11.54 -34.25
C PRO D 298 28.95 -10.78 -33.32
N GLN D 299 28.45 -10.39 -32.15
CA GLN D 299 29.31 -9.68 -31.20
C GLN D 299 29.49 -10.44 -29.88
N TYR D 300 29.52 -11.76 -29.98
CA TYR D 300 29.66 -12.61 -28.81
C TYR D 300 30.83 -12.18 -27.90
N THR D 301 31.86 -11.63 -28.52
CA THR D 301 33.12 -11.30 -27.84
C THR D 301 33.01 -10.05 -26.97
N LEU D 302 32.41 -9.01 -27.54
CA LEU D 302 32.20 -7.78 -26.82
C LEU D 302 31.17 -8.01 -25.71
N ALA D 303 30.20 -8.87 -26.00
CA ALA D 303 29.11 -9.14 -25.09
C ALA D 303 29.64 -9.71 -23.79
N ARG D 304 30.59 -10.64 -23.91
CA ARG D 304 31.27 -11.23 -22.77
C ARG D 304 32.19 -10.24 -22.07
N GLN D 305 32.69 -9.23 -22.78
CA GLN D 305 33.50 -8.21 -22.14
C GLN D 305 32.68 -7.25 -21.26
N GLN D 306 31.44 -6.96 -21.66
CA GLN D 306 30.58 -6.02 -20.93
C GLN D 306 29.54 -6.66 -19.97
N MET D 307 28.96 -7.79 -20.41
CA MET D 307 27.92 -8.49 -19.68
C MET D 307 28.47 -9.74 -19.06
N SER D 308 28.19 -9.96 -17.78
CA SER D 308 28.68 -11.16 -17.12
C SER D 308 27.75 -12.35 -17.41
N GLN D 309 26.49 -12.08 -17.73
CA GLN D 309 25.65 -13.12 -18.29
C GLN D 309 24.92 -12.65 -19.56
N PRO D 310 24.37 -13.60 -20.33
CA PRO D 310 23.81 -13.21 -21.63
C PRO D 310 22.35 -12.69 -21.65
N GLY D 311 21.69 -12.59 -20.49
CA GLY D 311 20.39 -11.89 -20.42
C GLY D 311 19.14 -12.73 -20.55
N GLY D 312 18.01 -12.14 -20.14
CA GLY D 312 16.73 -12.83 -20.11
C GLY D 312 15.96 -12.73 -21.42
N MET D 313 16.48 -12.00 -22.42
CA MET D 313 15.74 -11.71 -23.70
C MET D 313 16.18 -12.41 -25.00
N ILE D 314 15.23 -13.07 -25.69
CA ILE D 314 15.51 -13.64 -27.01
C ILE D 314 14.81 -12.88 -28.15
N ALA D 315 15.52 -12.68 -29.26
CA ALA D 315 14.94 -12.26 -30.55
C ALA D 315 15.13 -13.34 -31.60
N PHE D 316 14.04 -13.70 -32.28
CA PHE D 316 14.18 -14.59 -33.42
C PHE D 316 13.16 -14.27 -34.47
N GLU D 317 13.36 -14.84 -35.65
CA GLU D 317 12.49 -14.65 -36.81
C GLU D 317 11.97 -15.98 -37.28
N LEU D 318 10.77 -15.98 -37.84
CA LEU D 318 10.16 -17.22 -38.32
C LEU D 318 10.17 -17.26 -39.84
N LYS D 319 10.72 -18.35 -40.38
CA LYS D 319 10.75 -18.52 -41.83
C LYS D 319 9.31 -18.66 -42.33
N GLY D 320 8.60 -17.53 -42.36
CA GLY D 320 7.17 -17.56 -42.64
C GLY D 320 6.59 -16.16 -42.68
N GLY D 321 7.39 -15.19 -42.21
CA GLY D 321 6.99 -13.77 -42.22
C GLY D 321 5.73 -13.48 -41.40
N ILE D 322 5.10 -12.34 -41.65
CA ILE D 322 4.00 -11.86 -40.81
C ILE D 322 3.10 -12.98 -40.30
N GLY D 323 2.44 -13.65 -41.23
CA GLY D 323 1.34 -14.56 -40.90
C GLY D 323 1.70 -15.64 -39.91
N ALA D 324 2.98 -16.06 -39.94
CA ALA D 324 3.52 -17.13 -39.11
C ALA D 324 3.69 -16.66 -37.65
N GLY D 325 4.11 -15.41 -37.50
CA GLY D 325 4.12 -14.71 -36.22
C GLY D 325 2.72 -14.73 -35.58
N ARG D 326 1.71 -14.32 -36.34
CA ARG D 326 0.32 -14.37 -35.88
C ARG D 326 -0.06 -15.74 -35.31
N ARG D 327 0.28 -16.80 -36.04
CA ARG D 327 -0.12 -18.17 -35.65
C ARG D 327 0.65 -18.62 -34.39
N PHE D 328 1.86 -18.11 -34.25
CA PHE D 328 2.72 -18.42 -33.12
C PHE D 328 2.27 -17.65 -31.87
N MET D 329 2.03 -16.36 -32.01
CA MET D 329 1.62 -15.58 -30.86
C MET D 329 0.27 -16.02 -30.33
N ASN D 330 -0.66 -16.31 -31.22
CA ASN D 330 -2.00 -16.70 -30.82
C ASN D 330 -2.03 -18.08 -30.24
N ALA D 331 -0.97 -18.86 -30.49
CA ALA D 331 -0.91 -20.24 -30.00
C ALA D 331 -0.46 -20.39 -28.54
N LEU D 332 0.40 -19.47 -28.12
CA LEU D 332 1.01 -19.47 -26.79
C LEU D 332 0.01 -19.52 -25.66
N GLN D 333 0.19 -20.47 -24.77
CA GLN D 333 -0.74 -20.66 -23.68
C GLN D 333 -0.08 -20.30 -22.35
N LEU D 334 1.25 -20.36 -22.28
CA LEU D 334 1.95 -20.01 -21.06
C LEU D 334 2.53 -18.58 -21.11
N PHE D 335 3.34 -18.32 -22.13
CA PHE D 335 3.76 -16.96 -22.47
C PHE D 335 2.54 -16.08 -22.65
N SER D 336 2.66 -14.80 -22.34
CA SER D 336 1.53 -13.89 -22.53
C SER D 336 1.82 -12.91 -23.65
N ARG D 337 0.80 -12.49 -24.41
CA ARG D 337 1.01 -11.49 -25.45
C ARG D 337 1.03 -10.11 -24.83
N ALA D 338 2.20 -9.52 -24.74
CA ALA D 338 2.34 -8.25 -24.05
C ALA D 338 3.59 -7.48 -24.48
N VAL D 339 3.52 -6.16 -24.40
CA VAL D 339 4.72 -5.36 -24.42
C VAL D 339 5.31 -5.47 -23.02
N SER D 340 6.59 -5.15 -22.85
CA SER D 340 7.27 -5.16 -21.54
C SER D 340 8.20 -6.35 -21.41
N LEU D 341 8.99 -6.35 -20.36
CA LEU D 341 9.91 -7.44 -20.08
C LEU D 341 10.29 -7.42 -18.61
N GLY D 342 11.09 -8.40 -18.25
CA GLY D 342 11.70 -8.47 -16.94
C GLY D 342 10.74 -8.72 -15.83
N ASP D 343 9.63 -9.38 -16.15
CA ASP D 343 8.65 -9.81 -15.15
C ASP D 343 8.88 -11.28 -14.79
N ALA D 344 8.27 -11.74 -13.70
CA ALA D 344 8.39 -13.13 -13.26
C ALA D 344 7.70 -14.02 -14.26
N GLU D 345 6.62 -13.51 -14.86
CA GLU D 345 5.94 -14.22 -15.94
C GLU D 345 6.53 -13.95 -17.32
N SER D 346 6.54 -15.00 -18.15
CA SER D 346 7.13 -14.91 -19.48
C SER D 346 6.28 -14.09 -20.40
N LEU D 347 6.92 -13.13 -21.07
CA LEU D 347 6.24 -12.23 -21.98
C LEU D 347 6.66 -12.43 -23.43
N ALA D 348 5.67 -12.53 -24.33
CA ALA D 348 5.96 -12.64 -25.77
C ALA D 348 5.33 -11.54 -26.58
N GLN D 349 6.10 -11.01 -27.52
CA GLN D 349 5.58 -10.05 -28.45
C GLN D 349 6.12 -10.22 -29.86
N HIS D 350 5.30 -9.84 -30.83
CA HIS D 350 5.62 -9.89 -32.26
C HIS D 350 5.24 -8.54 -32.90
N PRO D 351 6.18 -7.59 -33.03
CA PRO D 351 5.83 -6.21 -33.38
C PRO D 351 5.19 -6.00 -34.76
N ALA D 352 5.42 -6.92 -35.68
CA ALA D 352 4.83 -6.84 -36.99
C ALA D 352 3.32 -6.68 -36.87
N SER D 353 2.71 -7.53 -36.05
CA SER D 353 1.25 -7.60 -35.91
C SER D 353 0.73 -7.08 -34.57
N MET D 354 1.60 -6.38 -33.83
CA MET D 354 1.24 -5.84 -32.52
C MET D 354 1.52 -4.34 -32.45
N THR D 355 2.71 -3.96 -31.97
CA THR D 355 3.06 -2.55 -31.76
C THR D 355 3.13 -1.72 -33.05
N HIS D 356 3.82 -2.25 -34.06
CA HIS D 356 4.00 -1.54 -35.32
C HIS D 356 3.05 -2.12 -36.38
N SER D 357 1.77 -1.90 -36.16
CA SER D 357 0.71 -2.51 -36.95
C SER D 357 -0.15 -1.47 -37.67
N SER D 358 0.38 -0.25 -37.77
CA SER D 358 -0.19 0.80 -38.63
C SER D 358 0.56 0.82 -39.96
N TYR D 359 1.72 0.15 -39.97
CA TYR D 359 2.72 0.24 -41.03
C TYR D 359 2.55 -0.87 -42.10
N THR D 360 3.55 -1.01 -42.98
CA THR D 360 3.62 -2.11 -43.97
C THR D 360 5.09 -2.50 -44.17
N PRO D 361 5.35 -3.72 -44.71
CA PRO D 361 6.70 -4.27 -44.97
C PRO D 361 7.87 -3.28 -45.17
N GLU D 362 7.68 -2.27 -46.02
CA GLU D 362 8.74 -1.31 -46.42
C GLU D 362 9.37 -0.52 -45.25
N GLU D 363 8.60 0.38 -44.64
CA GLU D 363 9.09 1.24 -43.53
C GLU D 363 9.49 0.40 -42.31
N ARG D 364 8.77 -0.68 -42.07
CA ARG D 364 9.10 -1.61 -41.00
C ARG D 364 10.59 -1.98 -41.06
N ALA D 365 11.17 -1.89 -42.25
CA ALA D 365 12.59 -2.15 -42.43
C ALA D 365 13.49 -0.94 -42.10
N HIS D 366 13.00 0.28 -42.34
CA HIS D 366 13.72 1.52 -41.98
C HIS D 366 13.87 1.64 -40.45
N TYR D 367 13.19 0.76 -39.71
CA TYR D 367 13.22 0.71 -38.24
C TYR D 367 13.98 -0.51 -37.68
N GLY D 368 14.37 -1.42 -38.57
CA GLY D 368 15.10 -2.63 -38.19
C GLY D 368 14.20 -3.85 -38.10
N ILE D 369 12.90 -3.59 -38.10
CA ILE D 369 11.88 -4.57 -37.73
C ILE D 369 11.46 -5.53 -38.85
N SER D 370 11.95 -6.77 -38.77
CA SER D 370 11.76 -7.77 -39.82
C SER D 370 10.49 -8.62 -39.61
N GLU D 371 9.60 -8.62 -40.60
CA GLU D 371 8.26 -9.23 -40.52
C GLU D 371 8.17 -10.47 -39.64
N GLY D 372 9.25 -11.24 -39.58
CA GLY D 372 9.20 -12.50 -38.89
C GLY D 372 9.59 -12.45 -37.43
N LEU D 373 9.88 -11.25 -36.92
CA LEU D 373 10.52 -11.14 -35.61
C LEU D 373 9.56 -11.23 -34.43
N VAL D 374 9.91 -12.11 -33.49
CA VAL D 374 9.22 -12.16 -32.22
C VAL D 374 10.26 -11.96 -31.15
N ARG D 375 9.95 -11.14 -30.16
CA ARG D 375 10.84 -11.03 -29.02
C ARG D 375 10.27 -11.85 -27.84
N LEU D 376 11.12 -12.53 -27.09
CA LEU D 376 10.64 -13.21 -25.89
C LEU D 376 11.36 -12.60 -24.71
N SER D 377 10.62 -12.31 -23.66
CA SER D 377 11.20 -11.99 -22.36
C SER D 377 11.01 -13.22 -21.49
N VAL D 378 12.10 -13.98 -21.28
CA VAL D 378 11.99 -15.29 -20.66
C VAL D 378 11.83 -15.14 -19.15
N GLY D 379 10.72 -15.68 -18.68
CA GLY D 379 10.30 -15.51 -17.30
C GLY D 379 11.02 -16.47 -16.38
N LEU D 380 10.35 -16.79 -15.29
CA LEU D 380 10.96 -17.54 -14.24
C LEU D 380 10.27 -18.88 -14.06
N GLU D 381 9.35 -19.23 -14.96
CA GLU D 381 8.68 -20.52 -14.87
C GLU D 381 9.66 -21.64 -15.20
N ASP D 382 9.34 -22.85 -14.77
CA ASP D 382 10.00 -24.09 -15.16
C ASP D 382 10.24 -24.10 -16.65
N ILE D 383 11.45 -24.45 -17.07
CA ILE D 383 11.74 -24.49 -18.50
C ILE D 383 10.98 -25.58 -19.23
N ASP D 384 10.71 -26.68 -18.55
CA ASP D 384 9.98 -27.74 -19.22
C ASP D 384 8.60 -27.29 -19.67
N ASP D 385 8.01 -26.35 -18.93
CA ASP D 385 6.68 -25.84 -19.27
C ASP D 385 6.84 -24.83 -20.37
N LEU D 386 7.87 -24.00 -20.26
CA LEU D 386 8.21 -22.98 -21.27
C LEU D 386 8.61 -23.58 -22.60
N LEU D 387 9.49 -24.59 -22.58
CA LEU D 387 9.78 -25.41 -23.76
C LEU D 387 8.51 -25.99 -24.42
N ALA D 388 7.72 -26.72 -23.65
CA ALA D 388 6.49 -27.26 -24.18
C ALA D 388 5.67 -26.13 -24.79
N ASP D 389 5.43 -25.04 -24.05
CA ASP D 389 4.70 -23.91 -24.64
C ASP D 389 5.26 -23.50 -26.00
N VAL D 390 6.57 -23.26 -26.10
CA VAL D 390 7.10 -22.79 -27.40
C VAL D 390 7.09 -23.90 -28.46
N GLN D 391 7.48 -25.12 -28.06
CA GLN D 391 7.43 -26.26 -28.96
C GLN D 391 6.08 -26.33 -29.70
N GLN D 392 4.99 -26.43 -28.93
CA GLN D 392 3.65 -26.51 -29.52
C GLN D 392 3.24 -25.24 -30.27
N ALA D 393 3.85 -24.11 -29.91
CA ALA D 393 3.59 -22.85 -30.61
C ALA D 393 4.26 -22.78 -31.99
N LEU D 394 5.46 -23.34 -32.10
CA LEU D 394 6.13 -23.50 -33.40
C LEU D 394 5.37 -24.40 -34.37
N LYS D 395 4.87 -25.54 -33.89
CA LYS D 395 4.04 -26.41 -34.71
C LYS D 395 2.87 -25.64 -35.32
N ALA D 396 2.13 -24.92 -34.48
CA ALA D 396 0.96 -24.18 -34.91
C ALA D 396 1.26 -22.98 -35.82
N SER D 397 2.53 -22.58 -35.88
CA SER D 397 2.92 -21.45 -36.73
C SER D 397 3.11 -21.84 -38.21
N ALA D 398 3.29 -23.15 -38.46
CA ALA D 398 3.27 -23.68 -39.83
C ALA D 398 1.92 -23.32 -40.52
N HCS E . 9.97 -18.14 15.12
CA HCS E . 10.86 -17.14 15.68
CB HCS E . 10.16 -15.78 15.79
CG HCS E . 8.64 -15.70 15.67
SD HCS E . 8.02 -14.52 16.91
C HCS E . 11.35 -17.60 17.00
OXT HCS E . 11.49 -18.83 17.17
O HCS E . 11.60 -16.77 17.89
N HCS F . -22.39 -4.86 11.17
CA HCS F . -23.10 -4.99 9.92
CB HCS F . -22.17 -5.52 8.82
CG HCS F . -21.08 -6.49 9.26
SD HCS F . -21.26 -8.04 8.35
C HCS F . -24.29 -5.88 10.13
OXT HCS F . -24.99 -5.67 11.14
O HCS F . -24.55 -6.79 9.32
N HCS G . 2.69 25.51 -1.04
CA HCS G . 4.09 25.63 -1.37
CB HCS G . 4.33 24.64 -2.49
CG HCS G . 5.19 23.45 -2.09
SD HCS G . 6.87 23.72 -2.70
C HCS G . 4.40 27.04 -1.83
OXT HCS G . 5.49 27.58 -1.50
O HCS G . 3.54 27.63 -2.52
N HCS H . 10.40 -2.78 -23.68
CA HCS H . 9.22 -3.25 -24.40
CB HCS H . 7.94 -2.79 -23.73
CG HCS H . 8.10 -1.55 -22.84
SD HCS H . 6.54 -0.61 -22.77
C HCS H . 9.27 -2.72 -25.80
OXT HCS H . 10.27 -2.97 -26.51
O HCS H . 8.31 -2.03 -26.22
#